data_4LNP
# 
_entry.id   4LNP 
# 
_audit_conform.dict_name       mmcif_pdbx.dic 
_audit_conform.dict_version    5.388 
_audit_conform.dict_location   http://mmcif.pdb.org/dictionaries/ascii/mmcif_pdbx.dic 
# 
loop_
_database_2.database_id 
_database_2.database_code 
_database_2.pdbx_database_accession 
_database_2.pdbx_DOI 
PDB   4LNP         pdb_00004lnp 10.2210/pdb4lnp/pdb 
RCSB  RCSB080858   ?            ?                   
WWPDB D_1000080858 ?            ?                   
# 
loop_
_pdbx_audit_revision_history.ordinal 
_pdbx_audit_revision_history.data_content_type 
_pdbx_audit_revision_history.major_revision 
_pdbx_audit_revision_history.minor_revision 
_pdbx_audit_revision_history.revision_date 
1 'Structure model' 1 0 2014-05-28 
2 'Structure model' 1 1 2014-06-04 
3 'Structure model' 1 2 2014-12-10 
4 'Structure model' 1 3 2024-03-20 
# 
_pdbx_audit_revision_details.ordinal             1 
_pdbx_audit_revision_details.revision_ordinal    1 
_pdbx_audit_revision_details.data_content_type   'Structure model' 
_pdbx_audit_revision_details.provider            repository 
_pdbx_audit_revision_details.type                'Initial release' 
_pdbx_audit_revision_details.description         ? 
_pdbx_audit_revision_details.details             ? 
# 
loop_
_pdbx_audit_revision_group.ordinal 
_pdbx_audit_revision_group.revision_ordinal 
_pdbx_audit_revision_group.data_content_type 
_pdbx_audit_revision_group.group 
1 2 'Structure model' 'Derived calculations' 
2 3 'Structure model' 'Database references'  
3 4 'Structure model' 'Data collection'      
4 4 'Structure model' 'Database references'  
# 
loop_
_pdbx_audit_revision_category.ordinal 
_pdbx_audit_revision_category.revision_ordinal 
_pdbx_audit_revision_category.data_content_type 
_pdbx_audit_revision_category.category 
1 4 'Structure model' chem_comp_atom 
2 4 'Structure model' chem_comp_bond 
3 4 'Structure model' database_2     
# 
loop_
_pdbx_audit_revision_item.ordinal 
_pdbx_audit_revision_item.revision_ordinal 
_pdbx_audit_revision_item.data_content_type 
_pdbx_audit_revision_item.item 
1 4 'Structure model' '_database_2.pdbx_DOI'                
2 4 'Structure model' '_database_2.pdbx_database_accession' 
# 
_pdbx_database_status.status_code                     REL 
_pdbx_database_status.entry_id                        4LNP 
_pdbx_database_status.recvd_initial_deposition_date   2013-07-11 
_pdbx_database_status.deposit_site                    RCSB 
_pdbx_database_status.process_site                    PDBJ 
_pdbx_database_status.methods_development_category    ? 
_pdbx_database_status.status_code_sf                  REL 
_pdbx_database_status.status_code_mr                  ? 
_pdbx_database_status.SG_entry                        ? 
_pdbx_database_status.status_code_cs                  ? 
_pdbx_database_status.pdb_format_compatible           Y 
_pdbx_database_status.status_code_nmr_data            ? 
# 
loop_
_pdbx_database_related.db_name 
_pdbx_database_related.db_id 
_pdbx_database_related.details 
_pdbx_database_related.content_type 
PDB 4LN2 . unspecified 
PDB 2MOX . unspecified 
# 
loop_
_audit_author.name 
_audit_author.pdbx_ordinal 
'Zhao, D.'  1 
'Li, F.'    2 
'Wu, J.'    3 
'Shi, Y.'   4 
'Zhang, Z.' 5 
'Gong, Q.'  6 
# 
_citation.id                        primary 
_citation.title                     
'Structural investigation of the interaction between the tandem SH3 domains of c-Cbl-associated protein and vinculin' 
_citation.journal_abbrev            J.Struct.Biol. 
_citation.journal_volume            187 
_citation.page_first                194 
_citation.page_last                 205 
_citation.year                      2014 
_citation.journal_id_ASTM           JSBIEM 
_citation.country                   US 
_citation.journal_id_ISSN           1047-8477 
_citation.journal_id_CSD            0803 
_citation.book_publisher            ? 
_citation.pdbx_database_id_PubMed   24878663 
_citation.pdbx_database_id_DOI      10.1016/j.jsb.2014.05.009 
# 
loop_
_citation_author.citation_id 
_citation_author.name 
_citation_author.ordinal 
_citation_author.identifier_ORCID 
primary 'Zhao, D.'  1  ? 
primary 'Wang, X.'  2  ? 
primary 'Peng, J.'  3  ? 
primary 'Wang, C.'  4  ? 
primary 'Li, F.'    5  ? 
primary 'Sun, Q.'   6  ? 
primary 'Zhang, Y.' 7  ? 
primary 'Zhang, J.' 8  ? 
primary 'Cai, G.'   9  ? 
primary 'Zuo, X.'   10 ? 
primary 'Wu, J.'    11 ? 
primary 'Shi, Y.'   12 ? 
primary 'Zhang, Z.' 13 ? 
primary 'Gong, Q.'  14 ? 
# 
loop_
_entity.id 
_entity.type 
_entity.src_method 
_entity.pdbx_description 
_entity.formula_weight 
_entity.pdbx_number_of_molecules 
_entity.pdbx_ec 
_entity.pdbx_mutation 
_entity.pdbx_fragment 
_entity.details 
1 polymer man 'Sorbin and SH3 domain-containing protein 1' 7257.308 1  ? ? 'protein-protein binding domain, UNP residues 794-854' 
? 
2 polymer man Vinculin                                     1083.257 1  ? ? 'proline rich peptide, UNP residues 870-879'           
? 
3 water   nat water                                        18.015   83 ? ? ?                                                      
? 
# 
loop_
_entity_name_com.entity_id 
_entity_name_com.name 
1 'Ponsin, SH3 domain protein 5, SH3P12, c-Cbl-associated protein, CAP' 
2 'Metavinculin, MV'                                                    
# 
loop_
_entity_poly.entity_id 
_entity_poly.type 
_entity_poly.nstd_linkage 
_entity_poly.nstd_monomer 
_entity_poly.pdbx_seq_one_letter_code 
_entity_poly.pdbx_seq_one_letter_code_can 
_entity_poly.pdbx_strand_id 
_entity_poly.pdbx_target_identifier 
1 'polypeptide(L)' no no EMRPARAKFDFKAQTLKELPLQKGDIVYIYKQIDQNWYEGEHHGRVGIFPRTYIELLPPAE 
EMRPARAKFDFKAQTLKELPLQKGDIVYIYKQIDQNWYEGEHHGRVGIFPRTYIELLPPAE A ? 
2 'polypeptide(L)' no no VPPPRPPPPE                                                    VPPPRPPPPE B ? 
# 
_pdbx_entity_nonpoly.entity_id   3 
_pdbx_entity_nonpoly.name        water 
_pdbx_entity_nonpoly.comp_id     HOH 
# 
loop_
_entity_poly_seq.entity_id 
_entity_poly_seq.num 
_entity_poly_seq.mon_id 
_entity_poly_seq.hetero 
1 1  GLU n 
1 2  MET n 
1 3  ARG n 
1 4  PRO n 
1 5  ALA n 
1 6  ARG n 
1 7  ALA n 
1 8  LYS n 
1 9  PHE n 
1 10 ASP n 
1 11 PHE n 
1 12 LYS n 
1 13 ALA n 
1 14 GLN n 
1 15 THR n 
1 16 LEU n 
1 17 LYS n 
1 18 GLU n 
1 19 LEU n 
1 20 PRO n 
1 21 LEU n 
1 22 GLN n 
1 23 LYS n 
1 24 GLY n 
1 25 ASP n 
1 26 ILE n 
1 27 VAL n 
1 28 TYR n 
1 29 ILE n 
1 30 TYR n 
1 31 LYS n 
1 32 GLN n 
1 33 ILE n 
1 34 ASP n 
1 35 GLN n 
1 36 ASN n 
1 37 TRP n 
1 38 TYR n 
1 39 GLU n 
1 40 GLY n 
1 41 GLU n 
1 42 HIS n 
1 43 HIS n 
1 44 GLY n 
1 45 ARG n 
1 46 VAL n 
1 47 GLY n 
1 48 ILE n 
1 49 PHE n 
1 50 PRO n 
1 51 ARG n 
1 52 THR n 
1 53 TYR n 
1 54 ILE n 
1 55 GLU n 
1 56 LEU n 
1 57 LEU n 
1 58 PRO n 
1 59 PRO n 
1 60 ALA n 
1 61 GLU n 
2 1  VAL n 
2 2  PRO n 
2 3  PRO n 
2 4  PRO n 
2 5  ARG n 
2 6  PRO n 
2 7  PRO n 
2 8  PRO n 
2 9  PRO n 
2 10 GLU n 
# 
loop_
_entity_src_gen.entity_id 
_entity_src_gen.pdbx_src_id 
_entity_src_gen.pdbx_alt_source_flag 
_entity_src_gen.pdbx_seq_type 
_entity_src_gen.pdbx_beg_seq_num 
_entity_src_gen.pdbx_end_seq_num 
_entity_src_gen.gene_src_common_name 
_entity_src_gen.gene_src_genus 
_entity_src_gen.pdbx_gene_src_gene 
_entity_src_gen.gene_src_species 
_entity_src_gen.gene_src_strain 
_entity_src_gen.gene_src_tissue 
_entity_src_gen.gene_src_tissue_fraction 
_entity_src_gen.gene_src_details 
_entity_src_gen.pdbx_gene_src_fragment 
_entity_src_gen.pdbx_gene_src_scientific_name 
_entity_src_gen.pdbx_gene_src_ncbi_taxonomy_id 
_entity_src_gen.pdbx_gene_src_variant 
_entity_src_gen.pdbx_gene_src_cell_line 
_entity_src_gen.pdbx_gene_src_atcc 
_entity_src_gen.pdbx_gene_src_organ 
_entity_src_gen.pdbx_gene_src_organelle 
_entity_src_gen.pdbx_gene_src_cell 
_entity_src_gen.pdbx_gene_src_cellular_location 
_entity_src_gen.host_org_common_name 
_entity_src_gen.pdbx_host_org_scientific_name 
_entity_src_gen.pdbx_host_org_ncbi_taxonomy_id 
_entity_src_gen.host_org_genus 
_entity_src_gen.pdbx_host_org_gene 
_entity_src_gen.pdbx_host_org_organ 
_entity_src_gen.host_org_species 
_entity_src_gen.pdbx_host_org_tissue 
_entity_src_gen.pdbx_host_org_tissue_fraction 
_entity_src_gen.pdbx_host_org_strain 
_entity_src_gen.pdbx_host_org_variant 
_entity_src_gen.pdbx_host_org_cell_line 
_entity_src_gen.pdbx_host_org_atcc 
_entity_src_gen.pdbx_host_org_culture_collection 
_entity_src_gen.pdbx_host_org_cell 
_entity_src_gen.pdbx_host_org_organelle 
_entity_src_gen.pdbx_host_org_cellular_location 
_entity_src_gen.pdbx_host_org_vector_type 
_entity_src_gen.pdbx_host_org_vector 
_entity_src_gen.host_org_details 
_entity_src_gen.expression_system_id 
_entity_src_gen.plasmid_name 
_entity_src_gen.plasmid_details 
_entity_src_gen.pdbx_description 
1 1 sample ? ? ? human ? 'KIAA0894, KIAA1296, SH3D5, SORBS1' ? ? ? ? ? ? 'Homo sapiens' 9606 ? ? ? ? ? ? ? ? 'Escherichia coli' 
562 ? ? ? ? ? ? ? ? ? ? ? ? ? ? ? ? ? ? ? ? ? 
2 1 sample ? ? ? human ? VCL                                 ? ? ? ? ? ? 'Homo sapiens' 9606 ? ? ? ? ? ? ? ? 'Escherichia coli' 
562 ? ? ? ? ? ? ? ? ? ? ? ? ? ? ? ? ? ? ? ? ? 
# 
loop_
_chem_comp.id 
_chem_comp.type 
_chem_comp.mon_nstd_flag 
_chem_comp.name 
_chem_comp.pdbx_synonyms 
_chem_comp.formula 
_chem_comp.formula_weight 
ALA 'L-peptide linking' y ALANINE         ? 'C3 H7 N O2'     89.093  
ARG 'L-peptide linking' y ARGININE        ? 'C6 H15 N4 O2 1' 175.209 
ASN 'L-peptide linking' y ASPARAGINE      ? 'C4 H8 N2 O3'    132.118 
ASP 'L-peptide linking' y 'ASPARTIC ACID' ? 'C4 H7 N O4'     133.103 
GLN 'L-peptide linking' y GLUTAMINE       ? 'C5 H10 N2 O3'   146.144 
GLU 'L-peptide linking' y 'GLUTAMIC ACID' ? 'C5 H9 N O4'     147.129 
GLY 'peptide linking'   y GLYCINE         ? 'C2 H5 N O2'     75.067  
HIS 'L-peptide linking' y HISTIDINE       ? 'C6 H10 N3 O2 1' 156.162 
HOH non-polymer         . WATER           ? 'H2 O'           18.015  
ILE 'L-peptide linking' y ISOLEUCINE      ? 'C6 H13 N O2'    131.173 
LEU 'L-peptide linking' y LEUCINE         ? 'C6 H13 N O2'    131.173 
LYS 'L-peptide linking' y LYSINE          ? 'C6 H15 N2 O2 1' 147.195 
MET 'L-peptide linking' y METHIONINE      ? 'C5 H11 N O2 S'  149.211 
PHE 'L-peptide linking' y PHENYLALANINE   ? 'C9 H11 N O2'    165.189 
PRO 'L-peptide linking' y PROLINE         ? 'C5 H9 N O2'     115.130 
THR 'L-peptide linking' y THREONINE       ? 'C4 H9 N O3'     119.119 
TRP 'L-peptide linking' y TRYPTOPHAN      ? 'C11 H12 N2 O2'  204.225 
TYR 'L-peptide linking' y TYROSINE        ? 'C9 H11 N O3'    181.189 
VAL 'L-peptide linking' y VALINE          ? 'C5 H11 N O2'    117.146 
# 
loop_
_pdbx_poly_seq_scheme.asym_id 
_pdbx_poly_seq_scheme.entity_id 
_pdbx_poly_seq_scheme.seq_id 
_pdbx_poly_seq_scheme.mon_id 
_pdbx_poly_seq_scheme.ndb_seq_num 
_pdbx_poly_seq_scheme.pdb_seq_num 
_pdbx_poly_seq_scheme.auth_seq_num 
_pdbx_poly_seq_scheme.pdb_mon_id 
_pdbx_poly_seq_scheme.auth_mon_id 
_pdbx_poly_seq_scheme.pdb_strand_id 
_pdbx_poly_seq_scheme.pdb_ins_code 
_pdbx_poly_seq_scheme.hetero 
A 1 1  GLU 1  794 794 GLU GLU A . n 
A 1 2  MET 2  795 795 MET MET A . n 
A 1 3  ARG 3  796 796 ARG ARG A . n 
A 1 4  PRO 4  797 797 PRO PRO A . n 
A 1 5  ALA 5  798 798 ALA ALA A . n 
A 1 6  ARG 6  799 799 ARG ARG A . n 
A 1 7  ALA 7  800 800 ALA ALA A . n 
A 1 8  LYS 8  801 801 LYS LYS A . n 
A 1 9  PHE 9  802 802 PHE PHE A . n 
A 1 10 ASP 10 803 803 ASP ASP A . n 
A 1 11 PHE 11 804 804 PHE PHE A . n 
A 1 12 LYS 12 805 805 LYS LYS A . n 
A 1 13 ALA 13 806 806 ALA ALA A . n 
A 1 14 GLN 14 807 807 GLN GLN A . n 
A 1 15 THR 15 808 808 THR THR A . n 
A 1 16 LEU 16 809 809 LEU LEU A . n 
A 1 17 LYS 17 810 810 LYS LYS A . n 
A 1 18 GLU 18 811 811 GLU GLU A . n 
A 1 19 LEU 19 812 812 LEU LEU A . n 
A 1 20 PRO 20 813 813 PRO PRO A . n 
A 1 21 LEU 21 814 814 LEU LEU A . n 
A 1 22 GLN 22 815 815 GLN GLN A . n 
A 1 23 LYS 23 816 816 LYS LYS A . n 
A 1 24 GLY 24 817 817 GLY GLY A . n 
A 1 25 ASP 25 818 818 ASP ASP A . n 
A 1 26 ILE 26 819 819 ILE ILE A . n 
A 1 27 VAL 27 820 820 VAL VAL A . n 
A 1 28 TYR 28 821 821 TYR TYR A . n 
A 1 29 ILE 29 822 822 ILE ILE A . n 
A 1 30 TYR 30 823 823 TYR TYR A . n 
A 1 31 LYS 31 824 824 LYS LYS A . n 
A 1 32 GLN 32 825 825 GLN GLN A . n 
A 1 33 ILE 33 826 826 ILE ILE A . n 
A 1 34 ASP 34 827 827 ASP ASP A . n 
A 1 35 GLN 35 828 828 GLN GLN A . n 
A 1 36 ASN 36 829 829 ASN ASN A . n 
A 1 37 TRP 37 830 830 TRP TRP A . n 
A 1 38 TYR 38 831 831 TYR TYR A . n 
A 1 39 GLU 39 832 832 GLU GLU A . n 
A 1 40 GLY 40 833 833 GLY GLY A . n 
A 1 41 GLU 41 834 834 GLU GLU A . n 
A 1 42 HIS 42 835 835 HIS HIS A . n 
A 1 43 HIS 43 836 836 HIS HIS A . n 
A 1 44 GLY 44 837 837 GLY GLY A . n 
A 1 45 ARG 45 838 838 ARG ARG A . n 
A 1 46 VAL 46 839 839 VAL VAL A . n 
A 1 47 GLY 47 840 840 GLY GLY A . n 
A 1 48 ILE 48 841 841 ILE ILE A . n 
A 1 49 PHE 49 842 842 PHE PHE A . n 
A 1 50 PRO 50 843 843 PRO PRO A . n 
A 1 51 ARG 51 844 844 ARG ARG A . n 
A 1 52 THR 52 845 845 THR THR A . n 
A 1 53 TYR 53 846 846 TYR TYR A . n 
A 1 54 ILE 54 847 847 ILE ILE A . n 
A 1 55 GLU 55 848 848 GLU GLU A . n 
A 1 56 LEU 56 849 849 LEU LEU A . n 
A 1 57 LEU 57 850 850 LEU LEU A . n 
A 1 58 PRO 58 851 851 PRO PRO A . n 
A 1 59 PRO 59 852 852 PRO PRO A . n 
A 1 60 ALA 60 853 853 ALA ALA A . n 
A 1 61 GLU 61 854 854 GLU GLU A . n 
B 2 1  VAL 1  870 870 VAL VAL B . n 
B 2 2  PRO 2  871 871 PRO PRO B . n 
B 2 3  PRO 3  872 872 PRO PRO B . n 
B 2 4  PRO 4  873 873 PRO PRO B . n 
B 2 5  ARG 5  874 874 ARG ARG B . n 
B 2 6  PRO 6  875 875 PRO PRO B . n 
B 2 7  PRO 7  876 876 PRO PRO B . n 
B 2 8  PRO 8  877 877 PRO PRO B . n 
B 2 9  PRO 9  878 878 PRO PRO B . n 
B 2 10 GLU 10 879 879 GLU GLU B . n 
# 
loop_
_pdbx_nonpoly_scheme.asym_id 
_pdbx_nonpoly_scheme.entity_id 
_pdbx_nonpoly_scheme.mon_id 
_pdbx_nonpoly_scheme.ndb_seq_num 
_pdbx_nonpoly_scheme.pdb_seq_num 
_pdbx_nonpoly_scheme.auth_seq_num 
_pdbx_nonpoly_scheme.pdb_mon_id 
_pdbx_nonpoly_scheme.auth_mon_id 
_pdbx_nonpoly_scheme.pdb_strand_id 
_pdbx_nonpoly_scheme.pdb_ins_code 
C 3 HOH 1  901 1  HOH HOH A . 
C 3 HOH 2  902 2  HOH HOH A . 
C 3 HOH 3  903 3  HOH HOH A . 
C 3 HOH 4  904 4  HOH HOH A . 
C 3 HOH 5  905 6  HOH HOH A . 
C 3 HOH 6  906 7  HOH HOH A . 
C 3 HOH 7  907 8  HOH HOH A . 
C 3 HOH 8  908 10 HOH HOH A . 
C 3 HOH 9  909 11 HOH HOH A . 
C 3 HOH 10 910 12 HOH HOH A . 
C 3 HOH 11 911 13 HOH HOH A . 
C 3 HOH 12 912 14 HOH HOH A . 
C 3 HOH 13 913 16 HOH HOH A . 
C 3 HOH 14 914 17 HOH HOH A . 
C 3 HOH 15 915 18 HOH HOH A . 
C 3 HOH 16 916 19 HOH HOH A . 
C 3 HOH 17 917 20 HOH HOH A . 
C 3 HOH 18 918 21 HOH HOH A . 
C 3 HOH 19 919 23 HOH HOH A . 
C 3 HOH 20 920 25 HOH HOH A . 
C 3 HOH 21 921 27 HOH HOH A . 
C 3 HOH 22 922 28 HOH HOH A . 
C 3 HOH 23 923 29 HOH HOH A . 
C 3 HOH 24 924 30 HOH HOH A . 
C 3 HOH 25 925 31 HOH HOH A . 
C 3 HOH 26 926 33 HOH HOH A . 
C 3 HOH 27 927 34 HOH HOH A . 
C 3 HOH 28 928 35 HOH HOH A . 
C 3 HOH 29 929 36 HOH HOH A . 
C 3 HOH 30 930 37 HOH HOH A . 
C 3 HOH 31 931 38 HOH HOH A . 
C 3 HOH 32 932 39 HOH HOH A . 
C 3 HOH 33 933 41 HOH HOH A . 
C 3 HOH 34 934 42 HOH HOH A . 
C 3 HOH 35 935 43 HOH HOH A . 
C 3 HOH 36 936 44 HOH HOH A . 
C 3 HOH 37 937 45 HOH HOH A . 
C 3 HOH 38 938 46 HOH HOH A . 
C 3 HOH 39 939 47 HOH HOH A . 
C 3 HOH 40 940 48 HOH HOH A . 
C 3 HOH 41 941 49 HOH HOH A . 
C 3 HOH 42 942 50 HOH HOH A . 
C 3 HOH 43 943 51 HOH HOH A . 
C 3 HOH 44 944 52 HOH HOH A . 
C 3 HOH 45 945 53 HOH HOH A . 
C 3 HOH 46 946 55 HOH HOH A . 
C 3 HOH 47 947 56 HOH HOH A . 
C 3 HOH 48 948 57 HOH HOH A . 
C 3 HOH 49 949 58 HOH HOH A . 
C 3 HOH 50 950 59 HOH HOH A . 
C 3 HOH 51 951 60 HOH HOH A . 
C 3 HOH 52 952 61 HOH HOH A . 
C 3 HOH 53 953 62 HOH HOH A . 
C 3 HOH 54 954 63 HOH HOH A . 
C 3 HOH 55 955 64 HOH HOH A . 
C 3 HOH 56 956 65 HOH HOH A . 
C 3 HOH 57 957 66 HOH HOH A . 
C 3 HOH 58 958 67 HOH HOH A . 
C 3 HOH 59 959 68 HOH HOH A . 
C 3 HOH 60 960 69 HOH HOH A . 
C 3 HOH 61 961 70 HOH HOH A . 
C 3 HOH 62 962 71 HOH HOH A . 
C 3 HOH 63 963 72 HOH HOH A . 
C 3 HOH 64 964 73 HOH HOH A . 
C 3 HOH 65 965 74 HOH HOH A . 
C 3 HOH 66 966 75 HOH HOH A . 
C 3 HOH 67 967 76 HOH HOH A . 
C 3 HOH 68 968 78 HOH HOH A . 
C 3 HOH 69 969 79 HOH HOH A . 
C 3 HOH 70 970 80 HOH HOH A . 
C 3 HOH 71 971 81 HOH HOH A . 
C 3 HOH 72 972 82 HOH HOH A . 
C 3 HOH 73 973 83 HOH HOH A . 
D 3 HOH 1  901 5  HOH HOH B . 
D 3 HOH 2  902 9  HOH HOH B . 
D 3 HOH 3  903 15 HOH HOH B . 
D 3 HOH 4  904 22 HOH HOH B . 
D 3 HOH 5  905 24 HOH HOH B . 
D 3 HOH 6  906 26 HOH HOH B . 
D 3 HOH 7  907 32 HOH HOH B . 
D 3 HOH 8  908 40 HOH HOH B . 
D 3 HOH 9  909 54 HOH HOH B . 
D 3 HOH 10 910 77 HOH HOH B . 
# 
loop_
_pdbx_unobs_or_zero_occ_atoms.id 
_pdbx_unobs_or_zero_occ_atoms.PDB_model_num 
_pdbx_unobs_or_zero_occ_atoms.polymer_flag 
_pdbx_unobs_or_zero_occ_atoms.occupancy_flag 
_pdbx_unobs_or_zero_occ_atoms.auth_asym_id 
_pdbx_unobs_or_zero_occ_atoms.auth_comp_id 
_pdbx_unobs_or_zero_occ_atoms.auth_seq_id 
_pdbx_unobs_or_zero_occ_atoms.PDB_ins_code 
_pdbx_unobs_or_zero_occ_atoms.auth_atom_id 
_pdbx_unobs_or_zero_occ_atoms.label_alt_id 
_pdbx_unobs_or_zero_occ_atoms.label_asym_id 
_pdbx_unobs_or_zero_occ_atoms.label_comp_id 
_pdbx_unobs_or_zero_occ_atoms.label_seq_id 
_pdbx_unobs_or_zero_occ_atoms.label_atom_id 
1 1 Y 1 B VAL 870 ? CG1 ? B VAL 1 CG1 
2 1 Y 1 B VAL 870 ? CG2 ? B VAL 1 CG2 
# 
loop_
_software.name 
_software.classification 
_software.version 
_software.citation_id 
_software.pdbx_ordinal 
ADSC   'data collection' Quantum  ? 1 
REFMAC refinement        5.7.0032 ? 2 
MOSFLM 'data reduction'  .        ? 3 
SCALA  'data scaling'    .        ? 4 
# 
_cell.entry_id           4LNP 
_cell.length_a           24.480 
_cell.length_b           49.850 
_cell.length_c           58.940 
_cell.angle_alpha        90.00 
_cell.angle_beta         90.00 
_cell.angle_gamma        90.00 
_cell.Z_PDB              4 
_cell.pdbx_unique_axis   ? 
_cell.length_a_esd       ? 
_cell.length_b_esd       ? 
_cell.length_c_esd       ? 
_cell.angle_alpha_esd    ? 
_cell.angle_beta_esd     ? 
_cell.angle_gamma_esd    ? 
# 
_symmetry.entry_id                         4LNP 
_symmetry.space_group_name_H-M             'P 21 21 21' 
_symmetry.pdbx_full_space_group_name_H-M   ? 
_symmetry.cell_setting                     ? 
_symmetry.Int_Tables_number                19 
_symmetry.space_group_name_Hall            ? 
# 
_exptl.entry_id          4LNP 
_exptl.method            'X-RAY DIFFRACTION' 
_exptl.crystals_number   1 
# 
_exptl_crystal.id                    1 
_exptl_crystal.density_meas          ? 
_exptl_crystal.density_Matthews      2.16 
_exptl_crystal.density_percent_sol   42.95 
_exptl_crystal.description           ? 
_exptl_crystal.F_000                 ? 
_exptl_crystal.preparation           ? 
# 
_exptl_crystal_grow.crystal_id      1 
_exptl_crystal_grow.method          EVAPORATION 
_exptl_crystal_grow.temp            293 
_exptl_crystal_grow.temp_details    ? 
_exptl_crystal_grow.pH              8.0 
_exptl_crystal_grow.pdbx_details    'pH 8.0, EVAPORATION, temperature 293K' 
_exptl_crystal_grow.pdbx_pH_range   . 
# 
_diffrn.id                     1 
_diffrn.ambient_temp           77 
_diffrn.ambient_temp_details   ? 
_diffrn.crystal_id             1 
# 
_diffrn_detector.diffrn_id              1 
_diffrn_detector.detector               CCD 
_diffrn_detector.type                   'ADSC QUANTUM 315r' 
_diffrn_detector.pdbx_collection_date   ? 
_diffrn_detector.details                ? 
# 
_diffrn_radiation.diffrn_id                        1 
_diffrn_radiation.wavelength_id                    1 
_diffrn_radiation.pdbx_monochromatic_or_laue_m_l   M 
_diffrn_radiation.monochromator                    ? 
_diffrn_radiation.pdbx_diffrn_protocol             'SINGLE WAVELENGTH' 
_diffrn_radiation.pdbx_scattering_type             x-ray 
# 
_diffrn_radiation_wavelength.id           1 
_diffrn_radiation_wavelength.wavelength   . 
_diffrn_radiation_wavelength.wt           1.0 
# 
_diffrn_source.diffrn_id                   1 
_diffrn_source.source                      SYNCHROTRON 
_diffrn_source.type                        'SSRF BEAMLINE BL17U' 
_diffrn_source.pdbx_synchrotron_site       SSRF 
_diffrn_source.pdbx_synchrotron_beamline   BL17U 
_diffrn_source.pdbx_wavelength             ? 
_diffrn_source.pdbx_wavelength_list        ? 
# 
_reflns.entry_id                     4LNP 
_reflns.observed_criterion_sigma_I   ? 
_reflns.observed_criterion_sigma_F   ? 
_reflns.d_resolution_low             38.06 
_reflns.d_resolution_high            1.41 
_reflns.number_obs                   13539 
_reflns.number_all                   14294 
_reflns.percent_possible_obs         ? 
_reflns.pdbx_Rmerge_I_obs            ? 
_reflns.pdbx_Rsym_value              ? 
_reflns.pdbx_netI_over_sigmaI        ? 
_reflns.B_iso_Wilson_estimate        ? 
_reflns.pdbx_redundancy              ? 
_reflns.R_free_details               ? 
_reflns.limit_h_max                  ? 
_reflns.limit_h_min                  ? 
_reflns.limit_k_max                  ? 
_reflns.limit_k_min                  ? 
_reflns.limit_l_max                  ? 
_reflns.limit_l_min                  ? 
_reflns.observed_criterion_F_max     ? 
_reflns.observed_criterion_F_min     ? 
_reflns.pdbx_chi_squared             ? 
_reflns.pdbx_scaling_rejects         ? 
_reflns.pdbx_ordinal                 1 
_reflns.pdbx_diffrn_id               1 
# 
_refine.entry_id                                 4LNP 
_refine.ls_number_reflns_obs                     13539 
_refine.ls_number_reflns_all                     ? 
_refine.pdbx_ls_sigma_I                          ? 
_refine.pdbx_ls_sigma_F                          ? 
_refine.pdbx_data_cutoff_high_absF               ? 
_refine.pdbx_data_cutoff_low_absF                ? 
_refine.pdbx_data_cutoff_high_rms_absF           ? 
_refine.ls_d_res_low                             38.06 
_refine.ls_d_res_high                            1.41 
_refine.ls_percent_reflns_obs                    98.01 
_refine.ls_R_factor_obs                          0.13954 
_refine.ls_R_factor_all                          ? 
_refine.ls_R_factor_R_work                       0.13669 
_refine.ls_R_factor_R_free                       0.19361 
_refine.ls_R_factor_R_free_error                 ? 
_refine.ls_R_factor_R_free_error_details         ? 
_refine.ls_percent_reflns_R_free                 5.0 
_refine.ls_number_reflns_R_free                  711 
_refine.ls_number_parameters                     ? 
_refine.ls_number_restraints                     ? 
_refine.occupancy_min                            ? 
_refine.occupancy_max                            ? 
_refine.correlation_coeff_Fo_to_Fc               0.974 
_refine.correlation_coeff_Fo_to_Fc_free          0.955 
_refine.B_iso_mean                               13.041 
_refine.aniso_B[1][1]                            0.06 
_refine.aniso_B[2][2]                            -0.17 
_refine.aniso_B[3][3]                            0.11 
_refine.aniso_B[1][2]                            0.00 
_refine.aniso_B[1][3]                            -0.00 
_refine.aniso_B[2][3]                            -0.00 
_refine.solvent_model_details                    MASK 
_refine.solvent_model_param_ksol                 ? 
_refine.solvent_model_param_bsol                 ? 
_refine.pdbx_solvent_vdw_probe_radii             1.20 
_refine.pdbx_solvent_ion_probe_radii             0.80 
_refine.pdbx_solvent_shrinkage_radii             0.80 
_refine.pdbx_ls_cross_valid_method               THROUGHOUT 
_refine.details                                  'HYDROGENS HAVE BEEN ADDED IN THE RIDING POSITIONS' 
_refine.pdbx_starting_model                      ? 
_refine.pdbx_method_to_determine_struct          'MOLECULAR REPLACEMENT' 
_refine.pdbx_isotropic_thermal_model             ? 
_refine.pdbx_stereochemistry_target_values       'MAXIMUM LIKELIHOOD' 
_refine.pdbx_stereochem_target_val_spec_case     ? 
_refine.pdbx_R_Free_selection_details            RANDOM 
_refine.pdbx_overall_ESU_R                       0.063 
_refine.pdbx_overall_ESU_R_Free                  0.064 
_refine.overall_SU_ML                            0.045 
_refine.pdbx_overall_phase_error                 ? 
_refine.overall_SU_B                             2.613 
_refine.overall_SU_R_Cruickshank_DPI             ? 
_refine.ls_redundancy_reflns_obs                 ? 
_refine.B_iso_min                                ? 
_refine.B_iso_max                                ? 
_refine.overall_SU_R_free                        ? 
_refine.ls_wR_factor_R_free                      ? 
_refine.ls_wR_factor_R_work                      ? 
_refine.overall_FOM_free_R_set                   ? 
_refine.overall_FOM_work_R_set                   ? 
_refine.pdbx_diffrn_id                           1 
_refine.pdbx_refine_id                           'X-RAY DIFFRACTION' 
_refine.pdbx_TLS_residual_ADP_flag               ? 
_refine.pdbx_overall_SU_R_free_Cruickshank_DPI   ? 
_refine.pdbx_overall_SU_R_Blow_DPI               ? 
_refine.pdbx_overall_SU_R_free_Blow_DPI          ? 
# 
_refine_hist.pdbx_refine_id                   'X-RAY DIFFRACTION' 
_refine_hist.cycle_id                         LAST 
_refine_hist.pdbx_number_atoms_protein        587 
_refine_hist.pdbx_number_atoms_nucleic_acid   0 
_refine_hist.pdbx_number_atoms_ligand         0 
_refine_hist.number_atoms_solvent             83 
_refine_hist.number_atoms_total               670 
_refine_hist.d_res_high                       1.41 
_refine_hist.d_res_low                        38.06 
# 
loop_
_refine_ls_restr.type 
_refine_ls_restr.dev_ideal 
_refine_ls_restr.dev_ideal_target 
_refine_ls_restr.weight 
_refine_ls_restr.number 
_refine_ls_restr.pdbx_restraint_function 
_refine_ls_restr.pdbx_refine_id 
r_bond_refined_d             0.023  0.019  ? 661  ? 'X-RAY DIFFRACTION' 
r_bond_other_d               0.001  0.020  ? 640  ? 'X-RAY DIFFRACTION' 
r_angle_refined_deg          2.394  2.002  ? 907  ? 'X-RAY DIFFRACTION' 
r_angle_other_deg            1.049  3.000  ? 1493 ? 'X-RAY DIFFRACTION' 
r_dihedral_angle_1_deg       6.891  5.000  ? 81   ? 'X-RAY DIFFRACTION' 
r_dihedral_angle_2_deg       33.164 23.143 ? 35   ? 'X-RAY DIFFRACTION' 
r_dihedral_angle_3_deg       14.617 15.000 ? 114  ? 'X-RAY DIFFRACTION' 
r_dihedral_angle_4_deg       13.520 15.000 ? 7    ? 'X-RAY DIFFRACTION' 
r_chiral_restr               0.160  0.200  ? 90   ? 'X-RAY DIFFRACTION' 
r_gen_planes_refined         0.012  0.022  ? 738  ? 'X-RAY DIFFRACTION' 
r_gen_planes_other           0.002  0.020  ? 149  ? 'X-RAY DIFFRACTION' 
r_nbd_refined                ?      ?      ? ?    ? 'X-RAY DIFFRACTION' 
r_nbd_other                  ?      ?      ? ?    ? 'X-RAY DIFFRACTION' 
r_nbtor_refined              ?      ?      ? ?    ? 'X-RAY DIFFRACTION' 
r_nbtor_other                ?      ?      ? ?    ? 'X-RAY DIFFRACTION' 
r_xyhbond_nbd_refined        ?      ?      ? ?    ? 'X-RAY DIFFRACTION' 
r_xyhbond_nbd_other          ?      ?      ? ?    ? 'X-RAY DIFFRACTION' 
r_metal_ion_refined          ?      ?      ? ?    ? 'X-RAY DIFFRACTION' 
r_metal_ion_other            ?      ?      ? ?    ? 'X-RAY DIFFRACTION' 
r_symmetry_vdw_refined       ?      ?      ? ?    ? 'X-RAY DIFFRACTION' 
r_symmetry_vdw_other         ?      ?      ? ?    ? 'X-RAY DIFFRACTION' 
r_symmetry_hbond_refined     ?      ?      ? ?    ? 'X-RAY DIFFRACTION' 
r_symmetry_hbond_other       ?      ?      ? ?    ? 'X-RAY DIFFRACTION' 
r_symmetry_metal_ion_refined ?      ?      ? ?    ? 'X-RAY DIFFRACTION' 
r_symmetry_metal_ion_other   ?      ?      ? ?    ? 'X-RAY DIFFRACTION' 
r_mcbond_it                  1.841  0.986  ? 298  ? 'X-RAY DIFFRACTION' 
r_mcbond_other               1.818  0.979  ? 296  ? 'X-RAY DIFFRACTION' 
r_mcangle_it                 2.146  1.476  ? 372  ? 'X-RAY DIFFRACTION' 
r_mcangle_other              2.154  1.480  ? 373  ? 'X-RAY DIFFRACTION' 
r_scbond_it                  6.500  1.297  ? 363  ? 'X-RAY DIFFRACTION' 
r_scbond_other               6.421  1.282  ? 359  ? 'X-RAY DIFFRACTION' 
r_scangle_it                 ?      ?      ? ?    ? 'X-RAY DIFFRACTION' 
r_scangle_other              7.513  1.830  ? 528  ? 'X-RAY DIFFRACTION' 
r_long_range_B_refined       5.156  9.728  ? 743  ? 'X-RAY DIFFRACTION' 
r_long_range_B_other         4.849  8.972  ? 706  ? 'X-RAY DIFFRACTION' 
r_rigid_bond_restr           4.763  3.000  ? 1301 ? 'X-RAY DIFFRACTION' 
r_sphericity_free            41.807 5.000  ? 18   ? 'X-RAY DIFFRACTION' 
r_sphericity_bonded          18.399 5.000  ? 1340 ? 'X-RAY DIFFRACTION' 
# 
_refine_ls_shell.pdbx_refine_id                   'X-RAY DIFFRACTION' 
_refine_ls_shell.pdbx_total_number_of_bins_used   20 
_refine_ls_shell.d_res_high                       1.410 
_refine_ls_shell.d_res_low                        1.447 
_refine_ls_shell.number_reflns_R_work             892 
_refine_ls_shell.R_factor_R_work                  0.200 
_refine_ls_shell.percent_reflns_obs               85.50 
_refine_ls_shell.R_factor_R_free                  0.298 
_refine_ls_shell.R_factor_R_free_error            ? 
_refine_ls_shell.percent_reflns_R_free            ? 
_refine_ls_shell.number_reflns_R_free             40 
_refine_ls_shell.number_reflns_all                ? 
_refine_ls_shell.R_factor_all                     ? 
_refine_ls_shell.number_reflns_obs                ? 
_refine_ls_shell.redundancy_reflns_obs            ? 
# 
_struct.entry_id                  4LNP 
_struct.title                     'The first SH3 domain from CAP/Ponsin in complex with proline rich peptide from Vinculin' 
_struct.pdbx_model_details        ? 
_struct.pdbx_CASP_flag            ? 
_struct.pdbx_model_type_details   ? 
# 
_struct_keywords.entry_id        4LNP 
_struct_keywords.pdbx_keywords   'SIGNALING PROTEIN' 
_struct_keywords.text            'sh3 domain, cell migration, proline rich peptide, focal adhesion, SIGNALING PROTEIN' 
# 
loop_
_struct_asym.id 
_struct_asym.pdbx_blank_PDB_chainid_flag 
_struct_asym.pdbx_modified 
_struct_asym.entity_id 
_struct_asym.details 
A N N 1 ? 
B N N 2 ? 
C N N 3 ? 
D N N 3 ? 
# 
loop_
_struct_ref.id 
_struct_ref.db_name 
_struct_ref.db_code 
_struct_ref.pdbx_db_accession 
_struct_ref.entity_id 
_struct_ref.pdbx_seq_one_letter_code 
_struct_ref.pdbx_align_begin 
_struct_ref.pdbx_db_isoform 
1 UNP SRBS1_HUMAN Q9BX66 1 EMRPARAKFDFKAQTLKELPLQKGDIVYIYKQIDQNWYEGEHHGRVGIFPRTYIELLPPAE 794 ? 
2 UNP VINC_HUMAN  P18206 2 VPPPRPPPPE                                                    870 ? 
# 
loop_
_struct_ref_seq.align_id 
_struct_ref_seq.ref_id 
_struct_ref_seq.pdbx_PDB_id_code 
_struct_ref_seq.pdbx_strand_id 
_struct_ref_seq.seq_align_beg 
_struct_ref_seq.pdbx_seq_align_beg_ins_code 
_struct_ref_seq.seq_align_end 
_struct_ref_seq.pdbx_seq_align_end_ins_code 
_struct_ref_seq.pdbx_db_accession 
_struct_ref_seq.db_align_beg 
_struct_ref_seq.pdbx_db_align_beg_ins_code 
_struct_ref_seq.db_align_end 
_struct_ref_seq.pdbx_db_align_end_ins_code 
_struct_ref_seq.pdbx_auth_seq_align_beg 
_struct_ref_seq.pdbx_auth_seq_align_end 
1 1 4LNP A 1 ? 61 ? Q9BX66 794 ? 854 ? 794 854 
2 2 4LNP B 1 ? 10 ? P18206 870 ? 879 ? 870 879 
# 
_pdbx_struct_assembly.id                   1 
_pdbx_struct_assembly.details              author_and_software_defined_assembly 
_pdbx_struct_assembly.method_details       PISA 
_pdbx_struct_assembly.oligomeric_details   dimeric 
_pdbx_struct_assembly.oligomeric_count     2 
# 
loop_
_pdbx_struct_assembly_prop.biol_id 
_pdbx_struct_assembly_prop.type 
_pdbx_struct_assembly_prop.value 
_pdbx_struct_assembly_prop.details 
1 'ABSA (A^2)' 930  ? 
1 MORE         -4   ? 
1 'SSA (A^2)'  5160 ? 
# 
_pdbx_struct_assembly_gen.assembly_id       1 
_pdbx_struct_assembly_gen.oper_expression   1 
_pdbx_struct_assembly_gen.asym_id_list      A,B,C,D 
# 
_pdbx_struct_oper_list.id                   1 
_pdbx_struct_oper_list.type                 'identity operation' 
_pdbx_struct_oper_list.name                 1_555 
_pdbx_struct_oper_list.symmetry_operation   x,y,z 
_pdbx_struct_oper_list.matrix[1][1]         1.0000000000 
_pdbx_struct_oper_list.matrix[1][2]         0.0000000000 
_pdbx_struct_oper_list.matrix[1][3]         0.0000000000 
_pdbx_struct_oper_list.vector[1]            0.0000000000 
_pdbx_struct_oper_list.matrix[2][1]         0.0000000000 
_pdbx_struct_oper_list.matrix[2][2]         1.0000000000 
_pdbx_struct_oper_list.matrix[2][3]         0.0000000000 
_pdbx_struct_oper_list.vector[2]            0.0000000000 
_pdbx_struct_oper_list.matrix[3][1]         0.0000000000 
_pdbx_struct_oper_list.matrix[3][2]         0.0000000000 
_pdbx_struct_oper_list.matrix[3][3]         1.0000000000 
_pdbx_struct_oper_list.vector[3]            0.0000000000 
# 
_struct_biol.id        1 
_struct_biol.details   ? 
# 
_struct_sheet.id               A 
_struct_sheet.type             ? 
_struct_sheet.number_strands   5 
_struct_sheet.details          ? 
# 
loop_
_struct_sheet_order.sheet_id 
_struct_sheet_order.range_id_1 
_struct_sheet_order.range_id_2 
_struct_sheet_order.offset 
_struct_sheet_order.sense 
A 1 2 ? anti-parallel 
A 2 3 ? anti-parallel 
A 3 4 ? anti-parallel 
A 4 5 ? anti-parallel 
# 
loop_
_struct_sheet_range.sheet_id 
_struct_sheet_range.id 
_struct_sheet_range.beg_label_comp_id 
_struct_sheet_range.beg_label_asym_id 
_struct_sheet_range.beg_label_seq_id 
_struct_sheet_range.pdbx_beg_PDB_ins_code 
_struct_sheet_range.end_label_comp_id 
_struct_sheet_range.end_label_asym_id 
_struct_sheet_range.end_label_seq_id 
_struct_sheet_range.pdbx_end_PDB_ins_code 
_struct_sheet_range.beg_auth_comp_id 
_struct_sheet_range.beg_auth_asym_id 
_struct_sheet_range.beg_auth_seq_id 
_struct_sheet_range.end_auth_comp_id 
_struct_sheet_range.end_auth_asym_id 
_struct_sheet_range.end_auth_seq_id 
A 1 ARG A 45 ? PRO A 50 ? ARG A 838 PRO A 843 
A 2 TRP A 37 ? HIS A 42 ? TRP A 830 HIS A 835 
A 3 ILE A 26 ? GLN A 32 ? ILE A 819 GLN A 825 
A 4 ARG A 3  ? ALA A 7  ? ARG A 796 ALA A 800 
A 5 ILE A 54 ? LEU A 56 ? ILE A 847 LEU A 849 
# 
loop_
_pdbx_struct_sheet_hbond.sheet_id 
_pdbx_struct_sheet_hbond.range_id_1 
_pdbx_struct_sheet_hbond.range_id_2 
_pdbx_struct_sheet_hbond.range_1_label_atom_id 
_pdbx_struct_sheet_hbond.range_1_label_comp_id 
_pdbx_struct_sheet_hbond.range_1_label_asym_id 
_pdbx_struct_sheet_hbond.range_1_label_seq_id 
_pdbx_struct_sheet_hbond.range_1_PDB_ins_code 
_pdbx_struct_sheet_hbond.range_1_auth_atom_id 
_pdbx_struct_sheet_hbond.range_1_auth_comp_id 
_pdbx_struct_sheet_hbond.range_1_auth_asym_id 
_pdbx_struct_sheet_hbond.range_1_auth_seq_id 
_pdbx_struct_sheet_hbond.range_2_label_atom_id 
_pdbx_struct_sheet_hbond.range_2_label_comp_id 
_pdbx_struct_sheet_hbond.range_2_label_asym_id 
_pdbx_struct_sheet_hbond.range_2_label_seq_id 
_pdbx_struct_sheet_hbond.range_2_PDB_ins_code 
_pdbx_struct_sheet_hbond.range_2_auth_atom_id 
_pdbx_struct_sheet_hbond.range_2_auth_comp_id 
_pdbx_struct_sheet_hbond.range_2_auth_asym_id 
_pdbx_struct_sheet_hbond.range_2_auth_seq_id 
A 1 2 O PHE A 49 ? O PHE A 842 N TYR A 38 ? N TYR A 831 
A 2 3 O GLU A 39 ? O GLU A 832 N LYS A 31 ? N LYS A 824 
A 3 4 O ILE A 29 ? O ILE A 822 N ARG A 3  ? N ARG A 796 
A 4 5 N ARG A 6  ? N ARG A 799 O GLU A 55 ? O GLU A 848 
# 
_pdbx_validate_rmsd_angle.id                         1 
_pdbx_validate_rmsd_angle.PDB_model_num              1 
_pdbx_validate_rmsd_angle.auth_atom_id_1             CB 
_pdbx_validate_rmsd_angle.auth_asym_id_1             A 
_pdbx_validate_rmsd_angle.auth_comp_id_1             ASP 
_pdbx_validate_rmsd_angle.auth_seq_id_1              803 
_pdbx_validate_rmsd_angle.PDB_ins_code_1             ? 
_pdbx_validate_rmsd_angle.label_alt_id_1             ? 
_pdbx_validate_rmsd_angle.auth_atom_id_2             CG 
_pdbx_validate_rmsd_angle.auth_asym_id_2             A 
_pdbx_validate_rmsd_angle.auth_comp_id_2             ASP 
_pdbx_validate_rmsd_angle.auth_seq_id_2              803 
_pdbx_validate_rmsd_angle.PDB_ins_code_2             ? 
_pdbx_validate_rmsd_angle.label_alt_id_2             ? 
_pdbx_validate_rmsd_angle.auth_atom_id_3             OD1 
_pdbx_validate_rmsd_angle.auth_asym_id_3             A 
_pdbx_validate_rmsd_angle.auth_comp_id_3             ASP 
_pdbx_validate_rmsd_angle.auth_seq_id_3              803 
_pdbx_validate_rmsd_angle.PDB_ins_code_3             ? 
_pdbx_validate_rmsd_angle.label_alt_id_3             ? 
_pdbx_validate_rmsd_angle.angle_value                123.98 
_pdbx_validate_rmsd_angle.angle_target_value         118.30 
_pdbx_validate_rmsd_angle.angle_deviation            5.68 
_pdbx_validate_rmsd_angle.angle_standard_deviation   0.90 
_pdbx_validate_rmsd_angle.linker_flag                N 
# 
loop_
_chem_comp_atom.comp_id 
_chem_comp_atom.atom_id 
_chem_comp_atom.type_symbol 
_chem_comp_atom.pdbx_aromatic_flag 
_chem_comp_atom.pdbx_stereo_config 
_chem_comp_atom.pdbx_ordinal 
ALA N    N N N 1   
ALA CA   C N S 2   
ALA C    C N N 3   
ALA O    O N N 4   
ALA CB   C N N 5   
ALA OXT  O N N 6   
ALA H    H N N 7   
ALA H2   H N N 8   
ALA HA   H N N 9   
ALA HB1  H N N 10  
ALA HB2  H N N 11  
ALA HB3  H N N 12  
ALA HXT  H N N 13  
ARG N    N N N 14  
ARG CA   C N S 15  
ARG C    C N N 16  
ARG O    O N N 17  
ARG CB   C N N 18  
ARG CG   C N N 19  
ARG CD   C N N 20  
ARG NE   N N N 21  
ARG CZ   C N N 22  
ARG NH1  N N N 23  
ARG NH2  N N N 24  
ARG OXT  O N N 25  
ARG H    H N N 26  
ARG H2   H N N 27  
ARG HA   H N N 28  
ARG HB2  H N N 29  
ARG HB3  H N N 30  
ARG HG2  H N N 31  
ARG HG3  H N N 32  
ARG HD2  H N N 33  
ARG HD3  H N N 34  
ARG HE   H N N 35  
ARG HH11 H N N 36  
ARG HH12 H N N 37  
ARG HH21 H N N 38  
ARG HH22 H N N 39  
ARG HXT  H N N 40  
ASN N    N N N 41  
ASN CA   C N S 42  
ASN C    C N N 43  
ASN O    O N N 44  
ASN CB   C N N 45  
ASN CG   C N N 46  
ASN OD1  O N N 47  
ASN ND2  N N N 48  
ASN OXT  O N N 49  
ASN H    H N N 50  
ASN H2   H N N 51  
ASN HA   H N N 52  
ASN HB2  H N N 53  
ASN HB3  H N N 54  
ASN HD21 H N N 55  
ASN HD22 H N N 56  
ASN HXT  H N N 57  
ASP N    N N N 58  
ASP CA   C N S 59  
ASP C    C N N 60  
ASP O    O N N 61  
ASP CB   C N N 62  
ASP CG   C N N 63  
ASP OD1  O N N 64  
ASP OD2  O N N 65  
ASP OXT  O N N 66  
ASP H    H N N 67  
ASP H2   H N N 68  
ASP HA   H N N 69  
ASP HB2  H N N 70  
ASP HB3  H N N 71  
ASP HD2  H N N 72  
ASP HXT  H N N 73  
GLN N    N N N 74  
GLN CA   C N S 75  
GLN C    C N N 76  
GLN O    O N N 77  
GLN CB   C N N 78  
GLN CG   C N N 79  
GLN CD   C N N 80  
GLN OE1  O N N 81  
GLN NE2  N N N 82  
GLN OXT  O N N 83  
GLN H    H N N 84  
GLN H2   H N N 85  
GLN HA   H N N 86  
GLN HB2  H N N 87  
GLN HB3  H N N 88  
GLN HG2  H N N 89  
GLN HG3  H N N 90  
GLN HE21 H N N 91  
GLN HE22 H N N 92  
GLN HXT  H N N 93  
GLU N    N N N 94  
GLU CA   C N S 95  
GLU C    C N N 96  
GLU O    O N N 97  
GLU CB   C N N 98  
GLU CG   C N N 99  
GLU CD   C N N 100 
GLU OE1  O N N 101 
GLU OE2  O N N 102 
GLU OXT  O N N 103 
GLU H    H N N 104 
GLU H2   H N N 105 
GLU HA   H N N 106 
GLU HB2  H N N 107 
GLU HB3  H N N 108 
GLU HG2  H N N 109 
GLU HG3  H N N 110 
GLU HE2  H N N 111 
GLU HXT  H N N 112 
GLY N    N N N 113 
GLY CA   C N N 114 
GLY C    C N N 115 
GLY O    O N N 116 
GLY OXT  O N N 117 
GLY H    H N N 118 
GLY H2   H N N 119 
GLY HA2  H N N 120 
GLY HA3  H N N 121 
GLY HXT  H N N 122 
HIS N    N N N 123 
HIS CA   C N S 124 
HIS C    C N N 125 
HIS O    O N N 126 
HIS CB   C N N 127 
HIS CG   C Y N 128 
HIS ND1  N Y N 129 
HIS CD2  C Y N 130 
HIS CE1  C Y N 131 
HIS NE2  N Y N 132 
HIS OXT  O N N 133 
HIS H    H N N 134 
HIS H2   H N N 135 
HIS HA   H N N 136 
HIS HB2  H N N 137 
HIS HB3  H N N 138 
HIS HD1  H N N 139 
HIS HD2  H N N 140 
HIS HE1  H N N 141 
HIS HE2  H N N 142 
HIS HXT  H N N 143 
HOH O    O N N 144 
HOH H1   H N N 145 
HOH H2   H N N 146 
ILE N    N N N 147 
ILE CA   C N S 148 
ILE C    C N N 149 
ILE O    O N N 150 
ILE CB   C N S 151 
ILE CG1  C N N 152 
ILE CG2  C N N 153 
ILE CD1  C N N 154 
ILE OXT  O N N 155 
ILE H    H N N 156 
ILE H2   H N N 157 
ILE HA   H N N 158 
ILE HB   H N N 159 
ILE HG12 H N N 160 
ILE HG13 H N N 161 
ILE HG21 H N N 162 
ILE HG22 H N N 163 
ILE HG23 H N N 164 
ILE HD11 H N N 165 
ILE HD12 H N N 166 
ILE HD13 H N N 167 
ILE HXT  H N N 168 
LEU N    N N N 169 
LEU CA   C N S 170 
LEU C    C N N 171 
LEU O    O N N 172 
LEU CB   C N N 173 
LEU CG   C N N 174 
LEU CD1  C N N 175 
LEU CD2  C N N 176 
LEU OXT  O N N 177 
LEU H    H N N 178 
LEU H2   H N N 179 
LEU HA   H N N 180 
LEU HB2  H N N 181 
LEU HB3  H N N 182 
LEU HG   H N N 183 
LEU HD11 H N N 184 
LEU HD12 H N N 185 
LEU HD13 H N N 186 
LEU HD21 H N N 187 
LEU HD22 H N N 188 
LEU HD23 H N N 189 
LEU HXT  H N N 190 
LYS N    N N N 191 
LYS CA   C N S 192 
LYS C    C N N 193 
LYS O    O N N 194 
LYS CB   C N N 195 
LYS CG   C N N 196 
LYS CD   C N N 197 
LYS CE   C N N 198 
LYS NZ   N N N 199 
LYS OXT  O N N 200 
LYS H    H N N 201 
LYS H2   H N N 202 
LYS HA   H N N 203 
LYS HB2  H N N 204 
LYS HB3  H N N 205 
LYS HG2  H N N 206 
LYS HG3  H N N 207 
LYS HD2  H N N 208 
LYS HD3  H N N 209 
LYS HE2  H N N 210 
LYS HE3  H N N 211 
LYS HZ1  H N N 212 
LYS HZ2  H N N 213 
LYS HZ3  H N N 214 
LYS HXT  H N N 215 
MET N    N N N 216 
MET CA   C N S 217 
MET C    C N N 218 
MET O    O N N 219 
MET CB   C N N 220 
MET CG   C N N 221 
MET SD   S N N 222 
MET CE   C N N 223 
MET OXT  O N N 224 
MET H    H N N 225 
MET H2   H N N 226 
MET HA   H N N 227 
MET HB2  H N N 228 
MET HB3  H N N 229 
MET HG2  H N N 230 
MET HG3  H N N 231 
MET HE1  H N N 232 
MET HE2  H N N 233 
MET HE3  H N N 234 
MET HXT  H N N 235 
PHE N    N N N 236 
PHE CA   C N S 237 
PHE C    C N N 238 
PHE O    O N N 239 
PHE CB   C N N 240 
PHE CG   C Y N 241 
PHE CD1  C Y N 242 
PHE CD2  C Y N 243 
PHE CE1  C Y N 244 
PHE CE2  C Y N 245 
PHE CZ   C Y N 246 
PHE OXT  O N N 247 
PHE H    H N N 248 
PHE H2   H N N 249 
PHE HA   H N N 250 
PHE HB2  H N N 251 
PHE HB3  H N N 252 
PHE HD1  H N N 253 
PHE HD2  H N N 254 
PHE HE1  H N N 255 
PHE HE2  H N N 256 
PHE HZ   H N N 257 
PHE HXT  H N N 258 
PRO N    N N N 259 
PRO CA   C N S 260 
PRO C    C N N 261 
PRO O    O N N 262 
PRO CB   C N N 263 
PRO CG   C N N 264 
PRO CD   C N N 265 
PRO OXT  O N N 266 
PRO H    H N N 267 
PRO HA   H N N 268 
PRO HB2  H N N 269 
PRO HB3  H N N 270 
PRO HG2  H N N 271 
PRO HG3  H N N 272 
PRO HD2  H N N 273 
PRO HD3  H N N 274 
PRO HXT  H N N 275 
THR N    N N N 276 
THR CA   C N S 277 
THR C    C N N 278 
THR O    O N N 279 
THR CB   C N R 280 
THR OG1  O N N 281 
THR CG2  C N N 282 
THR OXT  O N N 283 
THR H    H N N 284 
THR H2   H N N 285 
THR HA   H N N 286 
THR HB   H N N 287 
THR HG1  H N N 288 
THR HG21 H N N 289 
THR HG22 H N N 290 
THR HG23 H N N 291 
THR HXT  H N N 292 
TRP N    N N N 293 
TRP CA   C N S 294 
TRP C    C N N 295 
TRP O    O N N 296 
TRP CB   C N N 297 
TRP CG   C Y N 298 
TRP CD1  C Y N 299 
TRP CD2  C Y N 300 
TRP NE1  N Y N 301 
TRP CE2  C Y N 302 
TRP CE3  C Y N 303 
TRP CZ2  C Y N 304 
TRP CZ3  C Y N 305 
TRP CH2  C Y N 306 
TRP OXT  O N N 307 
TRP H    H N N 308 
TRP H2   H N N 309 
TRP HA   H N N 310 
TRP HB2  H N N 311 
TRP HB3  H N N 312 
TRP HD1  H N N 313 
TRP HE1  H N N 314 
TRP HE3  H N N 315 
TRP HZ2  H N N 316 
TRP HZ3  H N N 317 
TRP HH2  H N N 318 
TRP HXT  H N N 319 
TYR N    N N N 320 
TYR CA   C N S 321 
TYR C    C N N 322 
TYR O    O N N 323 
TYR CB   C N N 324 
TYR CG   C Y N 325 
TYR CD1  C Y N 326 
TYR CD2  C Y N 327 
TYR CE1  C Y N 328 
TYR CE2  C Y N 329 
TYR CZ   C Y N 330 
TYR OH   O N N 331 
TYR OXT  O N N 332 
TYR H    H N N 333 
TYR H2   H N N 334 
TYR HA   H N N 335 
TYR HB2  H N N 336 
TYR HB3  H N N 337 
TYR HD1  H N N 338 
TYR HD2  H N N 339 
TYR HE1  H N N 340 
TYR HE2  H N N 341 
TYR HH   H N N 342 
TYR HXT  H N N 343 
VAL N    N N N 344 
VAL CA   C N S 345 
VAL C    C N N 346 
VAL O    O N N 347 
VAL CB   C N N 348 
VAL CG1  C N N 349 
VAL CG2  C N N 350 
VAL OXT  O N N 351 
VAL H    H N N 352 
VAL H2   H N N 353 
VAL HA   H N N 354 
VAL HB   H N N 355 
VAL HG11 H N N 356 
VAL HG12 H N N 357 
VAL HG13 H N N 358 
VAL HG21 H N N 359 
VAL HG22 H N N 360 
VAL HG23 H N N 361 
VAL HXT  H N N 362 
# 
loop_
_chem_comp_bond.comp_id 
_chem_comp_bond.atom_id_1 
_chem_comp_bond.atom_id_2 
_chem_comp_bond.value_order 
_chem_comp_bond.pdbx_aromatic_flag 
_chem_comp_bond.pdbx_stereo_config 
_chem_comp_bond.pdbx_ordinal 
ALA N   CA   sing N N 1   
ALA N   H    sing N N 2   
ALA N   H2   sing N N 3   
ALA CA  C    sing N N 4   
ALA CA  CB   sing N N 5   
ALA CA  HA   sing N N 6   
ALA C   O    doub N N 7   
ALA C   OXT  sing N N 8   
ALA CB  HB1  sing N N 9   
ALA CB  HB2  sing N N 10  
ALA CB  HB3  sing N N 11  
ALA OXT HXT  sing N N 12  
ARG N   CA   sing N N 13  
ARG N   H    sing N N 14  
ARG N   H2   sing N N 15  
ARG CA  C    sing N N 16  
ARG CA  CB   sing N N 17  
ARG CA  HA   sing N N 18  
ARG C   O    doub N N 19  
ARG C   OXT  sing N N 20  
ARG CB  CG   sing N N 21  
ARG CB  HB2  sing N N 22  
ARG CB  HB3  sing N N 23  
ARG CG  CD   sing N N 24  
ARG CG  HG2  sing N N 25  
ARG CG  HG3  sing N N 26  
ARG CD  NE   sing N N 27  
ARG CD  HD2  sing N N 28  
ARG CD  HD3  sing N N 29  
ARG NE  CZ   sing N N 30  
ARG NE  HE   sing N N 31  
ARG CZ  NH1  sing N N 32  
ARG CZ  NH2  doub N N 33  
ARG NH1 HH11 sing N N 34  
ARG NH1 HH12 sing N N 35  
ARG NH2 HH21 sing N N 36  
ARG NH2 HH22 sing N N 37  
ARG OXT HXT  sing N N 38  
ASN N   CA   sing N N 39  
ASN N   H    sing N N 40  
ASN N   H2   sing N N 41  
ASN CA  C    sing N N 42  
ASN CA  CB   sing N N 43  
ASN CA  HA   sing N N 44  
ASN C   O    doub N N 45  
ASN C   OXT  sing N N 46  
ASN CB  CG   sing N N 47  
ASN CB  HB2  sing N N 48  
ASN CB  HB3  sing N N 49  
ASN CG  OD1  doub N N 50  
ASN CG  ND2  sing N N 51  
ASN ND2 HD21 sing N N 52  
ASN ND2 HD22 sing N N 53  
ASN OXT HXT  sing N N 54  
ASP N   CA   sing N N 55  
ASP N   H    sing N N 56  
ASP N   H2   sing N N 57  
ASP CA  C    sing N N 58  
ASP CA  CB   sing N N 59  
ASP CA  HA   sing N N 60  
ASP C   O    doub N N 61  
ASP C   OXT  sing N N 62  
ASP CB  CG   sing N N 63  
ASP CB  HB2  sing N N 64  
ASP CB  HB3  sing N N 65  
ASP CG  OD1  doub N N 66  
ASP CG  OD2  sing N N 67  
ASP OD2 HD2  sing N N 68  
ASP OXT HXT  sing N N 69  
GLN N   CA   sing N N 70  
GLN N   H    sing N N 71  
GLN N   H2   sing N N 72  
GLN CA  C    sing N N 73  
GLN CA  CB   sing N N 74  
GLN CA  HA   sing N N 75  
GLN C   O    doub N N 76  
GLN C   OXT  sing N N 77  
GLN CB  CG   sing N N 78  
GLN CB  HB2  sing N N 79  
GLN CB  HB3  sing N N 80  
GLN CG  CD   sing N N 81  
GLN CG  HG2  sing N N 82  
GLN CG  HG3  sing N N 83  
GLN CD  OE1  doub N N 84  
GLN CD  NE2  sing N N 85  
GLN NE2 HE21 sing N N 86  
GLN NE2 HE22 sing N N 87  
GLN OXT HXT  sing N N 88  
GLU N   CA   sing N N 89  
GLU N   H    sing N N 90  
GLU N   H2   sing N N 91  
GLU CA  C    sing N N 92  
GLU CA  CB   sing N N 93  
GLU CA  HA   sing N N 94  
GLU C   O    doub N N 95  
GLU C   OXT  sing N N 96  
GLU CB  CG   sing N N 97  
GLU CB  HB2  sing N N 98  
GLU CB  HB3  sing N N 99  
GLU CG  CD   sing N N 100 
GLU CG  HG2  sing N N 101 
GLU CG  HG3  sing N N 102 
GLU CD  OE1  doub N N 103 
GLU CD  OE2  sing N N 104 
GLU OE2 HE2  sing N N 105 
GLU OXT HXT  sing N N 106 
GLY N   CA   sing N N 107 
GLY N   H    sing N N 108 
GLY N   H2   sing N N 109 
GLY CA  C    sing N N 110 
GLY CA  HA2  sing N N 111 
GLY CA  HA3  sing N N 112 
GLY C   O    doub N N 113 
GLY C   OXT  sing N N 114 
GLY OXT HXT  sing N N 115 
HIS N   CA   sing N N 116 
HIS N   H    sing N N 117 
HIS N   H2   sing N N 118 
HIS CA  C    sing N N 119 
HIS CA  CB   sing N N 120 
HIS CA  HA   sing N N 121 
HIS C   O    doub N N 122 
HIS C   OXT  sing N N 123 
HIS CB  CG   sing N N 124 
HIS CB  HB2  sing N N 125 
HIS CB  HB3  sing N N 126 
HIS CG  ND1  sing Y N 127 
HIS CG  CD2  doub Y N 128 
HIS ND1 CE1  doub Y N 129 
HIS ND1 HD1  sing N N 130 
HIS CD2 NE2  sing Y N 131 
HIS CD2 HD2  sing N N 132 
HIS CE1 NE2  sing Y N 133 
HIS CE1 HE1  sing N N 134 
HIS NE2 HE2  sing N N 135 
HIS OXT HXT  sing N N 136 
HOH O   H1   sing N N 137 
HOH O   H2   sing N N 138 
ILE N   CA   sing N N 139 
ILE N   H    sing N N 140 
ILE N   H2   sing N N 141 
ILE CA  C    sing N N 142 
ILE CA  CB   sing N N 143 
ILE CA  HA   sing N N 144 
ILE C   O    doub N N 145 
ILE C   OXT  sing N N 146 
ILE CB  CG1  sing N N 147 
ILE CB  CG2  sing N N 148 
ILE CB  HB   sing N N 149 
ILE CG1 CD1  sing N N 150 
ILE CG1 HG12 sing N N 151 
ILE CG1 HG13 sing N N 152 
ILE CG2 HG21 sing N N 153 
ILE CG2 HG22 sing N N 154 
ILE CG2 HG23 sing N N 155 
ILE CD1 HD11 sing N N 156 
ILE CD1 HD12 sing N N 157 
ILE CD1 HD13 sing N N 158 
ILE OXT HXT  sing N N 159 
LEU N   CA   sing N N 160 
LEU N   H    sing N N 161 
LEU N   H2   sing N N 162 
LEU CA  C    sing N N 163 
LEU CA  CB   sing N N 164 
LEU CA  HA   sing N N 165 
LEU C   O    doub N N 166 
LEU C   OXT  sing N N 167 
LEU CB  CG   sing N N 168 
LEU CB  HB2  sing N N 169 
LEU CB  HB3  sing N N 170 
LEU CG  CD1  sing N N 171 
LEU CG  CD2  sing N N 172 
LEU CG  HG   sing N N 173 
LEU CD1 HD11 sing N N 174 
LEU CD1 HD12 sing N N 175 
LEU CD1 HD13 sing N N 176 
LEU CD2 HD21 sing N N 177 
LEU CD2 HD22 sing N N 178 
LEU CD2 HD23 sing N N 179 
LEU OXT HXT  sing N N 180 
LYS N   CA   sing N N 181 
LYS N   H    sing N N 182 
LYS N   H2   sing N N 183 
LYS CA  C    sing N N 184 
LYS CA  CB   sing N N 185 
LYS CA  HA   sing N N 186 
LYS C   O    doub N N 187 
LYS C   OXT  sing N N 188 
LYS CB  CG   sing N N 189 
LYS CB  HB2  sing N N 190 
LYS CB  HB3  sing N N 191 
LYS CG  CD   sing N N 192 
LYS CG  HG2  sing N N 193 
LYS CG  HG3  sing N N 194 
LYS CD  CE   sing N N 195 
LYS CD  HD2  sing N N 196 
LYS CD  HD3  sing N N 197 
LYS CE  NZ   sing N N 198 
LYS CE  HE2  sing N N 199 
LYS CE  HE3  sing N N 200 
LYS NZ  HZ1  sing N N 201 
LYS NZ  HZ2  sing N N 202 
LYS NZ  HZ3  sing N N 203 
LYS OXT HXT  sing N N 204 
MET N   CA   sing N N 205 
MET N   H    sing N N 206 
MET N   H2   sing N N 207 
MET CA  C    sing N N 208 
MET CA  CB   sing N N 209 
MET CA  HA   sing N N 210 
MET C   O    doub N N 211 
MET C   OXT  sing N N 212 
MET CB  CG   sing N N 213 
MET CB  HB2  sing N N 214 
MET CB  HB3  sing N N 215 
MET CG  SD   sing N N 216 
MET CG  HG2  sing N N 217 
MET CG  HG3  sing N N 218 
MET SD  CE   sing N N 219 
MET CE  HE1  sing N N 220 
MET CE  HE2  sing N N 221 
MET CE  HE3  sing N N 222 
MET OXT HXT  sing N N 223 
PHE N   CA   sing N N 224 
PHE N   H    sing N N 225 
PHE N   H2   sing N N 226 
PHE CA  C    sing N N 227 
PHE CA  CB   sing N N 228 
PHE CA  HA   sing N N 229 
PHE C   O    doub N N 230 
PHE C   OXT  sing N N 231 
PHE CB  CG   sing N N 232 
PHE CB  HB2  sing N N 233 
PHE CB  HB3  sing N N 234 
PHE CG  CD1  doub Y N 235 
PHE CG  CD2  sing Y N 236 
PHE CD1 CE1  sing Y N 237 
PHE CD1 HD1  sing N N 238 
PHE CD2 CE2  doub Y N 239 
PHE CD2 HD2  sing N N 240 
PHE CE1 CZ   doub Y N 241 
PHE CE1 HE1  sing N N 242 
PHE CE2 CZ   sing Y N 243 
PHE CE2 HE2  sing N N 244 
PHE CZ  HZ   sing N N 245 
PHE OXT HXT  sing N N 246 
PRO N   CA   sing N N 247 
PRO N   CD   sing N N 248 
PRO N   H    sing N N 249 
PRO CA  C    sing N N 250 
PRO CA  CB   sing N N 251 
PRO CA  HA   sing N N 252 
PRO C   O    doub N N 253 
PRO C   OXT  sing N N 254 
PRO CB  CG   sing N N 255 
PRO CB  HB2  sing N N 256 
PRO CB  HB3  sing N N 257 
PRO CG  CD   sing N N 258 
PRO CG  HG2  sing N N 259 
PRO CG  HG3  sing N N 260 
PRO CD  HD2  sing N N 261 
PRO CD  HD3  sing N N 262 
PRO OXT HXT  sing N N 263 
THR N   CA   sing N N 264 
THR N   H    sing N N 265 
THR N   H2   sing N N 266 
THR CA  C    sing N N 267 
THR CA  CB   sing N N 268 
THR CA  HA   sing N N 269 
THR C   O    doub N N 270 
THR C   OXT  sing N N 271 
THR CB  OG1  sing N N 272 
THR CB  CG2  sing N N 273 
THR CB  HB   sing N N 274 
THR OG1 HG1  sing N N 275 
THR CG2 HG21 sing N N 276 
THR CG2 HG22 sing N N 277 
THR CG2 HG23 sing N N 278 
THR OXT HXT  sing N N 279 
TRP N   CA   sing N N 280 
TRP N   H    sing N N 281 
TRP N   H2   sing N N 282 
TRP CA  C    sing N N 283 
TRP CA  CB   sing N N 284 
TRP CA  HA   sing N N 285 
TRP C   O    doub N N 286 
TRP C   OXT  sing N N 287 
TRP CB  CG   sing N N 288 
TRP CB  HB2  sing N N 289 
TRP CB  HB3  sing N N 290 
TRP CG  CD1  doub Y N 291 
TRP CG  CD2  sing Y N 292 
TRP CD1 NE1  sing Y N 293 
TRP CD1 HD1  sing N N 294 
TRP CD2 CE2  doub Y N 295 
TRP CD2 CE3  sing Y N 296 
TRP NE1 CE2  sing Y N 297 
TRP NE1 HE1  sing N N 298 
TRP CE2 CZ2  sing Y N 299 
TRP CE3 CZ3  doub Y N 300 
TRP CE3 HE3  sing N N 301 
TRP CZ2 CH2  doub Y N 302 
TRP CZ2 HZ2  sing N N 303 
TRP CZ3 CH2  sing Y N 304 
TRP CZ3 HZ3  sing N N 305 
TRP CH2 HH2  sing N N 306 
TRP OXT HXT  sing N N 307 
TYR N   CA   sing N N 308 
TYR N   H    sing N N 309 
TYR N   H2   sing N N 310 
TYR CA  C    sing N N 311 
TYR CA  CB   sing N N 312 
TYR CA  HA   sing N N 313 
TYR C   O    doub N N 314 
TYR C   OXT  sing N N 315 
TYR CB  CG   sing N N 316 
TYR CB  HB2  sing N N 317 
TYR CB  HB3  sing N N 318 
TYR CG  CD1  doub Y N 319 
TYR CG  CD2  sing Y N 320 
TYR CD1 CE1  sing Y N 321 
TYR CD1 HD1  sing N N 322 
TYR CD2 CE2  doub Y N 323 
TYR CD2 HD2  sing N N 324 
TYR CE1 CZ   doub Y N 325 
TYR CE1 HE1  sing N N 326 
TYR CE2 CZ   sing Y N 327 
TYR CE2 HE2  sing N N 328 
TYR CZ  OH   sing N N 329 
TYR OH  HH   sing N N 330 
TYR OXT HXT  sing N N 331 
VAL N   CA   sing N N 332 
VAL N   H    sing N N 333 
VAL N   H2   sing N N 334 
VAL CA  C    sing N N 335 
VAL CA  CB   sing N N 336 
VAL CA  HA   sing N N 337 
VAL C   O    doub N N 338 
VAL C   OXT  sing N N 339 
VAL CB  CG1  sing N N 340 
VAL CB  CG2  sing N N 341 
VAL CB  HB   sing N N 342 
VAL CG1 HG11 sing N N 343 
VAL CG1 HG12 sing N N 344 
VAL CG1 HG13 sing N N 345 
VAL CG2 HG21 sing N N 346 
VAL CG2 HG22 sing N N 347 
VAL CG2 HG23 sing N N 348 
VAL OXT HXT  sing N N 349 
# 
_atom_sites.entry_id                    4LNP 
_atom_sites.fract_transf_matrix[1][1]   0.00777959 
_atom_sites.fract_transf_matrix[1][2]   0.03897571 
_atom_sites.fract_transf_matrix[1][3]   -0.00943897 
_atom_sites.fract_transf_matrix[2][1]   -0.01635178 
_atom_sites.fract_transf_matrix[2][2]   0.00045189 
_atom_sites.fract_transf_matrix[2][3]   -0.01161115 
_atom_sites.fract_transf_matrix[3][1]   -0.00928139 
_atom_sites.fract_transf_matrix[3][2]   0.00506576 
_atom_sites.fract_transf_matrix[3][3]   0.01326797 
_atom_sites.fract_transf_vector[1]      0.412892 
_atom_sites.fract_transf_vector[2]      0.152593 
_atom_sites.fract_transf_vector[3]      0.202299 
# 
loop_
_atom_type.symbol 
C 
N 
O 
S 
# 
loop_
_atom_site.group_PDB 
_atom_site.id 
_atom_site.type_symbol 
_atom_site.label_atom_id 
_atom_site.label_alt_id 
_atom_site.label_comp_id 
_atom_site.label_asym_id 
_atom_site.label_entity_id 
_atom_site.label_seq_id 
_atom_site.pdbx_PDB_ins_code 
_atom_site.Cartn_x 
_atom_site.Cartn_y 
_atom_site.Cartn_z 
_atom_site.occupancy 
_atom_site.B_iso_or_equiv 
_atom_site.pdbx_formal_charge 
_atom_site.auth_seq_id 
_atom_site.auth_comp_id 
_atom_site.auth_asym_id 
_atom_site.auth_atom_id 
_atom_site.pdbx_PDB_model_num 
ATOM   1   N N   . GLU A 1 1  ? -11.013 12.349  -2.392  1.00 35.28 ?  794 GLU A N   1 
ATOM   2   C CA  . GLU A 1 1  ? -9.924  12.439  -1.382  1.00 28.09 ?  794 GLU A CA  1 
ATOM   3   C C   . GLU A 1 1  ? -8.994  11.215  -1.314  1.00 19.21 ?  794 GLU A C   1 
ATOM   4   O O   . GLU A 1 1  ? -7.955  11.298  -0.678  1.00 24.07 ?  794 GLU A O   1 
ATOM   5   C CB  . GLU A 1 1  ? -10.468 12.773  0.022   1.00 30.11 ?  794 GLU A CB  1 
ATOM   6   C CG  . GLU A 1 1  ? -11.983 12.803  0.192   1.00 31.52 ?  794 GLU A CG  1 
ATOM   7   C CD  . GLU A 1 1  ? -12.376 13.478  1.498   1.00 31.32 ?  794 GLU A CD  1 
ATOM   8   O OE1 . GLU A 1 1  ? -12.025 12.923  2.562   1.00 42.94 ?  794 GLU A OE1 1 
ATOM   9   O OE2 . GLU A 1 1  ? -13.012 14.553  1.460   1.00 46.67 ?  794 GLU A OE2 1 
ATOM   10  N N   . MET A 1 2  ? -9.348  10.100  -1.952  1.00 13.09 ?  795 MET A N   1 
ATOM   11  C CA  . MET A 1 2  ? -8.440  8.939   -2.002  1.00 10.73 ?  795 MET A CA  1 
ATOM   12  C C   . MET A 1 2  ? -7.248  9.258   -2.885  1.00 9.98  ?  795 MET A C   1 
ATOM   13  O O   . MET A 1 2  ? -7.392  9.942   -3.902  1.00 12.90 ?  795 MET A O   1 
ATOM   14  C CB  . MET A 1 2  ? -9.158  7.709   -2.540  1.00 11.90 ?  795 MET A CB  1 
ATOM   15  C CG  . MET A 1 2  ? -10.416 7.389   -1.765  1.00 14.81 ?  795 MET A CG  1 
ATOM   16  S SD  . MET A 1 2  ? -11.314 6.020   -2.473  1.00 23.77 ?  795 MET A SD  1 
ATOM   17  C CE  . MET A 1 2  ? -10.208 4.686   -2.031  1.00 19.24 ?  795 MET A CE  1 
ATOM   18  N N   . ARG A 1 3  ? -6.070  8.803   -2.481  1.00 7.72  ?  796 ARG A N   1 
ATOM   19  C CA  . ARG A 1 3  ? -4.847  9.097   -3.242  1.00 7.53  ?  796 ARG A CA  1 
ATOM   20  C C   . ARG A 1 3  ? -4.412  7.898   -4.071  1.00 7.61  ?  796 ARG A C   1 
ATOM   21  O O   . ARG A 1 3  ? -4.257  6.803   -3.524  1.00 8.69  ?  796 ARG A O   1 
ATOM   22  C CB  . ARG A 1 3  ? -3.720  9.462   -2.290  1.00 8.87  ?  796 ARG A CB  1 
ATOM   23  C CG  . ARG A 1 3  ? -3.933  10.761  -1.531  1.00 10.42 ?  796 ARG A CG  1 
ATOM   24  C CD  . ARG A 1 3  ? -3.622  11.943  -2.404  1.00 12.75 ?  796 ARG A CD  1 
ATOM   25  N NE  . ARG A 1 3  ? -3.631  13.134  -1.568  1.00 18.27 ?  796 ARG A NE  1 
ATOM   26  C CZ  . ARG A 1 3  ? -4.509  14.137  -1.640  1.00 16.37 ?  796 ARG A CZ  1 
ATOM   27  N NH1 . ARG A 1 3  ? -5.489  14.151  -2.553  1.00 11.92 ?  796 ARG A NH1 1 
ATOM   28  N NH2 . ARG A 1 3  ? -4.386  15.140  -0.781  1.00 18.38 ?  796 ARG A NH2 1 
ATOM   29  N N   . PRO A 1 4  ? -4.218  8.071   -5.381  1.00 6.87  ?  797 PRO A N   1 
ATOM   30  C CA  . PRO A 1 4  ? -3.738  6.975   -6.224  1.00 7.06  ?  797 PRO A CA  1 
ATOM   31  C C   . PRO A 1 4  ? -2.260  6.683   -5.989  1.00 6.96  ?  797 PRO A C   1 
ATOM   32  O O   . PRO A 1 4  ? -1.465  7.589   -5.734  1.00 7.79  ?  797 PRO A O   1 
ATOM   33  C CB  . PRO A 1 4  ? -3.950  7.510   -7.642  1.00 6.89  ?  797 PRO A CB  1 
ATOM   34  C CG  . PRO A 1 4  ? -3.791  9.004   -7.495  1.00 5.80  ?  797 PRO A CG  1 
ATOM   35  C CD  . PRO A 1 4  ? -4.314  9.353   -6.124  1.00 6.30  ?  797 PRO A CD  1 
ATOM   36  N N   . ALA A 1 5  ? -1.877  5.427   -6.163  1.00 7.66  ?  798 ALA A N   1 
ATOM   37  C CA  . ALA A 1 5  ? -0.503  5.004   -5.953  1.00 7.57  ?  798 ALA A CA  1 
ATOM   38  C C   . ALA A 1 5  ? -0.221  3.784   -6.819  1.00 7.13  ?  798 ALA A C   1 
ATOM   39  O O   . ALA A 1 5  ? -1.138  3.106   -7.264  1.00 8.93  ?  798 ALA A O   1 
ATOM   40  C CB  . ALA A 1 5  ? -0.276  4.691   -4.476  1.00 7.32  ?  798 ALA A CB  1 
ATOM   41  N N   . ARG A 1 6  ? 1.054   3.553   -7.082  1.00 6.04  ?  799 ARG A N   1 
ATOM   42  C CA  A ARG A 1 6  ? 1.434   2.380   -7.863  0.50 6.02  ?  799 ARG A CA  1 
ATOM   43  C CA  B ARG A 1 6  ? 1.526   2.428   -7.894  0.50 6.43  ?  799 ARG A CA  1 
ATOM   44  C C   . ARG A 1 6  ? 2.512   1.606   -7.120  1.00 6.29  ?  799 ARG A C   1 
ATOM   45  O O   . ARG A 1 6  ? 3.454   2.151   -6.568  1.00 6.82  ?  799 ARG A O   1 
ATOM   46  C CB  A ARG A 1 6  ? 1.848   2.759   -9.305  0.50 5.31  ?  799 ARG A CB  1 
ATOM   47  C CB  B ARG A 1 6  ? 2.265   2.942   -9.121  0.50 6.61  ?  799 ARG A CB  1 
ATOM   48  C CG  A ARG A 1 6  ? 1.563   1.685   -10.364 0.50 4.89  ?  799 ARG A CG  1 
ATOM   49  C CG  B ARG A 1 6  ? 2.669   1.852   -10.097 0.50 7.40  ?  799 ARG A CG  1 
ATOM   50  C CD  A ARG A 1 6  ? 1.409   2.237   -11.791 0.50 5.55  ?  799 ARG A CD  1 
ATOM   51  C CD  B ARG A 1 6  ? 2.335   2.314   -11.495 0.50 7.18  ?  799 ARG A CD  1 
ATOM   52  N NE  A ARG A 1 6  ? 0.863   1.233   -12.713 0.50 6.33  ?  799 ARG A NE  1 
ATOM   53  N NE  B ARG A 1 6  ? 1.723   1.256   -12.267 0.50 8.71  ?  799 ARG A NE  1 
ATOM   54  C CZ  A ARG A 1 6  ? 0.471   1.475   -13.961 0.50 6.79  ?  799 ARG A CZ  1 
ATOM   55  C CZ  B ARG A 1 6  ? 1.207   1.423   -13.474 0.50 8.13  ?  799 ARG A CZ  1 
ATOM   56  N NH1 A ARG A 1 6  ? 0.559   2.698   -14.488 0.50 6.34  ?  799 ARG A NH1 1 
ATOM   57  N NH1 B ARG A 1 6  ? 1.231   2.620   -14.054 0.50 7.51  ?  799 ARG A NH1 1 
ATOM   58  N NH2 A ARG A 1 6  ? -0.004  0.484   -14.704 0.50 8.74  ?  799 ARG A NH2 1 
ATOM   59  N NH2 B ARG A 1 6  ? 0.670   0.389   -14.093 0.50 8.55  ?  799 ARG A NH2 1 
ATOM   60  N N   . ALA A 1 7  ? 2.330   0.279   -7.106  1.00 6.73  ?  800 ALA A N   1 
ATOM   61  C CA  . ALA A 1 7  ? 3.291   -0.597  -6.451  1.00 6.44  ?  800 ALA A CA  1 
ATOM   62  C C   . ALA A 1 7  ? 4.606   -0.651  -7.229  1.00 7.08  ?  800 ALA A C   1 
ATOM   63  O O   . ALA A 1 7  ? 4.604   -0.914  -8.417  1.00 8.26  ?  800 ALA A O   1 
ATOM   64  C CB  . ALA A 1 7  ? 2.715   -2.001  -6.288  1.00 6.77  ?  800 ALA A CB  1 
ATOM   65  N N   . LYS A 1 8  ? 5.704   -0.399  -6.528  1.00 8.24  ?  801 LYS A N   1 
ATOM   66  C CA  . LYS A 1 8  ? 7.039   -0.448  -7.097  1.00 8.98  ?  801 LYS A CA  1 
ATOM   67  C C   . LYS A 1 8  ? 7.681   -1.813  -6.928  1.00 8.93  ?  801 LYS A C   1 
ATOM   68  O O   . LYS A 1 8  ? 8.659   -2.110  -7.614  1.00 9.88  ?  801 LYS A O   1 
ATOM   69  C CB  . LYS A 1 8  ? 7.949   0.595   -6.461  1.00 12.81 ?  801 LYS A CB  1 
ATOM   70  C CG  . LYS A 1 8  ? 7.517   2.017   -6.719  1.00 16.17 ?  801 LYS A CG  1 
ATOM   71  C CD  . LYS A 1 8  ? 8.610   2.993   -6.322  1.00 22.51 ?  801 LYS A CD  1 
ATOM   72  C CE  . LYS A 1 8  ? 8.797   3.075   -4.813  1.00 26.45 ?  801 LYS A CE  1 
ATOM   73  N NZ  . LYS A 1 8  ? 9.963   3.941   -4.484  1.00 32.04 ?  801 LYS A NZ  1 
ATOM   74  N N   . PHE A 1 9  ? 7.146   -2.620  -6.016  1.00 9.15  ?  802 PHE A N   1 
ATOM   75  C CA  . PHE A 1 9  ? 7.644   -3.963  -5.730  1.00 9.34  ?  802 PHE A CA  1 
ATOM   76  C C   . PHE A 1 9  ? 6.472   -4.857  -5.392  1.00 8.59  ?  802 PHE A C   1 
ATOM   77  O O   . PHE A 1 9  ? 5.434   -4.378  -4.952  1.00 9.84  ?  802 PHE A O   1 
ATOM   78  C CB  . PHE A 1 9  ? 8.608   -3.966  -4.537  1.00 10.05 ?  802 PHE A CB  1 
ATOM   79  C CG  . PHE A 1 9  ? 9.672   -2.914  -4.607  1.00 11.43 ?  802 PHE A CG  1 
ATOM   80  C CD1 . PHE A 1 9  ? 9.418   -1.643  -4.129  1.00 12.41 ?  802 PHE A CD1 1 
ATOM   81  C CD2 . PHE A 1 9  ? 10.920  -3.194  -5.132  1.00 13.40 ?  802 PHE A CD2 1 
ATOM   82  C CE1 . PHE A 1 9  ? 10.382  -0.655  -4.200  1.00 13.34 ?  802 PHE A CE1 1 
ATOM   83  C CE2 . PHE A 1 9  ? 11.888  -2.214  -5.198  1.00 14.32 ?  802 PHE A CE2 1 
ATOM   84  C CZ  . PHE A 1 9  ? 11.621  -0.950  -4.729  1.00 14.82 ?  802 PHE A CZ  1 
ATOM   85  N N   . ASP A 1 10 ? 6.648   -6.163  -5.577  1.00 8.82  ?  803 ASP A N   1 
ATOM   86  C CA  . ASP A 1 10 ? 5.733   -7.132  -4.979  1.00 7.79  ?  803 ASP A CA  1 
ATOM   87  C C   . ASP A 1 10 ? 5.723   -6.957  -3.450  1.00 7.94  ?  803 ASP A C   1 
ATOM   88  O O   . ASP A 1 10 ? 6.754   -6.675  -2.835  1.00 8.94  ?  803 ASP A O   1 
ATOM   89  C CB  . ASP A 1 10 ? 6.132   -8.579  -5.306  1.00 9.20  ?  803 ASP A CB  1 
ATOM   90  C CG  . ASP A 1 10 ? 5.710   -9.039  -6.706  1.00 12.01 ?  803 ASP A CG  1 
ATOM   91  O OD1 . ASP A 1 10 ? 5.378   -8.263  -7.624  1.00 11.64 ?  803 ASP A OD1 1 
ATOM   92  O OD2 . ASP A 1 10 ? 5.746   -10.267 -6.906  1.00 20.84 ?  803 ASP A OD2 1 
ATOM   93  N N   . PHE A 1 11 ? 4.549   -7.159  -2.862  1.00 6.75  ?  804 PHE A N   1 
ATOM   94  C CA  . PHE A 1 11 ? 4.356   -7.184  -1.408  1.00 6.13  ?  804 PHE A CA  1 
ATOM   95  C C   . PHE A 1 11 ? 3.522   -8.422  -1.086  1.00 7.00  ?  804 PHE A C   1 
ATOM   96  O O   . PHE A 1 11 ? 2.368   -8.523  -1.509  1.00 7.46  ?  804 PHE A O   1 
ATOM   97  C CB  . PHE A 1 11 ? 3.680   -5.901  -0.893  1.00 5.95  ?  804 PHE A CB  1 
ATOM   98  C CG  . PHE A 1 11 ? 3.284   -5.984  0.549   1.00 5.89  ?  804 PHE A CG  1 
ATOM   99  C CD1 . PHE A 1 11 ? 4.255   -6.055  1.522   1.00 6.00  ?  804 PHE A CD1 1 
ATOM   100 C CD2 . PHE A 1 11 ? 1.946   -6.030  0.927   1.00 6.17  ?  804 PHE A CD2 1 
ATOM   101 C CE1 . PHE A 1 11 ? 3.908   -6.190  2.856   1.00 5.92  ?  804 PHE A CE1 1 
ATOM   102 C CE2 . PHE A 1 11 ? 1.590   -6.161  2.263   1.00 6.46  ?  804 PHE A CE2 1 
ATOM   103 C CZ  . PHE A 1 11 ? 2.573   -6.243  3.218   1.00 6.45  ?  804 PHE A CZ  1 
ATOM   104 N N   . LYS A 1 12 ? 4.141   -9.350  -0.368  1.00 7.08  ?  805 LYS A N   1 
ATOM   105 C CA  . LYS A 1 12 ? 3.446   -10.553 0.088   1.00 7.52  ?  805 LYS A CA  1 
ATOM   106 C C   . LYS A 1 12 ? 2.782   -10.256 1.430   1.00 7.98  ?  805 LYS A C   1 
ATOM   107 O O   . LYS A 1 12 ? 3.441   -9.789  2.365   1.00 9.41  ?  805 LYS A O   1 
ATOM   108 C CB  . LYS A 1 12 ? 4.416   -11.727 0.230   1.00 11.59 ?  805 LYS A CB  1 
ATOM   109 C CG  . LYS A 1 12 ? 4.994   -12.203 -1.091  1.00 14.50 ?  805 LYS A CG  1 
ATOM   110 C CD  . LYS A 1 12 ? 5.833   -13.463 -0.928  1.00 22.03 ?  805 LYS A CD  1 
ATOM   111 C CE  . LYS A 1 12 ? 6.473   -13.870 -2.247  1.00 29.24 ?  805 LYS A CE  1 
ATOM   112 N NZ  . LYS A 1 12 ? 5.456   -14.112 -3.314  1.00 34.91 ?  805 LYS A NZ  1 
ATOM   113 N N   . ALA A 1 13 ? 1.482   -10.524 1.518   1.00 7.89  ?  806 ALA A N   1 
ATOM   114 C CA  . ALA A 1 13 ? 0.749   -10.387 2.780   1.00 8.50  ?  806 ALA A CA  1 
ATOM   115 C C   . ALA A 1 13 ? 1.105   -11.549 3.709   1.00 8.70  ?  806 ALA A C   1 
ATOM   116 O O   . ALA A 1 13 ? 1.190   -12.714 3.268   1.00 10.66 ?  806 ALA A O   1 
ATOM   117 C CB  . ALA A 1 13 ? -0.749  -10.372 2.525   1.00 9.07  ?  806 ALA A CB  1 
ATOM   118 N N   . GLN A 1 14 ? 1.339   -11.226 4.971   1.00 9.33  ?  807 GLN A N   1 
ATOM   119 C CA  . GLN A 1 14 ? 1.640   -12.236 5.987   1.00 10.32 ?  807 GLN A CA  1 
ATOM   120 C C   . GLN A 1 14 ? 0.640   -12.271 7.126   1.00 10.18 ?  807 GLN A C   1 
ATOM   121 O O   . GLN A 1 14 ? 0.768   -13.109 8.010   1.00 13.33 ?  807 GLN A O   1 
ATOM   122 C CB  . GLN A 1 14 ? 3.044   -12.023 6.542   1.00 12.04 ?  807 GLN A CB  1 
ATOM   123 C CG  . GLN A 1 14 ? 4.117   -12.335 5.510   1.00 12.75 ?  807 GLN A CG  1 
ATOM   124 C CD  . GLN A 1 14 ? 5.519   -11.979 5.961   1.00 15.72 ?  807 GLN A CD  1 
ATOM   125 O OE1 . GLN A 1 14 ? 5.742   -11.508 7.084   1.00 20.61 ?  807 GLN A OE1 1 
ATOM   126 N NE2 . GLN A 1 14 ? 6.472   -12.183 5.077   1.00 20.55 ?  807 GLN A NE2 1 
ATOM   127 N N   . THR A 1 15 ? -0.329  -11.355 7.104   1.00 9.05  ?  808 THR A N   1 
ATOM   128 C CA  . THR A 1 15 ? -1.449  -11.326 8.050   1.00 9.65  ?  808 THR A CA  1 
ATOM   129 C C   . THR A 1 15 ? -2.741  -11.061 7.293   1.00 8.48  ?  808 THR A C   1 
ATOM   130 O O   . THR A 1 15 ? -2.719  -10.585 6.153   1.00 8.85  ?  808 THR A O   1 
ATOM   131 C CB  . THR A 1 15 ? -1.314  -10.257 9.145   1.00 9.34  ?  808 THR A CB  1 
ATOM   132 O OG1 . THR A 1 15 ? -1.734  -8.992  8.627   1.00 12.08 ?  808 THR A OG1 1 
ATOM   133 C CG2 . THR A 1 15 ? 0.104   -10.168 9.670   1.00 10.14 ?  808 THR A CG2 1 
ATOM   134 N N   . LEU A 1 16 ? -3.873  -11.336 7.937   1.00 8.54  ?  809 LEU A N   1 
ATOM   135 C CA  . LEU A 1 16 ? -5.176  -11.186 7.298   1.00 8.74  ?  809 LEU A CA  1 
ATOM   136 C C   . LEU A 1 16 ? -5.595  -9.711  7.103   1.00 9.26  ?  809 LEU A C   1 
ATOM   137 O O   . LEU A 1 16 ? -6.561  -9.447  6.392   1.00 10.98 ?  809 LEU A O   1 
ATOM   138 C CB  . LEU A 1 16 ? -6.258  -11.978 8.053   1.00 8.29  ?  809 LEU A CB  1 
ATOM   139 C CG  . LEU A 1 16 ? -6.021  -13.493 8.113   1.00 8.98  ?  809 LEU A CG  1 
ATOM   140 C CD1 . LEU A 1 16 ? -7.123  -14.160 8.901   1.00 9.19  ?  809 LEU A CD1 1 
ATOM   141 C CD2 . LEU A 1 16 ? -5.923  -14.141 6.748   1.00 8.96  ?  809 LEU A CD2 1 
ATOM   142 N N   . LYS A 1 17 ? -4.871  -8.782  7.731   1.00 8.63  ?  810 LYS A N   1 
ATOM   143 C CA  . LYS A 1 17 ? -5.113  -7.338  7.560   1.00 9.14  ?  810 LYS A CA  1 
ATOM   144 C C   . LYS A 1 17 ? -4.396  -6.769  6.326   1.00 8.71  ?  810 LYS A C   1 
ATOM   145 O O   . LYS A 1 17 ? -4.767  -5.698  5.826   1.00 9.95  ?  810 LYS A O   1 
ATOM   146 C CB  . LYS A 1 17 ? -4.606  -6.555  8.776   1.00 13.01 ?  810 LYS A CB  1 
ATOM   147 C CG  . LYS A 1 17 ? -5.347  -6.729  10.083  1.00 17.18 ?  810 LYS A CG  1 
ATOM   148 C CD  . LYS A 1 17 ? -5.004  -5.570  11.018  1.00 24.49 ?  810 LYS A CD  1 
ATOM   149 C CE  . LYS A 1 17 ? -3.499  -5.293  11.119  1.00 26.50 ?  810 LYS A CE  1 
ATOM   150 N NZ  . LYS A 1 17 ? -3.110  -4.444  12.286  1.00 32.17 ?  810 LYS A NZ  1 
ATOM   151 N N   . GLU A 1 18 ? -3.335  -7.434  5.882   1.00 7.86  ?  811 GLU A N   1 
ATOM   152 C CA  . GLU A 1 18 ? -2.480  -6.920  4.796   1.00 8.21  ?  811 GLU A CA  1 
ATOM   153 C C   . GLU A 1 18 ? -3.075  -7.176  3.421   1.00 8.45  ?  811 GLU A C   1 
ATOM   154 O O   . GLU A 1 18 ? -3.722  -8.187  3.188   1.00 11.38 ?  811 GLU A O   1 
ATOM   155 C CB  . GLU A 1 18 ? -1.071  -7.491  4.924   1.00 9.08  ?  811 GLU A CB  1 
ATOM   156 C CG  . GLU A 1 18 ? -0.357  -7.041  6.189   1.00 11.00 ?  811 GLU A CG  1 
ATOM   157 C CD  . GLU A 1 18 ? 0.947   -7.773  6.478   1.00 9.78  ?  811 GLU A CD  1 
ATOM   158 O OE1 . GLU A 1 18 ? 1.370   -8.620  5.682   1.00 11.72 ?  811 GLU A OE1 1 
ATOM   159 O OE2 . GLU A 1 18 ? 1.565   -7.509  7.532   1.00 13.56 -1 811 GLU A OE2 1 
ATOM   160 N N   . LEU A 1 19 ? -2.832  -6.246  2.503   1.00 7.52  ?  812 LEU A N   1 
ATOM   161 C CA  . LEU A 1 19 ? -3.260  -6.351  1.110   1.00 6.72  ?  812 LEU A CA  1 
ATOM   162 C C   . LEU A 1 19 ? -2.068  -6.749  0.220   1.00 7.60  ?  812 LEU A C   1 
ATOM   163 O O   . LEU A 1 19 ? -1.120  -5.985  0.099   1.00 9.16  ?  812 LEU A O   1 
ATOM   164 C CB  . LEU A 1 19 ? -3.806  -4.985  0.662   1.00 7.84  ?  812 LEU A CB  1 
ATOM   165 C CG  . LEU A 1 19 ? -4.429  -4.880  -0.727  1.00 8.58  ?  812 LEU A CG  1 
ATOM   166 C CD1 . LEU A 1 19 ? -5.665  -5.742  -0.913  1.00 9.95  ?  812 LEU A CD1 1 
ATOM   167 C CD2 . LEU A 1 19 ? -4.735  -3.421  -1.010  1.00 8.28  ?  812 LEU A CD2 1 
ATOM   168 N N   . PRO A 1 20 ? -2.083  -7.960  -0.364  1.00 9.04  ?  813 PRO A N   1 
ATOM   169 C CA  . PRO A 1 20 ? -1.008  -8.341  -1.272  1.00 9.49  ?  813 PRO A CA  1 
ATOM   170 C C   . PRO A 1 20 ? -0.945  -7.429  -2.478  1.00 9.50  ?  813 PRO A C   1 
ATOM   171 O O   . PRO A 1 20 ? -1.994  -7.017  -2.977  1.00 13.08 ?  813 PRO A O   1 
ATOM   172 C CB  . PRO A 1 20 ? -1.395  -9.752  -1.737  1.00 11.03 ?  813 PRO A CB  1 
ATOM   173 C CG  . PRO A 1 20 ? -2.493  -10.202 -0.867  1.00 11.66 ?  813 PRO A CG  1 
ATOM   174 C CD  . PRO A 1 20 ? -3.140  -8.978  -0.295  1.00 9.19  ?  813 PRO A CD  1 
ATOM   175 N N   . LEU A 1 21 ? 0.268   -7.140  -2.944  1.00 7.42  ?  814 LEU A N   1 
ATOM   176 C CA  A LEU A 1 21 ? 0.382   -6.406  -4.187  0.50 5.70  ?  814 LEU A CA  1 
ATOM   177 C CA  B LEU A 1 21 ? 0.547   -6.251  -4.086  0.50 5.36  ?  814 LEU A CA  1 
ATOM   178 C C   . LEU A 1 21 ? 1.459   -6.971  -5.087  1.00 6.20  ?  814 LEU A C   1 
ATOM   179 O O   . LEU A 1 21 ? 2.415   -7.634  -4.654  1.00 7.90  ?  814 LEU A O   1 
ATOM   180 C CB  A LEU A 1 21 ? 0.614   -4.928  -3.949  0.50 4.90  ?  814 LEU A CB  1 
ATOM   181 C CB  B LEU A 1 21 ? 1.307   -4.982  -3.640  0.50 4.43  ?  814 LEU A CB  1 
ATOM   182 C CG  A LEU A 1 21 ? -0.332  -4.234  -2.989  0.50 4.41  ?  814 LEU A CG  1 
ATOM   183 C CG  B LEU A 1 21 ? 0.692   -3.952  -2.673  0.50 3.86  ?  814 LEU A CG  1 
ATOM   184 C CD1 A LEU A 1 21 ? 0.243   -2.869  -2.648  0.50 4.50  ?  814 LEU A CD1 1 
ATOM   185 C CD1 B LEU A 1 21 ? 1.693   -2.836  -2.398  0.50 3.85  ?  814 LEU A CD1 1 
ATOM   186 C CD2 A LEU A 1 21 ? -1.702  -4.114  -3.619  0.50 4.87  ?  814 LEU A CD2 1 
ATOM   187 C CD2 B LEU A 1 21 ? -0.601  -3.349  -3.210  0.50 4.01  ?  814 LEU A CD2 1 
ATOM   188 N N   . GLN A 1 22 ? 1.226   -6.746  -6.376  1.00 6.51  ?  815 GLN A N   1 
ATOM   189 C CA  . GLN A 1 22 ? 2.158   -7.106  -7.445  1.00 6.41  ?  815 GLN A CA  1 
ATOM   190 C C   . GLN A 1 22 ? 2.734   -5.798  -7.975  1.00 7.72  ?  815 GLN A C   1 
ATOM   191 O O   . GLN A 1 22 ? 2.026   -4.786  -8.114  1.00 8.75  ?  815 GLN A O   1 
ATOM   192 C CB  . GLN A 1 22 ? 1.447   -7.865  -8.569  1.00 8.49  ?  815 GLN A CB  1 
ATOM   193 C CG  . GLN A 1 22 ? 1.008   -9.256  -8.165  1.00 9.04  ?  815 GLN A CG  1 
ATOM   194 C CD  . GLN A 1 22 ? 0.380   -10.048 -9.296  1.00 12.32 ?  815 GLN A CD  1 
ATOM   195 O OE1 . GLN A 1 22 ? 0.169   -9.548  -10.395 1.00 17.06 ?  815 GLN A OE1 1 
ATOM   196 N NE2 . GLN A 1 22 ? 0.101   -11.306 -9.031  1.00 13.30 ?  815 GLN A NE2 1 
ATOM   197 N N   . LYS A 1 23 ? 4.025   -5.821  -8.271  1.00 7.91  ?  816 LYS A N   1 
ATOM   198 C CA  . LYS A 1 23 ? 4.691   -4.683  -8.894  1.00 7.69  ?  816 LYS A CA  1 
ATOM   199 C C   . LYS A 1 23 ? 3.866   -4.222  -10.099 1.00 8.00  ?  816 LYS A C   1 
ATOM   200 O O   . LYS A 1 23 ? 3.474   -5.036  -10.942 1.00 9.75  ?  816 LYS A O   1 
ATOM   201 C CB  . LYS A 1 23 ? 6.085   -5.109  -9.343  1.00 8.80  ?  816 LYS A CB  1 
ATOM   202 C CG  . LYS A 1 23 ? 6.927   -3.999  -9.951  1.00 10.62 ?  816 LYS A CG  1 
ATOM   203 C CD  . LYS A 1 23 ? 8.256   -4.577  -10.406 1.00 14.13 ?  816 LYS A CD  1 
ATOM   204 C CE  . LYS A 1 23 ? 9.160   -3.513  -10.990 1.00 17.86 ?  816 LYS A CE  1 
ATOM   205 N NZ  . LYS A 1 23 ? 10.458  -4.128  -11.394 1.00 24.57 ?  816 LYS A NZ  1 
ATOM   206 N N   . GLY A 1 24 ? 3.592   -2.920  -10.164 1.00 7.21  ?  817 GLY A N   1 
ATOM   207 C CA  . GLY A 1 24 ? 2.797   -2.343  -11.240 1.00 8.50  ?  817 GLY A CA  1 
ATOM   208 C C   . GLY A 1 24 ? 1.331   -2.120  -10.925 1.00 8.20  ?  817 GLY A C   1 
ATOM   209 O O   . GLY A 1 24 ? 0.646   -1.412  -11.661 1.00 9.63  ?  817 GLY A O   1 
ATOM   210 N N   . ASP A 1 25 ? 0.821   -2.744  -9.852  1.00 7.50  ?  818 ASP A N   1 
ATOM   211 C CA  . ASP A 1 25 ? -0.574  -2.560  -9.464  1.00 7.28  ?  818 ASP A CA  1 
ATOM   212 C C   . ASP A 1 25 ? -0.872  -1.102  -9.094  1.00 7.83  ?  818 ASP A C   1 
ATOM   213 O O   . ASP A 1 25 ? -0.083  -0.469  -8.407  1.00 10.09 ?  818 ASP A O   1 
ATOM   214 C CB  . ASP A 1 25 ? -0.920  -3.419  -8.247  1.00 7.37  ?  818 ASP A CB  1 
ATOM   215 C CG  . ASP A 1 25 ? -1.097  -4.897  -8.573  1.00 9.70  ?  818 ASP A CG  1 
ATOM   216 O OD1 . ASP A 1 25 ? -1.182  -5.277  -9.764  1.00 12.41 -1 818 ASP A OD1 1 
ATOM   217 O OD2 . ASP A 1 25 ? -1.149  -5.669  -7.594  1.00 12.41 ?  818 ASP A OD2 1 
ATOM   218 N N   . ILE A 1 26 ? -2.033  -0.624  -9.508  1.00 6.40  ?  819 ILE A N   1 
ATOM   219 C CA  . ILE A 1 26 ? -2.515  0.685   -9.092  1.00 6.65  ?  819 ILE A CA  1 
ATOM   220 C C   . ILE A 1 26 ? -3.470  0.471   -7.918  1.00 6.98  ?  819 ILE A C   1 
ATOM   221 O O   . ILE A 1 26 ? -4.388  -0.347  -8.004  1.00 8.85  ?  819 ILE A O   1 
ATOM   222 C CB  . ILE A 1 26 ? -3.222  1.415   -10.253 1.00 8.21  ?  819 ILE A CB  1 
ATOM   223 C CG1 . ILE A 1 26 ? -2.220  1.764   -11.365 1.00 9.57  ?  819 ILE A CG1 1 
ATOM   224 C CG2 . ILE A 1 26 ? -3.930  2.664   -9.748  1.00 7.86  ?  819 ILE A CG2 1 
ATOM   225 C CD1 . ILE A 1 26 ? -2.886  2.153   -12.662 1.00 11.85 ?  819 ILE A CD1 1 
ATOM   226 N N   . VAL A 1 27 ? -3.249  1.204   -6.823  1.00 6.94  ?  820 VAL A N   1 
ATOM   227 C CA  . VAL A 1 27 ? -4.027  1.068   -5.600  1.00 7.20  ?  820 VAL A CA  1 
ATOM   228 C C   . VAL A 1 27 ? -4.433  2.452   -5.157  1.00 7.44  ?  820 VAL A C   1 
ATOM   229 O O   . VAL A 1 27 ? -3.893  3.452   -5.660  1.00 8.85  ?  820 VAL A O   1 
ATOM   230 C CB  . VAL A 1 27 ? -3.235  0.347   -4.492  1.00 9.45  ?  820 VAL A CB  1 
ATOM   231 C CG1 . VAL A 1 27 ? -2.810  -1.043  -4.961  1.00 9.67  ?  820 VAL A CG1 1 
ATOM   232 C CG2 . VAL A 1 27 ? -2.036  1.144   -4.033  1.00 7.47  ?  820 VAL A CG2 1 
ATOM   233 N N   . TYR A 1 28 ? -5.389  2.528   -4.242  1.00 7.82  ?  821 TYR A N   1 
ATOM   234 C CA  . TYR A 1 28 ? -5.970  3.793   -3.807  1.00 7.94  ?  821 TYR A CA  1 
ATOM   235 C C   . TYR A 1 28 ? -5.925  3.875   -2.291  1.00 8.08  ?  821 TYR A C   1 
ATOM   236 O O   . TYR A 1 28 ? -6.406  2.982   -1.598  1.00 9.85  ?  821 TYR A O   1 
ATOM   237 C CB  . TYR A 1 28 ? -7.395  3.941   -4.351  1.00 8.07  ?  821 TYR A CB  1 
ATOM   238 C CG  . TYR A 1 28 ? -7.390  3.983   -5.845  1.00 7.46  ?  821 TYR A CG  1 
ATOM   239 C CD1 . TYR A 1 28 ? -7.233  5.202   -6.515  1.00 8.42  ?  821 TYR A CD1 1 
ATOM   240 C CD2 . TYR A 1 28 ? -7.461  2.819   -6.601  1.00 8.37  ?  821 TYR A CD2 1 
ATOM   241 C CE1 . TYR A 1 28 ? -7.176  5.255   -7.892  1.00 8.88  ?  821 TYR A CE1 1 
ATOM   242 C CE2 . TYR A 1 28 ? -7.390  2.870   -7.994  1.00 9.60  ?  821 TYR A CE2 1 
ATOM   243 C CZ  . TYR A 1 28 ? -7.261  4.096   -8.632  1.00 10.02 ?  821 TYR A CZ  1 
ATOM   244 O OH  . TYR A 1 28 ? -7.192  4.173   -10.006 1.00 12.12 ?  821 TYR A OH  1 
ATOM   245 N N   . ILE A 1 29 ? -5.347  4.951   -1.770  1.00 7.28  ?  822 ILE A N   1 
ATOM   246 C CA  . ILE A 1 29 ? -5.071  5.084   -0.350  1.00 6.98  ?  822 ILE A CA  1 
ATOM   247 C C   . ILE A 1 29 ? -6.123  5.943   0.347   1.00 6.80  ?  822 ILE A C   1 
ATOM   248 O O   . ILE A 1 29 ? -6.419  7.049   -0.106  1.00 9.04  ?  822 ILE A O   1 
ATOM   249 C CB  . ILE A 1 29 ? -3.666  5.691   -0.117  1.00 6.94  ?  822 ILE A CB  1 
ATOM   250 C CG1 . ILE A 1 29 ? -2.567  4.751   -0.654  1.00 6.36  ?  822 ILE A CG1 1 
ATOM   251 C CG2 . ILE A 1 29 ? -3.413  5.996   1.346   1.00 7.26  ?  822 ILE A CG2 1 
ATOM   252 C CD1 . ILE A 1 29 ? -1.230  5.422   -0.904  1.00 7.66  ?  822 ILE A CD1 1 
ATOM   253 N N   . TYR A 1 30 ? -6.634  5.462   1.476   1.00 7.27  ?  823 TYR A N   1 
ATOM   254 C CA  . TYR A 1 30 ? -7.557  6.220   2.304   1.00 8.03  ?  823 TYR A CA  1 
ATOM   255 C C   . TYR A 1 30 ? -6.822  7.066   3.342   1.00 7.54  ?  823 TYR A C   1 
ATOM   256 O O   . TYR A 1 30 ? -7.179  8.219   3.575   1.00 11.52 ?  823 TYR A O   1 
ATOM   257 C CB  . TYR A 1 30 ? -8.479  5.273   3.084   1.00 9.87  ?  823 TYR A CB  1 
ATOM   258 C CG  . TYR A 1 30 ? -9.586  4.616   2.296   1.00 11.83 ?  823 TYR A CG  1 
ATOM   259 C CD1 . TYR A 1 30 ? -10.596 5.372   1.711   1.00 14.34 ?  823 TYR A CD1 1 
ATOM   260 C CD2 . TYR A 1 30 ? -9.676  3.226   2.207   1.00 12.94 ?  823 TYR A CD2 1 
ATOM   261 C CE1 . TYR A 1 30 ? -11.636 4.774   1.018   1.00 15.82 ?  823 TYR A CE1 1 
ATOM   262 C CE2 . TYR A 1 30 ? -10.711 2.619   1.508   1.00 16.10 ?  823 TYR A CE2 1 
ATOM   263 C CZ  . TYR A 1 30 ? -11.686 3.403   0.917   1.00 16.24 ?  823 TYR A CZ  1 
ATOM   264 O OH  . TYR A 1 30 ? -12.722 2.823   0.224   1.00 20.68 ?  823 TYR A OH  1 
ATOM   265 N N   . LYS A 1 31 ? -5.861  6.463   4.024   1.00 8.23  ?  824 LYS A N   1 
ATOM   266 C CA  . LYS A 1 31 ? -5.175  7.098   5.135   1.00 9.04  ?  824 LYS A CA  1 
ATOM   267 C C   . LYS A 1 31 ? -3.870  6.399   5.476   1.00 8.53  ?  824 LYS A C   1 
ATOM   268 O O   . LYS A 1 31 ? -3.622  5.266   5.041   1.00 9.03  ?  824 LYS A O   1 
ATOM   269 C CB  . LYS A 1 31 ? -6.085  7.134   6.377   1.00 9.09  ?  824 LYS A CB  1 
ATOM   270 C CG  . LYS A 1 31 ? -6.410  5.761   6.944   1.00 11.29 ?  824 LYS A CG  1 
ATOM   271 C CD  . LYS A 1 31 ? -7.396  5.861   8.105   1.00 16.21 ?  824 LYS A CD  1 
ATOM   272 C CE  . LYS A 1 31 ? -8.014  4.508   8.409   1.00 20.94 ?  824 LYS A CE  1 
ATOM   273 N NZ  . LYS A 1 31 ? -9.107  4.570   9.418   1.00 26.86 ?  824 LYS A NZ  1 
ATOM   274 N N   . GLN A 1 32 ? -3.039  7.076   6.253   1.00 8.57  ?  825 GLN A N   1 
ATOM   275 C CA  A GLN A 1 32 ? -1.825  6.485   6.803   0.50 8.81  ?  825 GLN A CA  1 
ATOM   276 C CA  B GLN A 1 32 ? -1.828  6.500   6.814   0.50 8.52  ?  825 GLN A CA  1 
ATOM   277 C C   . GLN A 1 32 ? -2.126  6.088   8.238   1.00 8.92  ?  825 GLN A C   1 
ATOM   278 O O   . GLN A 1 32 ? -2.579  6.909   9.041   1.00 12.87 ?  825 GLN A O   1 
ATOM   279 C CB  A GLN A 1 32 ? -0.654  7.470   6.736   0.50 8.08  ?  825 GLN A CB  1 
ATOM   280 C CB  B GLN A 1 32 ? -0.711  7.535   6.802   0.50 9.01  ?  825 GLN A CB  1 
ATOM   281 C CG  A GLN A 1 32 ? 0.702   6.798   6.848   0.50 7.45  ?  825 GLN A CG  1 
ATOM   282 C CG  B GLN A 1 32 ? 0.539   7.106   7.536   0.50 8.76  ?  825 GLN A CG  1 
ATOM   283 C CD  A GLN A 1 32 ? 1.873   7.763   6.755   0.50 7.87  ?  825 GLN A CD  1 
ATOM   284 C CD  B GLN A 1 32 ? 1.736   7.942   7.141   0.50 9.40  ?  825 GLN A CD  1 
ATOM   285 O OE1 A GLN A 1 32 ? 2.000   8.531   5.790   0.50 8.53  ?  825 GLN A OE1 1 
ATOM   286 O OE1 B GLN A 1 32 ? 1.577   9.041   6.607   0.50 12.30 ?  825 GLN A OE1 1 
ATOM   287 N NE2 A GLN A 1 32 ? 2.731   7.739   7.770   0.50 8.54  ?  825 GLN A NE2 1 
ATOM   288 N NE2 B GLN A 1 32 ? 2.936   7.426   7.378   0.50 9.00  ?  825 GLN A NE2 1 
ATOM   289 N N   . ILE A 1 33 ? -1.908  4.816   8.565   1.00 8.81  ?  826 ILE A N   1 
ATOM   290 C CA  A ILE A 1 33 ? -2.311  4.248   9.861   0.50 9.43  ?  826 ILE A CA  1 
ATOM   291 C CA  B ILE A 1 33 ? -2.332  4.356   9.883   0.50 8.98  ?  826 ILE A CA  1 
ATOM   292 C C   . ILE A 1 33 ? -1.209  4.333   10.918  1.00 8.84  ?  826 ILE A C   1 
ATOM   293 O O   . ILE A 1 33 ? -1.471  4.345   12.112  1.00 11.71 ?  826 ILE A O   1 
ATOM   294 C CB  A ILE A 1 33 ? -2.757  2.765   9.740   0.50 10.66 ?  826 ILE A CB  1 
ATOM   295 C CB  B ILE A 1 33 ? -3.110  3.032   9.806   0.50 8.05  ?  826 ILE A CB  1 
ATOM   296 C CG1 A ILE A 1 33 ? -1.565  1.822   9.767   0.50 11.32 ?  826 ILE A CG1 1 
ATOM   297 C CG1 B ILE A 1 33 ? -2.317  1.972   9.057   0.50 6.49  ?  826 ILE A CG1 1 
ATOM   298 C CG2 A ILE A 1 33 ? -3.567  2.507   8.477   0.50 11.87 ?  826 ILE A CG2 1 
ATOM   299 C CG2 B ILE A 1 33 ? -4.437  3.237   9.099   0.50 7.22  ?  826 ILE A CG2 1 
ATOM   300 C CD1 A ILE A 1 33 ? -1.947  0.371   9.666   0.50 10.98 ?  826 ILE A CD1 1 
ATOM   301 C CD1 B ILE A 1 33 ? -2.844  0.583   9.319   0.50 7.14  ?  826 ILE A CD1 1 
ATOM   302 N N   . ASP A 1 34 ? 0.038   4.321   10.483  1.00 9.05  ?  827 ASP A N   1 
ATOM   303 C CA  . ASP A 1 34 ? 1.172   4.494   11.379  1.00 8.05  ?  827 ASP A CA  1 
ATOM   304 C C   . ASP A 1 34 ? 2.374   4.971   10.545  1.00 7.49  ?  827 ASP A C   1 
ATOM   305 O O   . ASP A 1 34 ? 2.192   5.342   9.392   1.00 9.09  ?  827 ASP A O   1 
ATOM   306 C CB  . ASP A 1 34 ? 1.445   3.224   12.220  1.00 8.37  ?  827 ASP A CB  1 
ATOM   307 C CG  . ASP A 1 34 ? 2.259   2.166   11.495  1.00 9.51  ?  827 ASP A CG  1 
ATOM   308 O OD1 . ASP A 1 34 ? 2.493   2.246   10.261  1.00 10.53 ?  827 ASP A OD1 1 
ATOM   309 O OD2 . ASP A 1 34 ? 2.682   1.204   12.196  1.00 12.11 -1 827 ASP A OD2 1 
ATOM   310 N N   . GLN A 1 35 ? 3.574   4.976   11.118  1.00 7.10  ?  828 GLN A N   1 
ATOM   311 C CA  . GLN A 1 35 ? 4.737   5.501   10.414  1.00 7.23  ?  828 GLN A CA  1 
ATOM   312 C C   . GLN A 1 35 ? 5.062   4.760   9.127   1.00 7.42  ?  828 GLN A C   1 
ATOM   313 O O   . GLN A 1 35 ? 5.713   5.330   8.244   1.00 8.91  ?  828 GLN A O   1 
ATOM   314 C CB  . GLN A 1 35 ? 5.964   5.514   11.300  1.00 7.39  ?  828 GLN A CB  1 
ATOM   315 C CG  . GLN A 1 35 ? 5.853   6.484   12.456  1.00 7.48  ?  828 GLN A CG  1 
ATOM   316 C CD  . GLN A 1 35 ? 7.082   6.449   13.333  1.00 7.56  ?  828 GLN A CD  1 
ATOM   317 O OE1 . GLN A 1 35 ? 8.210   6.515   12.846  1.00 8.70  ?  828 GLN A OE1 1 
ATOM   318 N NE2 . GLN A 1 35 ? 6.876   6.298   14.634  1.00 9.34  ?  828 GLN A NE2 1 
ATOM   319 N N   . ASN A 1 36 ? 4.656   3.491   9.009   1.00 7.47  ?  829 ASN A N   1 
ATOM   320 C CA  . ASN A 1 36 ? 5.084   2.640   7.896   1.00 7.42  ?  829 ASN A CA  1 
ATOM   321 C C   . ASN A 1 36 ? 3.988   2.132   6.972   1.00 7.18  ?  829 ASN A C   1 
ATOM   322 O O   . ASN A 1 36 ? 4.307   1.605   5.914   1.00 8.49  ?  829 ASN A O   1 
ATOM   323 C CB  . ASN A 1 36 ? 5.830   1.412   8.438   1.00 8.04  ?  829 ASN A CB  1 
ATOM   324 C CG  . ASN A 1 36 ? 7.080   1.766   9.199   1.00 9.57  ?  829 ASN A CG  1 
ATOM   325 O OD1 . ASN A 1 36 ? 7.249   1.397   10.368  1.00 12.75 ?  829 ASN A OD1 1 
ATOM   326 N ND2 . ASN A 1 36 ? 7.965   2.478   8.550   1.00 11.03 ?  829 ASN A ND2 1 
ATOM   327 N N   . TRP A 1 37 ? 2.723   2.239   7.366   1.00 7.53  ?  830 TRP A N   1 
ATOM   328 C CA  . TRP A 1 37 ? 1.628   1.541   6.683   1.00 7.26  ?  830 TRP A CA  1 
ATOM   329 C C   . TRP A 1 37 ? 0.531   2.492   6.211   1.00 7.00  ?  830 TRP A C   1 
ATOM   330 O O   . TRP A 1 37 ? 0.104   3.384   6.968   1.00 7.94  ?  830 TRP A O   1 
ATOM   331 C CB  . TRP A 1 37 ? 0.996   0.464   7.590   1.00 6.57  ?  830 TRP A CB  1 
ATOM   332 C CG  . TRP A 1 37 ? 1.935   -0.657  7.970   1.00 6.63  ?  830 TRP A CG  1 
ATOM   333 C CD1 . TRP A 1 37 ? 2.819   -0.662  9.003   1.00 7.20  ?  830 TRP A CD1 1 
ATOM   334 C CD2 . TRP A 1 37 ? 2.139   -1.898  7.268   1.00 6.32  ?  830 TRP A CD2 1 
ATOM   335 N NE1 . TRP A 1 37 ? 3.542   -1.834  9.024   1.00 7.07  ?  830 TRP A NE1 1 
ATOM   336 C CE2 . TRP A 1 37 ? 3.136   -2.605  7.968   1.00 6.45  ?  830 TRP A CE2 1 
ATOM   337 C CE3 . TRP A 1 37 ? 1.551   -2.496  6.149   1.00 6.34  ?  830 TRP A CE3 1 
ATOM   338 C CZ2 . TRP A 1 37 ? 3.571   -3.868  7.563   1.00 6.44  ?  830 TRP A CZ2 1 
ATOM   339 C CZ3 . TRP A 1 37 ? 1.983   -3.784  5.773   1.00 6.74  ?  830 TRP A CZ3 1 
ATOM   340 C CH2 . TRP A 1 37 ? 2.978   -4.426  6.471   1.00 6.89  ?  830 TRP A CH2 1 
ATOM   341 N N   . TYR A 1 38 ? 0.077   2.282   4.977   1.00 7.42  ?  831 TYR A N   1 
ATOM   342 C CA  . TYR A 1 38 ? -1.149  2.869   4.447   1.00 7.26  ?  831 TYR A CA  1 
ATOM   343 C C   . TYR A 1 38 ? -2.303  1.890   4.488   1.00 7.39  ?  831 TYR A C   1 
ATOM   344 O O   . TYR A 1 38 ? -2.094  0.679   4.373   1.00 7.86  ?  831 TYR A O   1 
ATOM   345 C CB  . TYR A 1 38 ? -0.996  3.307   2.998   1.00 7.02  ?  831 TYR A CB  1 
ATOM   346 C CG  . TYR A 1 38 ? -0.065  4.470   2.747   1.00 9.04  ?  831 TYR A CG  1 
ATOM   347 C CD1 . TYR A 1 38 ? -0.209  5.661   3.447   1.00 10.37 ?  831 TYR A CD1 1 
ATOM   348 C CD2 . TYR A 1 38 ? 0.955   4.375   1.806   1.00 9.85  ?  831 TYR A CD2 1 
ATOM   349 C CE1 . TYR A 1 38 ? 0.629   6.744   3.200   1.00 11.07 ?  831 TYR A CE1 1 
ATOM   350 C CE2 . TYR A 1 38 ? 1.797   5.455   1.552   1.00 12.21 ?  831 TYR A CE2 1 
ATOM   351 C CZ  . TYR A 1 38 ? 1.636   6.623   2.266   1.00 11.83 ?  831 TYR A CZ  1 
ATOM   352 O OH  . TYR A 1 38 ? 2.482   7.704   2.023   1.00 16.11 ?  831 TYR A OH  1 
ATOM   353 N N   . GLU A 1 39 ? -3.520  2.392   4.689   1.00 6.92  ?  832 GLU A N   1 
ATOM   354 C CA  . GLU A 1 39 ? -4.724  1.619   4.446   1.00 7.48  ?  832 GLU A CA  1 
ATOM   355 C C   . GLU A 1 39 ? -5.298  2.059   3.118   1.00 8.13  ?  832 GLU A C   1 
ATOM   356 O O   . GLU A 1 39 ? -5.466  3.269   2.873   1.00 8.27  ?  832 GLU A O   1 
ATOM   357 C CB  . GLU A 1 39 ? -5.757  1.834   5.539   1.00 7.51  ?  832 GLU A CB  1 
ATOM   358 C CG  . GLU A 1 39 ? -7.044  1.058   5.300   1.00 9.26  ?  832 GLU A CG  1 
ATOM   359 C CD  . GLU A 1 39 ? -8.094  1.357   6.343   1.00 14.77 ?  832 GLU A CD  1 
ATOM   360 O OE1 . GLU A 1 39 ? -8.008  0.766   7.433   1.00 23.12 ?  832 GLU A OE1 1 
ATOM   361 O OE2 . GLU A 1 39 ? -9.006  2.167   6.063   1.00 23.58 ?  832 GLU A OE2 1 
ATOM   362 N N   . GLY A 1 40 ? -5.580  1.102   2.239   1.00 9.45  ?  833 GLY A N   1 
ATOM   363 C CA  . GLY A 1 40 ? -6.048  1.406   0.898   1.00 9.08  ?  833 GLY A CA  1 
ATOM   364 C C   . GLY A 1 40 ? -6.805  0.259   0.286   1.00 8.88  ?  833 GLY A C   1 
ATOM   365 O O   . GLY A 1 40 ? -7.125  -0.714  0.978   1.00 11.32 ?  833 GLY A O   1 
ATOM   366 N N   . GLU A 1 41 ? -7.094  0.366   -1.005  1.00 9.02  ?  834 GLU A N   1 
ATOM   367 C CA  . GLU A 1 41 ? -7.893  -0.625  -1.714  1.00 8.81  ?  834 GLU A CA  1 
ATOM   368 C C   . GLU A 1 41 ? -7.282  -0.999  -3.037  1.00 7.97  ?  834 GLU A C   1 
ATOM   369 O O   . GLU A 1 41 ? -6.655  -0.176  -3.716  1.00 9.04  ?  834 GLU A O   1 
ATOM   370 C CB  . GLU A 1 41 ? -9.287  -0.098  -2.019  1.00 13.52 ?  834 GLU A CB  1 
ATOM   371 C CG  . GLU A 1 41 ? -10.294 -0.211  -0.924  1.00 16.45 ?  834 GLU A CG  1 
ATOM   372 C CD  . GLU A 1 41 ? -11.634 0.372   -1.319  1.00 19.26 ?  834 GLU A CD  1 
ATOM   373 O OE1 . GLU A 1 41 ? -11.795 0.827   -2.476  1.00 22.90 ?  834 GLU A OE1 1 
ATOM   374 O OE2 . GLU A 1 41 ? -12.531 0.407   -0.457  1.00 22.38 ?  834 GLU A OE2 1 
ATOM   375 N N   . HIS A 1 42 ? -7.479  -2.256  -3.419  1.00 8.69  ?  835 HIS A N   1 
ATOM   376 C CA  . HIS A 1 42 ? -7.178  -2.728  -4.758  1.00 8.40  ?  835 HIS A CA  1 
ATOM   377 C C   . HIS A 1 42 ? -8.352  -3.582  -5.211  1.00 6.86  ?  835 HIS A C   1 
ATOM   378 O O   . HIS A 1 42 ? -8.742  -4.503  -4.505  1.00 8.03  ?  835 HIS A O   1 
ATOM   379 C CB  . HIS A 1 42 ? -5.894  -3.529  -4.737  1.00 8.53  ?  835 HIS A CB  1 
ATOM   380 C CG  . HIS A 1 42 ? -5.371  -3.904  -6.083  1.00 8.51  ?  835 HIS A CG  1 
ATOM   381 N ND1 . HIS A 1 42 ? -5.400  -3.066  -7.176  1.00 10.53 ?  835 HIS A ND1 1 
ATOM   382 C CD2 . HIS A 1 42 ? -4.719  -5.017  -6.480  1.00 9.72  ?  835 HIS A CD2 1 
ATOM   383 C CE1 . HIS A 1 42 ? -4.822  -3.671  -8.202  1.00 8.85  ?  835 HIS A CE1 1 
ATOM   384 N NE2 . HIS A 1 42 ? -4.399  -4.855  -7.801  1.00 10.78 ?  835 HIS A NE2 1 
ATOM   385 N N   . HIS A 1 43 ? -8.930  -3.275  -6.359  1.00 7.90  ?  836 HIS A N   1 
ATOM   386 C CA  . HIS A 1 43 ? -10.144 -3.924  -6.846  1.00 8.42  ?  836 HIS A CA  1 
ATOM   387 C C   . HIS A 1 43 ? -11.244 -3.998  -5.776  1.00 8.69  ?  836 HIS A C   1 
ATOM   388 O O   . HIS A 1 43 ? -11.953 -5.001  -5.666  1.00 10.87 ?  836 HIS A O   1 
ATOM   389 C CB  . HIS A 1 43 ? -9.789  -5.310  -7.408  1.00 8.17  ?  836 HIS A CB  1 
ATOM   390 C CG  . HIS A 1 43 ? -8.808  -5.235  -8.536  1.00 9.30  ?  836 HIS A CG  1 
ATOM   391 N ND1 . HIS A 1 43 ? -9.002  -4.410  -9.622  1.00 10.21 ?  836 HIS A ND1 1 
ATOM   392 C CD2 . HIS A 1 43 ? -7.603  -5.821  -8.719  1.00 11.16 ?  836 HIS A CD2 1 
ATOM   393 C CE1 . HIS A 1 43 ? -7.971  -4.514  -10.443 1.00 10.85 ?  836 HIS A CE1 1 
ATOM   394 N NE2 . HIS A 1 43 ? -7.104  -5.354  -9.910  1.00 11.83 ?  836 HIS A NE2 1 
ATOM   395 N N   . GLY A 1 44 ? -11.372 -2.916  -5.008  1.00 9.85  ?  837 GLY A N   1 
ATOM   396 C CA  . GLY A 1 44 ? -12.409 -2.773  -4.002  1.00 8.96  ?  837 GLY A CA  1 
ATOM   397 C C   . GLY A 1 44 ? -12.176 -3.476  -2.671  1.00 10.07 ?  837 GLY A C   1 
ATOM   398 O O   . GLY A 1 44 ? -12.988 -3.329  -1.748  1.00 14.33 ?  837 GLY A O   1 
ATOM   399 N N   . ARG A 1 45 ? -11.080 -4.226  -2.558  1.00 9.13  ?  838 ARG A N   1 
ATOM   400 C CA  A ARG A 1 45 ? -10.739 -4.902  -1.316  0.50 7.91  ?  838 ARG A CA  1 
ATOM   401 C CA  B ARG A 1 45 ? -10.696 -4.925  -1.321  0.50 8.24  ?  838 ARG A CA  1 
ATOM   402 C C   . ARG A 1 45 ? -9.802  -4.026  -0.483  1.00 8.05  ?  838 ARG A C   1 
ATOM   403 O O   . ARG A 1 45 ? -8.764  -3.567  -0.980  1.00 8.05  ?  838 ARG A O   1 
ATOM   404 C CB  A ARG A 1 45 ? -10.086 -6.243  -1.617  0.50 7.32  ?  838 ARG A CB  1 
ATOM   405 C CB  B ARG A 1 45 ? -9.915  -6.211  -1.634  0.50 8.58  ?  838 ARG A CB  1 
ATOM   406 C CG  A ARG A 1 45 ? -9.954  -7.152  -0.406  0.50 6.39  ?  838 ARG A CG  1 
ATOM   407 C CG  B ARG A 1 45 ? -9.288  -6.873  -0.405  0.50 9.63  ?  838 ARG A CG  1 
ATOM   408 C CD  A ARG A 1 45 ? -9.155  -8.391  -0.770  0.50 6.74  ?  838 ARG A CD  1 
ATOM   409 C CD  B ARG A 1 45 ? -8.651  -8.226  -0.709  0.50 9.94  ?  838 ARG A CD  1 
ATOM   410 N NE  A ARG A 1 45 ? -8.152  -8.748  0.226   0.50 7.20  ?  838 ARG A NE  1 
ATOM   411 N NE  B ARG A 1 45 ? -9.503  -9.113  -1.503  0.50 9.96  ?  838 ARG A NE  1 
ATOM   412 C CZ  A ARG A 1 45 ? -7.281  -9.745  0.075   0.50 7.09  ?  838 ARG A CZ  1 
ATOM   413 C CZ  B ARG A 1 45 ? -9.125  -10.309 -1.938  0.50 8.77  ?  838 ARG A CZ  1 
ATOM   414 N NH1 A ARG A 1 45 ? -6.405  -10.008 1.021   0.50 8.62  ?  838 ARG A NH1 1 
ATOM   415 N NH1 B ARG A 1 45 ? -7.905  -10.752 -1.665  0.50 6.41  ?  838 ARG A NH1 1 
ATOM   416 N NH2 A ARG A 1 45 ? -7.295  -10.488 -1.027  0.50 4.73  ?  838 ARG A NH2 1 
ATOM   417 N NH2 B ARG A 1 45 ? -9.962  -11.048 -2.660  0.50 7.21  ?  838 ARG A NH2 1 
ATOM   418 N N   . VAL A 1 46 ? -10.182 -3.795  0.771   1.00 9.05  ?  839 VAL A N   1 
ATOM   419 C CA  . VAL A 1 46 ? -9.410  -2.974  1.696   1.00 9.63  ?  839 VAL A CA  1 
ATOM   420 C C   . VAL A 1 46 ? -8.375  -3.772  2.490   1.00 8.17  ?  839 VAL A C   1 
ATOM   421 O O   . VAL A 1 46 ? -8.636  -4.906  2.933   1.00 10.18 ?  839 VAL A O   1 
ATOM   422 C CB  . VAL A 1 46 ? -10.318 -2.240  2.711   1.00 12.95 ?  839 VAL A CB  1 
ATOM   423 C CG1 . VAL A 1 46 ? -9.528  -1.201  3.499   1.00 14.36 ?  839 VAL A CG1 1 
ATOM   424 C CG2 . VAL A 1 46 ? -11.493 -1.584  2.017   1.00 16.22 ?  839 VAL A CG2 1 
ATOM   425 N N   . GLY A 1 47 ? -7.201  -3.187  2.682   1.00 8.19  ?  840 GLY A N   1 
ATOM   426 C CA  . GLY A 1 47 ? -6.180  -3.719  3.577   1.00 7.54  ?  840 GLY A CA  1 
ATOM   427 C C   . GLY A 1 47 ? -5.018  -2.771  3.721   1.00 6.40  ?  840 GLY A C   1 
ATOM   428 O O   . GLY A 1 47 ? -5.089  -1.640  3.209   1.00 9.32  ?  840 GLY A O   1 
ATOM   429 N N   . ILE A 1 48 ? -3.949  -3.199  4.382   1.00 6.11  ?  841 ILE A N   1 
ATOM   430 C CA  . ILE A 1 48 ? -2.800  -2.339  4.620   1.00 6.73  ?  841 ILE A CA  1 
ATOM   431 C C   . ILE A 1 48 ? -1.577  -2.794  3.848   1.00 7.01  ?  841 ILE A C   1 
ATOM   432 O O   . ILE A 1 48 ? -1.380  -3.984  3.604   1.00 7.70  ?  841 ILE A O   1 
ATOM   433 C CB  . ILE A 1 48 ? -2.497  -2.171  6.127   1.00 6.78  ?  841 ILE A CB  1 
ATOM   434 C CG1 . ILE A 1 48 ? -2.099  -3.495  6.802   1.00 7.81  ?  841 ILE A CG1 1 
ATOM   435 C CG2 . ILE A 1 48 ? -3.717  -1.599  6.831   1.00 7.32  ?  841 ILE A CG2 1 
ATOM   436 C CD1 . ILE A 1 48 ? -1.482  -3.306  8.173   1.00 8.44  ?  841 ILE A CD1 1 
ATOM   437 N N   . PHE A 1 49 ? -0.746  -1.840  3.448   1.00 7.14  ?  842 PHE A N   1 
ATOM   438 C CA  . PHE A 1 49 ? 0.472   -2.153  2.733   1.00 7.00  ?  842 PHE A CA  1 
ATOM   439 C C   . PHE A 1 49 ? 1.531   -1.106  3.060   1.00 6.81  ?  842 PHE A C   1 
ATOM   440 O O   . PHE A 1 49 ? 1.192   -0.023  3.559   1.00 7.56  ?  842 PHE A O   1 
ATOM   441 C CB  . PHE A 1 49 ? 0.228   -2.249  1.220   1.00 7.75  ?  842 PHE A CB  1 
ATOM   442 C CG  . PHE A 1 49 ? -0.604  -1.124  0.672   1.00 7.62  ?  842 PHE A CG  1 
ATOM   443 C CD1 . PHE A 1 49 ? -0.020  0.081   0.283   1.00 7.43  ?  842 PHE A CD1 1 
ATOM   444 C CD2 . PHE A 1 49 ? -1.976  -1.243  0.562   1.00 8.65  ?  842 PHE A CD2 1 
ATOM   445 C CE1 . PHE A 1 49 ? -0.780  1.122   -0.221  1.00 7.80  ?  842 PHE A CE1 1 
ATOM   446 C CE2 . PHE A 1 49 ? -2.751  -0.195  0.069   1.00 8.36  ?  842 PHE A CE2 1 
ATOM   447 C CZ  . PHE A 1 49 ? -2.149  0.988   -0.323  1.00 8.51  ?  842 PHE A CZ  1 
ATOM   448 N N   . PRO A 1 50 ? 2.813   -1.426  2.800   1.00 6.25  ?  843 PRO A N   1 
ATOM   449 C CA  . PRO A 1 50 ? 3.895   -0.515  3.189   1.00 6.69  ?  843 PRO A CA  1 
ATOM   450 C C   . PRO A 1 50 ? 4.014   0.752   2.333   1.00 7.39  ?  843 PRO A C   1 
ATOM   451 O O   . PRO A 1 50 ? 3.991   0.693   1.115   1.00 7.17  ?  843 PRO A O   1 
ATOM   452 C CB  . PRO A 1 50 ? 5.154   -1.374  3.023   1.00 6.56  ?  843 PRO A CB  1 
ATOM   453 C CG  . PRO A 1 50 ? 4.655   -2.794  3.055   1.00 6.22  ?  843 PRO A CG  1 
ATOM   454 C CD  . PRO A 1 50 ? 3.358   -2.731  2.339   1.00 6.46  ?  843 PRO A CD  1 
ATOM   455 N N   . ARG A 1 51 ? 4.173   1.872   3.018   1.00 7.41  ?  844 ARG A N   1 
ATOM   456 C CA  . ARG A 1 51 ? 4.476   3.176   2.424   1.00 7.99  ?  844 ARG A CA  1 
ATOM   457 C C   . ARG A 1 51 ? 5.615   3.105   1.417   1.00 8.10  ?  844 ARG A C   1 
ATOM   458 O O   . ARG A 1 51 ? 5.513   3.663   0.317   1.00 9.85  ?  844 ARG A O   1 
ATOM   459 C CB  . ARG A 1 51 ? 4.851   4.145   3.568   1.00 9.51  ?  844 ARG A CB  1 
ATOM   460 C CG  . ARG A 1 51 ? 5.318   5.523   3.177   1.00 10.78 ?  844 ARG A CG  1 
ATOM   461 C CD  . ARG A 1 51 ? 5.394   6.437   4.393   1.00 14.63 ?  844 ARG A CD  1 
ATOM   462 N NE  . ARG A 1 51 ? 6.246   5.913   5.446   1.00 11.14 ?  844 ARG A NE  1 
ATOM   463 C CZ  . ARG A 1 51 ? 7.575   5.900   5.444   1.00 12.64 ?  844 ARG A CZ  1 
ATOM   464 N NH1 . ARG A 1 51 ? 8.268   6.391   4.418   1.00 12.52 ?  844 ARG A NH1 1 
ATOM   465 N NH2 . ARG A 1 51 ? 8.217   5.378   6.482   1.00 13.67 ?  844 ARG A NH2 1 
ATOM   466 N N   . THR A 1 52 ? 6.692   2.421   1.787   1.00 7.84  ?  845 THR A N   1 
ATOM   467 C CA  . THR A 1 52 ? 7.885   2.422   0.956   1.00 8.31  ?  845 THR A CA  1 
ATOM   468 C C   . THR A 1 52 ? 7.765   1.507   -0.266  1.00 7.60  ?  845 THR A C   1 
ATOM   469 O O   . THR A 1 52 ? 8.652   1.507   -1.133  1.00 9.54  ?  845 THR A O   1 
ATOM   470 C CB  . THR A 1 52 ? 9.119   2.018   1.755   1.00 8.26  ?  845 THR A CB  1 
ATOM   471 O OG1 . THR A 1 52 ? 8.903   0.700   2.277   1.00 10.04 ?  845 THR A OG1 1 
ATOM   472 C CG2 . THR A 1 52 ? 9.391   2.996   2.891   1.00 9.13  ?  845 THR A CG2 1 
ATOM   473 N N   . TYR A 1 53 ? 6.702   0.713   -0.352  1.00 7.87  ?  846 TYR A N   1 
ATOM   474 C CA  . TYR A 1 53 ? 6.537   -0.182  -1.494  1.00 7.81  ?  846 TYR A CA  1 
ATOM   475 C C   . TYR A 1 53 ? 5.718   0.401   -2.631  1.00 7.69  ?  846 TYR A C   1 
ATOM   476 O O   . TYR A 1 53 ? 5.586   -0.225  -3.691  1.00 8.55  ?  846 TYR A O   1 
ATOM   477 C CB  . TYR A 1 53 ? 5.923   -1.514  -1.045  1.00 7.14  ?  846 TYR A CB  1 
ATOM   478 C CG  . TYR A 1 53 ? 6.890   -2.486  -0.389  1.00 6.78  ?  846 TYR A CG  1 
ATOM   479 C CD1 . TYR A 1 53 ? 7.678   -2.102  0.672   1.00 6.56  ?  846 TYR A CD1 1 
ATOM   480 C CD2 . TYR A 1 53 ? 6.965   -3.829  -0.798  1.00 6.91  ?  846 TYR A CD2 1 
ATOM   481 C CE1 . TYR A 1 53 ? 8.541   -2.994  1.301   1.00 6.84  ?  846 TYR A CE1 1 
ATOM   482 C CE2 . TYR A 1 53 ? 7.831   -4.710  -0.190  1.00 8.87  ?  846 TYR A CE2 1 
ATOM   483 C CZ  . TYR A 1 53 ? 8.618   -4.298  0.858   1.00 8.64  ?  846 TYR A CZ  1 
ATOM   484 O OH  . TYR A 1 53 ? 9.480   -5.202  1.464   1.00 12.78 ?  846 TYR A OH  1 
ATOM   485 N N   . ILE A 1 54 ? 5.221   1.636   -2.447  1.00 7.04  ?  847 ILE A N   1 
ATOM   486 C CA  . ILE A 1 54 ? 4.404   2.288   -3.457  1.00 7.32  ?  847 ILE A CA  1 
ATOM   487 C C   . ILE A 1 54 ? 5.004   3.665   -3.812  1.00 6.88  ?  847 ILE A C   1 
ATOM   488 O O   . ILE A 1 54 ? 5.872   4.179   -3.107  1.00 7.75  ?  847 ILE A O   1 
ATOM   489 C CB  . ILE A 1 54 ? 2.920   2.410   -3.008  1.00 6.83  ?  847 ILE A CB  1 
ATOM   490 C CG1 . ILE A 1 54 ? 2.723   3.362   -1.800  1.00 6.87  ?  847 ILE A CG1 1 
ATOM   491 C CG2 . ILE A 1 54 ? 2.338   1.027   -2.687  1.00 6.65  ?  847 ILE A CG2 1 
ATOM   492 C CD1 . ILE A 1 54 ? 2.847   4.854   -2.084  1.00 7.08  ?  847 ILE A CD1 1 
ATOM   493 N N   . GLU A 1 55 ? 4.553   4.193   -4.936  1.00 7.03  ?  848 GLU A N   1 
ATOM   494 C CA  A GLU A 1 55 ? 4.826   5.586   -5.306  0.50 6.45  ?  848 GLU A CA  1 
ATOM   495 C CA  B GLU A 1 55 ? 4.837   5.585   -5.338  0.50 6.41  ?  848 GLU A CA  1 
ATOM   496 C C   . GLU A 1 55 ? 3.503   6.298   -5.497  1.00 6.70  ?  848 GLU A C   1 
ATOM   497 O O   . GLU A 1 55 ? 2.598   5.776   -6.145  1.00 8.45  ?  848 GLU A O   1 
ATOM   498 C CB  A GLU A 1 55 ? 5.645   5.659   -6.587  0.50 8.38  ?  848 GLU A CB  1 
ATOM   499 C CB  B GLU A 1 55 ? 5.627   5.629   -6.656  0.50 5.85  ?  848 GLU A CB  1 
ATOM   500 C CG  A GLU A 1 55 ? 4.915   5.173   -7.829  0.50 10.29 ?  848 GLU A CG  1 
ATOM   501 C CG  B GLU A 1 55 ? 6.244   6.989   -7.006  0.50 6.75  ?  848 GLU A CG  1 
ATOM   502 C CD  A GLU A 1 55 ? 5.813   5.095   -9.041  0.50 13.11 ?  848 GLU A CD  1 
ATOM   503 C CD  B GLU A 1 55 ? 7.108   6.964   -8.262  0.50 9.92  ?  848 GLU A CD  1 
ATOM   504 O OE1 A GLU A 1 55 ? 5.579   4.210   -9.891  0.50 17.21 ?  848 GLU A OE1 1 
ATOM   505 O OE1 B GLU A 1 55 ? 6.686   7.543   -9.285  0.50 13.74 ?  848 GLU A OE1 1 
ATOM   506 O OE2 A GLU A 1 55 ? 6.748   5.921   -9.135  0.50 16.23 ?  848 GLU A OE2 1 
ATOM   507 O OE2 B GLU A 1 55 ? 8.212   6.380   -8.238  0.50 13.10 ?  848 GLU A OE2 1 
ATOM   508 N N   . LEU A 1 56 ? 3.390   7.497   -4.914  1.00 6.82  ?  849 LEU A N   1 
ATOM   509 C CA  . LEU A 1 56 ? 2.174   8.284   -5.015  1.00 6.82  ?  849 LEU A CA  1 
ATOM   510 C C   . LEU A 1 56 ? 2.105   8.859   -6.430  1.00 6.75  ?  849 LEU A C   1 
ATOM   511 O O   . LEU A 1 56 ? 3.086   9.415   -6.921  1.00 8.73  ?  849 LEU A O   1 
ATOM   512 C CB  . LEU A 1 56 ? 2.152   9.374   -3.930  1.00 7.16  ?  849 LEU A CB  1 
ATOM   513 C CG  . LEU A 1 56 ? 2.038   8.833   -2.497  1.00 8.07  ?  849 LEU A CG  1 
ATOM   514 C CD1 . LEU A 1 56 ? 2.352   9.909   -1.473  1.00 6.82  ?  849 LEU A CD1 1 
ATOM   515 C CD2 . LEU A 1 56 ? 0.649   8.270   -2.234  1.00 8.80  ?  849 LEU A CD2 1 
ATOM   516 N N   . LEU A 1 57 ? 0.970   8.692   -7.082  1.00 6.94  ?  850 LEU A N   1 
ATOM   517 C CA  . LEU A 1 57 ? 0.785   9.093   -8.473  1.00 7.56  ?  850 LEU A CA  1 
ATOM   518 C C   . LEU A 1 57 ? 0.201   10.504  -8.601  1.00 7.48  ?  850 LEU A C   1 
ATOM   519 O O   . LEU A 1 57 ? -0.597  10.946  -7.771  1.00 7.88  ?  850 LEU A O   1 
ATOM   520 C CB  . LEU A 1 57 ? -0.148  8.132   -9.191  1.00 6.93  ?  850 LEU A CB  1 
ATOM   521 C CG  . LEU A 1 57 ? 0.342   6.695   -9.383  1.00 7.47  ?  850 LEU A CG  1 
ATOM   522 C CD1 . LEU A 1 57 ? -0.799  5.898   -9.970  1.00 8.09  ?  850 LEU A CD1 1 
ATOM   523 C CD2 . LEU A 1 57 ? 1.565   6.642   -10.287 1.00 7.58  ?  850 LEU A CD2 1 
ATOM   524 N N   . PRO A 1 58 ? 0.589   11.225  -9.656  1.00 7.01  ?  851 PRO A N   1 
ATOM   525 C CA  . PRO A 1 58 ? 0.066   12.572  -9.898  1.00 6.93  ?  851 PRO A CA  1 
ATOM   526 C C   . PRO A 1 58 ? -1.359  12.566  -10.430 1.00 7.97  ?  851 PRO A C   1 
ATOM   527 O O   . PRO A 1 58 ? -1.827  11.559  -10.957 1.00 10.53 ?  851 PRO A O   1 
ATOM   528 C CB  . PRO A 1 58 ? 1.011   13.107  -10.965 1.00 6.98  ?  851 PRO A CB  1 
ATOM   529 C CG  . PRO A 1 58 ? 1.443   11.910  -11.707 1.00 7.93  ?  851 PRO A CG  1 
ATOM   530 C CD  . PRO A 1 58 ? 1.590   10.852  -10.666 1.00 6.44  ?  851 PRO A CD  1 
ATOM   531 N N   . PRO A 1 59 ? -2.074  13.688  -10.299 1.00 9.59  ?  852 PRO A N   1 
ATOM   532 C CA  . PRO A 1 59 ? -3.429  13.779  -10.830 1.00 11.79 ?  852 PRO A CA  1 
ATOM   533 C C   . PRO A 1 59 ? -3.505  13.688  -12.342 1.00 14.88 ?  852 PRO A C   1 
ATOM   534 O O   . PRO A 1 59 ? -2.630  14.201  -13.050 1.00 17.59 ?  852 PRO A O   1 
ATOM   535 C CB  . PRO A 1 59 ? -3.897  15.176  -10.384 1.00 10.49 ?  852 PRO A CB  1 
ATOM   536 C CG  . PRO A 1 59 ? -2.639  15.924  -10.164 1.00 10.44 ?  852 PRO A CG  1 
ATOM   537 C CD  . PRO A 1 59 ? -1.639  14.938  -9.661  1.00 8.88  ?  852 PRO A CD  1 
ATOM   538 N N   . ALA A 1 60 ? -4.591  13.077  -12.815 1.00 18.76 ?  853 ALA A N   1 
ATOM   539 C CA  . ALA A 1 60 ? -4.885  12.979  -14.241 1.00 21.33 ?  853 ALA A CA  1 
ATOM   540 C C   . ALA A 1 60 ? -5.410  14.305  -14.808 1.00 23.18 ?  853 ALA A C   1 
ATOM   541 O O   . ALA A 1 60 ? -6.224  14.978  -14.182 1.00 26.88 ?  853 ALA A O   1 
ATOM   542 C CB  . ALA A 1 60 ? -5.897  11.865  -14.482 1.00 23.09 ?  853 ALA A CB  1 
ATOM   543 N N   . GLU A 1 61 ? -4.939  14.654  -16.003 1.00 24.27 ?  854 GLU A N   1 
ATOM   544 C CA  . GLU A 1 61 ? -5.418  15.822  -16.734 1.00 17.60 ?  854 GLU A CA  1 
ATOM   545 C C   . GLU A 1 61 ? -6.922  15.772  -16.954 1.00 21.33 ?  854 GLU A C   1 
ATOM   546 O O   . GLU A 1 61 ? -7.430  14.962  -17.719 1.00 23.77 ?  854 GLU A O   1 
ATOM   547 C CB  . GLU A 1 61 ? -4.697  15.951  -18.067 1.00 18.40 ?  854 GLU A CB  1 
ATOM   548 C CG  . GLU A 1 61 ? -5.138  17.158  -18.890 1.00 28.05 ?  854 GLU A CG  1 
ATOM   549 C CD  . GLU A 1 61 ? -4.143  17.552  -19.968 1.00 37.91 ?  854 GLU A CD  1 
ATOM   550 O OE1 . GLU A 1 61 ? -4.570  18.194  -20.953 1.00 52.42 ?  854 GLU A OE1 1 
ATOM   551 O OE2 . GLU A 1 61 ? -2.939  17.229  -19.837 1.00 45.92 ?  854 GLU A OE2 1 
ATOM   552 N N   . VAL B 2 1  ? 16.082  -7.233  -2.954  1.00 36.07 ?  870 VAL B N   1 
ATOM   553 C CA  . VAL B 2 1  ? 15.571  -6.220  -3.937  1.00 31.13 ?  870 VAL B CA  1 
ATOM   554 C C   . VAL B 2 1  ? 14.499  -5.269  -3.391  1.00 29.20 ?  870 VAL B C   1 
ATOM   555 O O   . VAL B 2 1  ? 14.612  -4.057  -3.602  1.00 30.32 ?  870 VAL B O   1 
ATOM   556 C CB  . VAL B 2 1  ? 15.031  -6.885  -5.221  1.00 36.04 ?  870 VAL B CB  1 
ATOM   557 N N   . PRO B 2 2  ? 13.451  -5.797  -2.710  1.00 25.16 ?  871 PRO B N   1 
ATOM   558 C CA  . PRO B 2 2  ? 12.496  -4.830  -2.173  1.00 20.57 ?  871 PRO B CA  1 
ATOM   559 C C   . PRO B 2 2  ? 13.043  -4.129  -0.945  1.00 17.52 ?  871 PRO B C   1 
ATOM   560 O O   . PRO B 2 2  ? 14.022  -4.595  -0.362  1.00 19.14 ?  871 PRO B O   1 
ATOM   561 C CB  . PRO B 2 2  ? 11.294  -5.693  -1.793  1.00 21.58 ?  871 PRO B CB  1 
ATOM   562 C CG  . PRO B 2 2  ? 11.897  -7.005  -1.437  1.00 23.64 ?  871 PRO B CG  1 
ATOM   563 C CD  . PRO B 2 2  ? 13.041  -7.180  -2.403  1.00 27.15 ?  871 PRO B CD  1 
ATOM   564 N N   . PRO B 2 3  ? 12.414  -3.013  -0.547  1.00 15.09 ?  872 PRO B N   1 
ATOM   565 C CA  . PRO B 2 3  ? 12.884  -2.310  0.641   1.00 14.04 ?  872 PRO B CA  1 
ATOM   566 C C   . PRO B 2 3  ? 12.753  -3.166  1.892   1.00 13.05 ?  872 PRO B C   1 
ATOM   567 O O   . PRO B 2 3  ? 11.948  -4.107  1.911   1.00 12.97 ?  872 PRO B O   1 
ATOM   568 C CB  . PRO B 2 3  ? 11.940  -1.107  0.743   1.00 13.06 ?  872 PRO B CB  1 
ATOM   569 C CG  . PRO B 2 3  ? 11.383  -0.934  -0.625  1.00 12.66 ?  872 PRO B CG  1 
ATOM   570 C CD  . PRO B 2 3  ? 11.273  -2.324  -1.174  1.00 13.22 ?  872 PRO B CD  1 
ATOM   571 N N   . PRO B 2 4  ? 13.532  -2.848  2.940   1.00 12.98 ?  873 PRO B N   1 
ATOM   572 C CA  . PRO B 2 4  ? 13.327  -3.532  4.211   1.00 13.45 ?  873 PRO B CA  1 
ATOM   573 C C   . PRO B 2 4  ? 11.849  -3.517  4.631   1.00 10.71 ?  873 PRO B C   1 
ATOM   574 O O   . PRO B 2 4  ? 11.185  -2.494  4.616   1.00 12.77 ?  873 PRO B O   1 
ATOM   575 C CB  . PRO B 2 4  ? 14.204  -2.736  5.187   1.00 15.89 ?  873 PRO B CB  1 
ATOM   576 C CG  . PRO B 2 4  ? 15.269  -2.141  4.335   1.00 16.97 ?  873 PRO B CG  1 
ATOM   577 C CD  . PRO B 2 4  ? 14.604  -1.837  3.024   1.00 15.76 ?  873 PRO B CD  1 
ATOM   578 N N   . ARG B 2 5  ? 11.336  -4.686  4.952   1.00 11.33 ?  874 ARG B N   1 
ATOM   579 C CA  . ARG B 2 5  ? 9.934   -4.825  5.320   1.00 10.19 ?  874 ARG B CA  1 
ATOM   580 C C   . ARG B 2 5  ? 9.675   -4.219  6.697   1.00 9.72  ?  874 ARG B C   1 
ATOM   581 O O   . ARG B 2 5  ? 10.368  -4.553  7.652   1.00 10.09 ?  874 ARG B O   1 
ATOM   582 C CB  . ARG B 2 5  ? 9.558   -6.307  5.326   1.00 10.77 ?  874 ARG B CB  1 
ATOM   583 C CG  . ARG B 2 5  ? 8.079   -6.588  5.390   1.00 10.00 ?  874 ARG B CG  1 
ATOM   584 C CD  . ARG B 2 5  ? 7.822   -8.082  5.475   1.00 9.79  ?  874 ARG B CD  1 
ATOM   585 N NE  . ARG B 2 5  ? 6.408   -8.343  5.659   1.00 10.31 ?  874 ARG B NE  1 
ATOM   586 C CZ  . ARG B 2 5  ? 5.543   -8.690  4.709   1.00 9.35  ?  874 ARG B CZ  1 
ATOM   587 N NH1 . ARG B 2 5  ? 5.915   -8.851  3.438   1.00 9.01  ?  874 ARG B NH1 1 
ATOM   588 N NH2 . ARG B 2 5  ? 4.276   -8.887  5.038   1.00 9.34  ?  874 ARG B NH2 1 
ATOM   589 N N   . PRO B 2 6  ? 8.685   -3.318  6.795   1.00 8.61  ?  875 PRO B N   1 
ATOM   590 C CA  . PRO B 2 6  ? 8.366   -2.835  8.143   1.00 7.42  ?  875 PRO B CA  1 
ATOM   591 C C   . PRO B 2 6  ? 7.609   -3.886  8.966   1.00 8.80  ?  875 PRO B C   1 
ATOM   592 O O   . PRO B 2 6  ? 6.900   -4.728  8.388   1.00 9.65  ?  875 PRO B O   1 
ATOM   593 C CB  . PRO B 2 6  ? 7.455   -1.641  7.889   1.00 8.88  ?  875 PRO B CB  1 
ATOM   594 C CG  . PRO B 2 6  ? 6.796   -1.945  6.594   1.00 9.54  ?  875 PRO B CG  1 
ATOM   595 C CD  . PRO B 2 6  ? 7.793   -2.730  5.781   1.00 8.89  ?  875 PRO B CD  1 
ATOM   596 N N   . PRO B 2 7  ? 7.755   -3.844  10.303  1.00 8.84  ?  876 PRO B N   1 
ATOM   597 C CA  . PRO B 2 7  ? 6.968   -4.758  11.130  1.00 8.35  ?  876 PRO B CA  1 
ATOM   598 C C   . PRO B 2 7  ? 5.517   -4.299  11.152  1.00 7.98  ?  876 PRO B C   1 
ATOM   599 O O   . PRO B 2 7  ? 5.247   -3.133  10.887  1.00 9.08  ?  876 PRO B O   1 
ATOM   600 C CB  . PRO B 2 7  ? 7.591   -4.592  12.512  1.00 8.14  ?  876 PRO B CB  1 
ATOM   601 C CG  . PRO B 2 7  ? 8.006   -3.159  12.528  1.00 8.57  ?  876 PRO B CG  1 
ATOM   602 C CD  . PRO B 2 7  ? 8.484   -2.860  11.133  1.00 9.40  ?  876 PRO B CD  1 
ATOM   603 N N   . PRO B 2 8  ? 4.583   -5.189  11.482  1.00 9.01  ?  877 PRO B N   1 
ATOM   604 C CA  . PRO B 2 8  ? 3.176   -4.807  11.570  1.00 8.46  ?  877 PRO B CA  1 
ATOM   605 C C   . PRO B 2 8  ? 2.953   -3.664  12.567  1.00 9.90  ?  877 PRO B C   1 
ATOM   606 O O   . PRO B 2 8  ? 3.760   -3.489  13.493  1.00 11.01 ?  877 PRO B O   1 
ATOM   607 C CB  . PRO B 2 8  ? 2.493   -6.088  12.061  1.00 9.47  ?  877 PRO B CB  1 
ATOM   608 C CG  . PRO B 2 8  ? 3.393   -7.182  11.621  1.00 11.92 ?  877 PRO B CG  1 
ATOM   609 C CD  . PRO B 2 8  ? 4.785   -6.632  11.702  1.00 9.89  ?  877 PRO B CD  1 
ATOM   610 N N   . PRO B 2 9  ? 1.872   -2.882  12.384  1.00 9.68  ?  878 PRO B N   1 
ATOM   611 C CA  . PRO B 2 9  ? 1.577   -1.814  13.348  1.00 11.12 ?  878 PRO B CA  1 
ATOM   612 C C   . PRO B 2 9  ? 1.489   -2.303  14.798  1.00 11.97 ?  878 PRO B C   1 
ATOM   613 O O   . PRO B 2 9  ? 1.088   -3.452  15.051  1.00 13.49 ?  878 PRO B O   1 
ATOM   614 C CB  . PRO B 2 9  ? 0.218   -1.291  12.885  1.00 11.26 ?  878 PRO B CB  1 
ATOM   615 C CG  . PRO B 2 9  ? 0.120   -1.654  11.453  1.00 12.37 ?  878 PRO B CG  1 
ATOM   616 C CD  . PRO B 2 9  ? 0.884   -2.936  11.294  1.00 12.37 ?  878 PRO B CD  1 
ATOM   617 N N   A GLU B 2 10 ? 1.889   -1.435  15.728  0.50 12.84 ?  879 GLU B N   1 
ATOM   618 N N   B GLU B 2 10 ? 1.831   -1.427  15.742  0.50 15.59 ?  879 GLU B N   1 
ATOM   619 C CA  A GLU B 2 10 ? 1.864   -1.738  17.159  0.50 12.02 ?  879 GLU B CA  1 
ATOM   620 C CA  B GLU B 2 10 ? 1.653   -1.717  17.167  0.50 19.40 ?  879 GLU B CA  1 
ATOM   621 C C   A GLU B 2 10 ? 0.443   -1.991  17.653  0.50 14.29 ?  879 GLU B C   1 
ATOM   622 C C   B GLU B 2 10 ? 0.186   -1.984  17.490  0.50 19.34 ?  879 GLU B C   1 
ATOM   623 O O   A GLU B 2 10 ? 0.224   -2.833  18.523  0.50 15.60 ?  879 GLU B O   1 
ATOM   624 O O   B GLU B 2 10 ? -0.704  -1.458  16.829  0.50 16.75 ?  879 GLU B O   1 
ATOM   625 C CB  A GLU B 2 10 ? 2.490   -0.592  17.964  0.50 9.54  ?  879 GLU B CB  1 
ATOM   626 C CB  B GLU B 2 10 ? 2.154   -0.552  18.025  0.50 27.50 ?  879 GLU B CB  1 
ATOM   627 C CG  A GLU B 2 10 ? 3.953   -0.323  17.626  0.50 9.13  ?  879 GLU B CG  1 
ATOM   628 C CG  B GLU B 2 10 ? 3.667   -0.390  18.016  0.50 25.49 ?  879 GLU B CG  1 
ATOM   629 C CD  A GLU B 2 10 ? 4.861   -1.463  18.041  0.50 9.99  ?  879 GLU B CD  1 
ATOM   630 C CD  B GLU B 2 10 ? 4.388   -1.666  18.404  0.50 28.35 ?  879 GLU B CD  1 
ATOM   631 O OE1 A GLU B 2 10 ? 4.838   -1.840  19.231  0.50 10.76 ?  879 GLU B OE1 1 
ATOM   632 O OE1 B GLU B 2 10 ? 3.760   -2.522  19.067  0.50 32.58 ?  879 GLU B OE1 1 
ATOM   633 O OE2 A GLU B 2 10 ? 5.599   -1.976  17.177  0.50 10.09 ?  879 GLU B OE2 1 
ATOM   634 O OE2 B GLU B 2 10 ? 5.578   -1.811  18.046  0.50 30.11 ?  879 GLU B OE2 1 
HETATM 635 O O   . HOH C 3 .  ? 5.307   10.894  -6.239  1.00 13.41 ?  901 HOH A O   1 
HETATM 636 O O   . HOH C 3 .  ? -1.248  10.331  -5.152  1.00 9.92  ?  902 HOH A O   1 
HETATM 637 O O   . HOH C 3 .  ? 6.885   1.286   4.625   1.00 12.51 ?  903 HOH A O   1 
HETATM 638 O O   . HOH C 3 .  ? -10.019 -0.457  -5.671  1.00 13.08 ?  904 HOH A O   1 
HETATM 639 O O   . HOH C 3 .  ? 8.995   -6.859  -7.173  1.00 17.94 ?  905 HOH A O   1 
HETATM 640 O O   . HOH C 3 .  ? 3.835   -8.640  8.055   1.00 12.91 ?  906 HOH A O   1 
HETATM 641 O O   . HOH C 3 .  ? 7.034   -9.147  0.171   1.00 15.83 ?  907 HOH A O   1 
HETATM 642 O O   . HOH C 3 .  ? 1.289   -14.447 1.136   1.00 23.76 ?  908 HOH A O   1 
HETATM 643 O O   . HOH C 3 .  ? 5.084   -0.206  11.478  1.00 13.85 ?  909 HOH A O   1 
HETATM 644 O O   . HOH C 3 .  ? 4.463   3.811   13.750  1.00 12.91 ?  910 HOH A O   1 
HETATM 645 O O   . HOH C 3 .  ? -11.555 -3.583  -10.480 1.00 14.40 ?  911 HOH A O   1 
HETATM 646 O O   . HOH C 3 .  ? 1.856   5.193   -13.591 1.00 16.45 ?  912 HOH A O   1 
HETATM 647 O O   . HOH C 3 .  ? -6.187  12.436  -4.741  1.00 14.11 ?  913 HOH A O   1 
HETATM 648 O O   . HOH C 3 .  ? 2.238   1.270   14.913  1.00 16.66 ?  914 HOH A O   1 
HETATM 649 O O   . HOH C 3 .  ? -3.710  9.873   6.971   1.00 16.36 ?  915 HOH A O   1 
HETATM 650 O O   . HOH C 3 .  ? -3.851  -12.407 10.580  1.00 19.40 ?  916 HOH A O   1 
HETATM 651 O O   . HOH C 3 .  ? -0.968  -6.737  9.938   1.00 16.41 ?  917 HOH A O   1 
HETATM 652 O O   . HOH C 3 .  ? 8.512   -7.853  2.027   1.00 16.70 ?  918 HOH A O   1 
HETATM 653 O O   . HOH C 3 .  ? 5.811   -0.154  -10.919 1.00 24.70 ?  919 HOH A O   1 
HETATM 654 O O   . HOH C 3 .  ? -2.381  -12.115 -9.568  1.00 19.06 ?  920 HOH A O   1 
HETATM 655 O O   . HOH C 3 .  ? -0.996  5.795   -13.759 1.00 19.16 ?  921 HOH A O   1 
HETATM 656 O O   . HOH C 3 .  ? -2.091  -8.056  -7.109  1.00 17.75 ?  922 HOH A O   1 
HETATM 657 O O   . HOH C 3 .  ? 10.780  3.030   -1.704  1.00 28.86 ?  923 HOH A O   1 
HETATM 658 O O   . HOH C 3 .  ? 7.861   -8.652  -8.955  1.00 19.68 ?  924 HOH A O   1 
HETATM 659 O O   . HOH C 3 .  ? 4.175   -10.594 10.000  1.00 24.06 ?  925 HOH A O   1 
HETATM 660 O O   . HOH C 3 .  ? -12.509 -5.310  1.699   1.00 23.86 ?  926 HOH A O   1 
HETATM 661 O O   . HOH C 3 .  ? 4.610   8.910   -9.432  1.00 20.97 ?  927 HOH A O   1 
HETATM 662 O O   . HOH C 3 .  ? 9.078   -7.867  -3.196  1.00 25.08 ?  928 HOH A O   1 
HETATM 663 O O   . HOH C 3 .  ? -10.469 1.998   -4.549  1.00 14.52 ?  929 HOH A O   1 
HETATM 664 O O   . HOH C 3 .  ? -15.092 4.230   0.121   1.00 21.53 ?  930 HOH A O   1 
HETATM 665 O O   . HOH C 3 .  ? 2.292   -15.523 7.528   1.00 26.92 ?  931 HOH A O   1 
HETATM 666 O O   . HOH C 3 .  ? 10.858  -0.861  -8.767  1.00 31.21 ?  932 HOH A O   1 
HETATM 667 O O   . HOH C 3 .  ? 10.723  -7.800  -5.244  1.00 34.05 ?  933 HOH A O   1 
HETATM 668 O O   . HOH C 3 .  ? -12.930 -2.289  -8.403  1.00 13.03 ?  934 HOH A O   1 
HETATM 669 O O   . HOH C 3 .  ? 6.537   9.566   6.097   1.00 22.38 ?  935 HOH A O   1 
HETATM 670 O O   . HOH C 3 .  ? 8.843   9.882   4.186   1.00 30.79 ?  936 HOH A O   1 
HETATM 671 O O   . HOH C 3 .  ? 4.189   6.115   16.060  1.00 20.67 ?  937 HOH A O   1 
HETATM 672 O O   . HOH C 3 .  ? -3.993  -2.533  -11.072 1.00 18.42 ?  938 HOH A O   1 
HETATM 673 O O   . HOH C 3 .  ? -6.964  -7.252  2.235   1.00 16.73 ?  939 HOH A O   1 
HETATM 674 O O   . HOH C 3 .  ? -0.952  9.492   -12.783 1.00 27.01 ?  940 HOH A O   1 
HETATM 675 O O   . HOH C 3 .  ? 0.795   -15.452 3.093   1.00 24.72 ?  941 HOH A O   1 
HETATM 676 O O   . HOH C 3 .  ? 2.735   3.503   16.542  1.00 28.76 ?  942 HOH A O   1 
HETATM 677 O O   . HOH C 3 .  ? 1.696   8.968   -13.662 1.00 21.16 ?  943 HOH A O   1 
HETATM 678 O O   . HOH C 3 .  ? 4.097   8.612   -12.159 1.00 27.77 ?  944 HOH A O   1 
HETATM 679 O O   . HOH C 3 .  ? -11.909 -7.731  -5.664  1.00 28.96 ?  945 HOH A O   1 
HETATM 680 O O   . HOH C 3 .  ? 2.244   8.060   11.637  1.00 20.98 ?  946 HOH A O   1 
HETATM 681 O O   . HOH C 3 .  ? 3.294   -11.324 -4.938  1.00 41.97 ?  947 HOH A O   1 
HETATM 682 O O   . HOH C 3 .  ? 1.123   -10.878 -3.673  1.00 37.47 ?  948 HOH A O   1 
HETATM 683 O O   . HOH C 3 .  ? -6.821  -4.078  7.047   1.00 23.29 ?  949 HOH A O   1 
HETATM 684 O O   . HOH C 3 .  ? 9.262   1.559   6.122   1.00 19.87 ?  950 HOH A O   1 
HETATM 685 O O   . HOH C 3 .  ? 6.185   -15.405 -5.568  1.00 55.16 ?  951 HOH A O   1 
HETATM 686 O O   . HOH C 3 .  ? 8.544   -11.041 7.860   1.00 37.36 ?  952 HOH A O   1 
HETATM 687 O O   . HOH C 3 .  ? -2.645  -7.308  -10.775 1.00 28.92 ?  953 HOH A O   1 
HETATM 688 O O   . HOH C 3 .  ? -15.558 -1.846  -2.149  1.00 40.58 ?  954 HOH A O   1 
HETATM 689 O O   . HOH C 3 .  ? -4.434  -11.107 1.465   1.00 23.17 ?  955 HOH A O   1 
HETATM 690 O O   . HOH C 3 .  ? -3.503  -6.962  -4.965  1.00 14.60 ?  956 HOH A O   1 
HETATM 691 O O   . HOH C 3 .  ? 4.149   4.855   -12.205 1.00 25.77 ?  957 HOH A O   1 
HETATM 692 O O   . HOH C 3 .  ? 5.311   6.455   -0.092  1.00 32.76 ?  958 HOH A O   1 
HETATM 693 O O   . HOH C 3 .  ? -3.866  3.484   13.193  1.00 33.12 ?  959 HOH A O   1 
HETATM 694 O O   . HOH C 3 .  ? -13.824 -7.720  -7.982  1.00 78.17 ?  960 HOH A O   1 
HETATM 695 O O   . HOH C 3 .  ? 4.042   9.314   4.702   1.00 28.55 ?  961 HOH A O   1 
HETATM 696 O O   . HOH C 3 .  ? -9.786  8.974   2.397   1.00 31.98 ?  962 HOH A O   1 
HETATM 697 O O   . HOH C 3 .  ? -6.526  10.639  5.246   1.00 34.14 ?  963 HOH A O   1 
HETATM 698 O O   . HOH C 3 .  ? 1.112   -5.539  8.981   1.00 18.14 ?  964 HOH A O   1 
HETATM 699 O O   . HOH C 3 .  ? -11.814 -9.318  -3.164  1.00 23.01 ?  965 HOH A O   1 
HETATM 700 O O   . HOH C 3 .  ? -9.662  12.317  -4.548  1.00 35.03 ?  966 HOH A O   1 
HETATM 701 O O   . HOH C 3 .  ? -10.446 14.458  -6.264  1.00 35.95 ?  967 HOH A O   1 
HETATM 702 O O   . HOH C 3 .  ? -6.127  -9.107  3.474   1.00 22.96 ?  968 HOH A O   1 
HETATM 703 O O   . HOH C 3 .  ? -12.883 -9.699  -0.372  1.00 42.00 ?  969 HOH A O   1 
HETATM 704 O O   . HOH C 3 .  ? 9.407   6.250   -6.056  1.00 32.66 ?  970 HOH A O   1 
HETATM 705 O O   . HOH C 3 .  ? 8.501   7.749   -4.266  1.00 31.39 ?  971 HOH A O   1 
HETATM 706 O O   . HOH C 3 .  ? -8.730  17.740  -17.447 1.00 39.40 ?  972 HOH A O   1 
HETATM 707 O O   . HOH C 3 .  ? -4.567  -10.602 3.947   1.00 19.96 ?  973 HOH A O   1 
HETATM 708 O O   . HOH D 3 .  ? 10.814  0.049   4.177   1.00 17.44 ?  901 HOH B O   1 
HETATM 709 O O   . HOH D 3 .  ? 6.222   -7.369  8.438   1.00 12.67 ?  902 HOH B O   1 
HETATM 710 O O   . HOH D 3 .  ? 5.397   -1.312  14.593  1.00 14.44 ?  903 HOH B O   1 
HETATM 711 O O   . HOH D 3 .  ? 5.115   -5.464  15.079  1.00 18.23 ?  904 HOH B O   1 
HETATM 712 O O   . HOH D 3 .  ? -0.482  -7.657  12.732  1.00 22.01 ?  905 HOH B O   1 
HETATM 713 O O   . HOH D 3 .  ? 6.298   -4.534  17.259  1.00 20.25 ?  906 HOH B O   1 
HETATM 714 O O   . HOH D 3 .  ? -0.597  0.913   15.412  1.00 32.28 ?  907 HOH B O   1 
HETATM 715 O O   . HOH D 3 .  ? -0.731  -5.231  13.956  1.00 26.26 ?  908 HOH B O   1 
HETATM 716 O O   . HOH D 3 .  ? -3.079  0.285   13.957  1.00 42.63 ?  909 HOH B O   1 
HETATM 717 O O   . HOH D 3 .  ? 12.652  -6.954  2.834   1.00 35.89 ?  910 HOH B O   1 
# 
loop_
_atom_site_anisotrop.id 
_atom_site_anisotrop.type_symbol 
_atom_site_anisotrop.pdbx_label_atom_id 
_atom_site_anisotrop.pdbx_label_alt_id 
_atom_site_anisotrop.pdbx_label_comp_id 
_atom_site_anisotrop.pdbx_label_asym_id 
_atom_site_anisotrop.pdbx_label_seq_id 
_atom_site_anisotrop.pdbx_PDB_ins_code 
_atom_site_anisotrop.U[1][1] 
_atom_site_anisotrop.U[2][2] 
_atom_site_anisotrop.U[3][3] 
_atom_site_anisotrop.U[1][2] 
_atom_site_anisotrop.U[1][3] 
_atom_site_anisotrop.U[2][3] 
_atom_site_anisotrop.pdbx_auth_seq_id 
_atom_site_anisotrop.pdbx_auth_comp_id 
_atom_site_anisotrop.pdbx_auth_asym_id 
_atom_site_anisotrop.pdbx_auth_atom_id 
1   N N   . GLU A 1  ? 0.4327 0.3856 0.5219 0.0730  -0.0346 -0.0750 794 GLU A N   
2   C CA  . GLU A 1  ? 0.3311 0.1954 0.5407 0.0826  -0.0189 -0.0743 794 GLU A CA  
3   C C   . GLU A 1  ? 0.2439 0.1194 0.3663 0.0028  0.0095  -0.0565 794 GLU A C   
4   O O   . GLU A 1  ? 0.2902 0.1972 0.4269 0.0723  -0.0496 -0.0603 794 GLU A O   
5   C CB  . GLU A 1  ? 0.4044 0.1676 0.5721 0.0243  -0.0657 -0.2786 794 GLU A CB  
6   C CG  . GLU A 1  ? 0.4670 0.1789 0.5516 0.1971  0.0265  -0.1736 794 GLU A CG  
7   C CD  . GLU A 1  ? 0.6522 0.2259 0.3116 0.3326  0.0223  0.0497  794 GLU A CD  
8   O OE1 . GLU A 1  ? 0.8836 0.4846 0.2632 0.1926  0.0178  0.0836  794 GLU A OE1 
9   O OE2 . GLU A 1  ? 0.8838 0.5675 0.3218 0.6402  0.1079  0.0898  794 GLU A OE2 
10  N N   . MET A 2  ? 0.1717 0.0860 0.2397 -0.0014 0.0413  0.0060  795 MET A N   
11  C CA  . MET A 2  ? 0.1650 0.0982 0.1444 0.0012  0.0641  0.0073  795 MET A CA  
12  C C   . MET A 2  ? 0.1575 0.0735 0.1480 -0.0100 0.0521  0.0204  795 MET A C   
13  O O   . MET A 2  ? 0.2001 0.0925 0.1974 -0.0021 0.0585  0.0667  795 MET A O   
14  C CB  . MET A 2  ? 0.2059 0.0937 0.1526 -0.0041 0.0620  0.0064  795 MET A CB  
15  C CG  . MET A 2  ? 0.2336 0.1354 0.1936 -0.0231 0.0912  0.0105  795 MET A CG  
16  S SD  . MET A 2  ? 0.3882 0.2334 0.2816 -0.1448 0.1525  -0.0406 795 MET A SD  
17  C CE  . MET A 2  ? 0.2804 0.1994 0.2510 -0.1748 0.2284  -0.1574 795 MET A CE  
18  N N   . ARG A 3  ? 0.1498 0.0306 0.1127 -0.0034 0.0726  0.0133  796 ARG A N   
19  C CA  . ARG A 3  ? 0.1516 0.0461 0.0884 0.0108  0.0755  0.0028  796 ARG A CA  
20  C C   . ARG A 3  ? 0.1616 0.0381 0.0894 0.0015  0.0822  0.0037  796 ARG A C   
21  O O   . ARG A 3  ? 0.2169 0.0333 0.0796 -0.0028 0.0997  0.0028  796 ARG A O   
22  C CB  . ARG A 3  ? 0.1634 0.0481 0.1253 -0.0084 0.0523  0.0151  796 ARG A CB  
23  C CG  . ARG A 3  ? 0.1931 0.0784 0.1244 -0.0010 0.0373  -0.0090 796 ARG A CG  
24  C CD  . ARG A 3  ? 0.2425 0.0640 0.1777 -0.0097 0.0109  0.0012  796 ARG A CD  
25  N NE  . ARG A 3  ? 0.3488 0.0980 0.2472 0.0118  -0.0351 -0.0494 796 ARG A NE  
26  C CZ  . ARG A 3  ? 0.3144 0.0834 0.2239 -0.0082 0.0226  -0.0174 796 ARG A CZ  
27  N NH1 . ARG A 3  ? 0.2603 0.0505 0.1420 -0.0409 0.0917  -0.0512 796 ARG A NH1 
28  N NH2 . ARG A 3  ? 0.3589 0.0962 0.2431 -0.0297 -0.0194 -0.0218 796 ARG A NH2 
29  N N   . PRO A 4  ? 0.1452 0.0269 0.0886 0.0031  0.0759  0.0068  797 PRO A N   
30  C CA  . PRO A 4  ? 0.1449 0.0354 0.0876 -0.0053 0.0790  -0.0012 797 PRO A CA  
31  C C   . PRO A 4  ? 0.1434 0.0271 0.0936 -0.0118 0.0799  -0.0049 797 PRO A C   
32  O O   . PRO A 4  ? 0.1529 0.0306 0.1125 -0.0208 0.0996  -0.0205 797 PRO A O   
33  C CB  . PRO A 4  ? 0.1212 0.0448 0.0956 -0.0142 0.0522  0.0008  797 PRO A CB  
34  C CG  . PRO A 4  ? 0.1049 0.0399 0.0755 -0.0014 0.0540  0.0105  797 PRO A CG  
35  C CD  . PRO A 4  ? 0.1254 0.0367 0.0772 -0.0029 0.0600  0.0116  797 PRO A CD  
36  N N   . ALA A 5  ? 0.1532 0.0267 0.1110 -0.0125 0.0776  -0.0106 798 ALA A N   
37  C CA  . ALA A 5  ? 0.1512 0.0358 0.1003 -0.0203 0.0702  -0.0055 798 ALA A CA  
38  C C   . ALA A 5  ? 0.1243 0.0427 0.1037 -0.0111 0.0770  -0.0055 798 ALA A C   
39  O O   . ALA A 5  ? 0.1637 0.0383 0.1370 -0.0314 0.0732  -0.0085 798 ALA A O   
40  C CB  . ALA A 5  ? 0.1391 0.0405 0.0984 -0.0232 0.0729  -0.0160 798 ALA A CB  
41  N N   . ARG A 6  ? 0.1161 0.0263 0.0870 -0.0058 0.0620  -0.0067 799 ARG A N   
42  C CA  A ARG A 6  ? 0.1043 0.0392 0.0851 -0.0048 0.0497  -0.0179 799 ARG A CA  
43  C CA  B ARG A 6  ? 0.1094 0.0439 0.0910 0.0001  0.0488  -0.0213 799 ARG A CA  
44  C C   . ARG A 6  ? 0.1214 0.0280 0.0895 -0.0050 0.0521  -0.0091 799 ARG A C   
45  O O   . ARG A 6  ? 0.1236 0.0274 0.1082 -0.0128 0.0703  -0.0124 799 ARG A O   
46  C CB  A ARG A 6  ? 0.0770 0.0462 0.0786 -0.0064 0.0230  -0.0052 799 ARG A CB  
47  C CB  B ARG A 6  ? 0.1022 0.0598 0.0890 -0.0038 0.0297  0.0004  799 ARG A CB  
48  C CG  A ARG A 6  ? 0.0572 0.0541 0.0745 -0.0132 0.0141  -0.0018 799 ARG A CG  
49  C CG  B ARG A 6  ? 0.1009 0.0843 0.0957 -0.0017 0.0283  -0.0136 799 ARG A CG  
50  C CD  A ARG A 6  ? 0.0739 0.0612 0.0755 -0.0027 0.0080  -0.0008 799 ARG A CD  
51  C CD  B ARG A 6  ? 0.0791 0.1011 0.0925 -0.0071 0.0510  0.0003  799 ARG A CD  
52  N NE  A ARG A 6  ? 0.0837 0.0755 0.0813 -0.0073 -0.0044 -0.0012 799 ARG A NE  
53  N NE  B ARG A 6  ? 0.1010 0.1194 0.1105 -0.0072 0.0179  -0.0006 799 ARG A NE  
54  C CZ  A ARG A 6  ? 0.1017 0.0793 0.0771 -0.0005 -0.0006 -0.0012 799 ARG A CZ  
55  C CZ  B ARG A 6  ? 0.1046 0.1124 0.0915 -0.0083 0.0339  0.0092  799 ARG A CZ  
56  N NH1 A ARG A 6  ? 0.1006 0.0996 0.0406 -0.0164 -0.0147 0.0157  799 ARG A NH1 
57  N NH1 B ARG A 6  ? 0.0816 0.1080 0.0956 -0.0104 0.0194  0.0050  799 ARG A NH1 
58  N NH2 A ARG A 6  ? 0.1323 0.0904 0.1092 -0.0054 -0.0099 -0.0165 799 ARG A NH2 
59  N NH2 B ARG A 6  ? 0.1117 0.1147 0.0982 -0.0146 0.0103  0.0217  799 ARG A NH2 
60  N N   . ALA A 7  ? 0.1215 0.0316 0.1027 -0.0208 0.0552  -0.0097 800 ALA A N   
61  C CA  . ALA A 7  ? 0.1207 0.0351 0.0889 -0.0160 0.0592  -0.0046 800 ALA A CA  
62  C C   . ALA A 7  ? 0.1428 0.0291 0.0969 -0.0092 0.0795  0.0010  800 ALA A C   
63  O O   . ALA A 7  ? 0.1783 0.0287 0.1065 -0.0083 0.0737  -0.0155 800 ALA A O   
64  C CB  . ALA A 7  ? 0.1238 0.0337 0.0994 -0.0159 0.0394  -0.0003 800 ALA A CB  
65  N N   . LYS A 8  ? 0.1485 0.0517 0.1129 -0.0043 0.0814  -0.0003 801 LYS A N   
66  C CA  . LYS A 8  ? 0.1551 0.0565 0.1293 0.0010  0.0914  0.0132  801 LYS A CA  
67  C C   . LYS A 8  ? 0.1640 0.0522 0.1229 0.0048  0.1024  0.0036  801 LYS A C   
68  O O   . LYS A 8  ? 0.1827 0.0649 0.1276 0.0056  0.1235  0.0187  801 LYS A O   
69  C CB  . LYS A 8  ? 0.1989 0.1019 0.1858 -0.0109 0.0573  -0.0066 801 LYS A CB  
70  C CG  . LYS A 8  ? 0.2372 0.1064 0.2707 -0.0057 0.0463  0.0048  801 LYS A CG  
71  C CD  . LYS A 8  ? 0.3100 0.1901 0.3551 -0.0461 0.0028  -0.0496 801 LYS A CD  
72  C CE  . LYS A 8  ? 0.3717 0.2630 0.3701 -0.0184 -0.0075 -0.0538 801 LYS A CE  
73  N NZ  . LYS A 8  ? 0.4337 0.3187 0.4650 -0.0821 -0.0263 -0.0369 801 LYS A NZ  
74  N N   . PHE A 9  ? 0.1785 0.0298 0.1393 -0.0064 0.0844  0.0116  802 PHE A N   
75  C CA  . PHE A 9  ? 0.1733 0.0368 0.1447 -0.0005 0.0800  0.0161  802 PHE A CA  
76  C C   . PHE A 9  ? 0.1728 0.0336 0.1200 0.0046  0.0930  0.0070  802 PHE A C   
77  O O   . PHE A 9  ? 0.1955 0.0299 0.1484 -0.0045 0.1268  -0.0092 802 PHE A O   
78  C CB  . PHE A 9  ? 0.1636 0.0333 0.1847 0.0265  0.0656  0.0119  802 PHE A CB  
79  C CG  . PHE A 9  ? 0.1906 0.0681 0.1753 -0.0053 0.0639  0.0034  802 PHE A CG  
80  C CD1 . PHE A 9  ? 0.2197 0.0671 0.1846 -0.0012 0.0666  0.0050  802 PHE A CD1 
81  C CD2 . PHE A 9  ? 0.1830 0.1006 0.2253 -0.0180 0.0669  0.0202  802 PHE A CD2 
82  C CE1 . PHE A 9  ? 0.2346 0.0443 0.2279 0.0004  0.0379  -0.0308 802 PHE A CE1 
83  C CE2 . PHE A 9  ? 0.1941 0.1260 0.2238 -0.0410 0.0476  -0.0143 802 PHE A CE2 
84  C CZ  . PHE A 9  ? 0.1871 0.1022 0.2738 -0.0863 0.0337  -0.0243 802 PHE A CZ  
85  N N   . ASP A 10 ? 0.1890 0.0295 0.1165 0.0023  0.0767  0.0147  803 ASP A N   
86  C CA  . ASP A 10 ? 0.1576 0.0322 0.1059 0.0030  0.0582  0.0052  803 ASP A CA  
87  C C   . ASP A 10 ? 0.1524 0.0416 0.1077 -0.0002 0.0786  -0.0044 803 ASP A C   
88  O O   . ASP A 10 ? 0.1711 0.0609 0.1073 -0.0244 0.0910  -0.0020 803 ASP A O   
89  C CB  . ASP A 10 ? 0.1815 0.0339 0.1340 0.0078  0.0759  0.0049  803 ASP A CB  
90  C CG  . ASP A 10 ? 0.2425 0.0427 0.1710 0.0158  0.0480  -0.0202 803 ASP A CG  
91  O OD1 . ASP A 10 ? 0.2536 0.0305 0.1579 0.0165  0.1011  -0.0114 803 ASP A OD1 
92  O OD2 . ASP A 10 ? 0.4391 0.0467 0.3060 0.0562  0.0323  -0.0357 803 ASP A OD2 
93  N N   . PHE A 11 ? 0.1368 0.0362 0.0833 -0.0111 0.0559  -0.0068 804 PHE A N   
94  C CA  . PHE A 11 ? 0.1175 0.0347 0.0806 -0.0220 0.0474  -0.0116 804 PHE A CA  
95  C C   . PHE A 11 ? 0.1407 0.0351 0.0902 -0.0232 0.0662  -0.0063 804 PHE A C   
96  O O   . PHE A 11 ? 0.1426 0.0344 0.1063 -0.0206 0.0761  -0.0003 804 PHE A O   
97  C CB  . PHE A 11 ? 0.1190 0.0470 0.0598 -0.0085 0.0460  -0.0061 804 PHE A CB  
98  C CG  . PHE A 11 ? 0.1341 0.0260 0.0636 -0.0074 0.0550  -0.0052 804 PHE A CG  
99  C CD1 . PHE A 11 ? 0.1413 0.0263 0.0600 -0.0085 0.0513  -0.0056 804 PHE A CD1 
100 C CD2 . PHE A 11 ? 0.1278 0.0464 0.0601 -0.0166 0.0393  -0.0063 804 PHE A CD2 
101 C CE1 . PHE A 11 ? 0.1451 0.0256 0.0538 -0.0054 0.0370  -0.0005 804 PHE A CE1 
102 C CE2 . PHE A 11 ? 0.1434 0.0326 0.0693 -0.0091 0.0613  -0.0113 804 PHE A CE2 
103 C CZ  . PHE A 11 ? 0.1542 0.0262 0.0647 -0.0081 0.0574  -0.0057 804 PHE A CZ  
104 N N   . LYS A 12 ? 0.1343 0.0340 0.1005 -0.0189 0.0640  -0.0134 805 LYS A N   
105 C CA  . LYS A 12 ? 0.1451 0.0388 0.1018 -0.0226 0.0552  -0.0023 805 LYS A CA  
106 C C   . LYS A 12 ? 0.1584 0.0346 0.1099 -0.0118 0.0660  0.0017  805 LYS A C   
107 O O   . LYS A 12 ? 0.1749 0.0390 0.1437 -0.0299 0.0603  0.0032  805 LYS A O   
108 C CB  . LYS A 12 ? 0.1723 0.1011 0.1669 0.0161  0.0287  -0.0048 805 LYS A CB  
109 C CG  . LYS A 12 ? 0.2187 0.1590 0.1732 0.0050  0.0399  -0.0189 805 LYS A CG  
110 C CD  . LYS A 12 ? 0.3002 0.2042 0.3324 0.0510  0.0047  -0.0295 805 LYS A CD  
111 C CE  . LYS A 12 ? 0.4317 0.3322 0.3468 0.0248  0.0487  -0.0388 805 LYS A CE  
112 N NZ  . LYS A 12 ? 0.4878 0.4098 0.4286 0.0080  -0.0040 -0.0283 805 LYS A NZ  
113 N N   . ALA A 13 ? 0.1585 0.0270 0.1142 -0.0122 0.0468  0.0025  806 ALA A N   
114 C CA  . ALA A 13 ? 0.1864 0.0331 0.1032 -0.0105 0.0398  -0.0220 806 ALA A CA  
115 C C   . ALA A 13 ? 0.1867 0.0260 0.1176 -0.0110 0.0875  -0.0058 806 ALA A C   
116 O O   . ALA A 13 ? 0.2569 0.0331 0.1150 -0.0121 0.0908  -0.0155 806 ALA A O   
117 C CB  . ALA A 13 ? 0.1855 0.0338 0.1254 -0.0157 0.0278  -0.0256 806 ALA A CB  
118 N N   . GLN A 14 ? 0.2041 0.0295 0.1206 -0.0103 0.0662  0.0116  807 GLN A N   
119 C CA  . GLN A 14 ? 0.2374 0.0316 0.1230 0.0251  0.0541  -0.0005 807 GLN A CA  
120 C C   . GLN A 14 ? 0.2004 0.0272 0.1591 0.0174  0.0590  0.0101  807 GLN A C   
121 O O   . GLN A 14 ? 0.2553 0.0503 0.2006 0.0420  0.0918  0.0444  807 GLN A O   
122 C CB  . GLN A 14 ? 0.2422 0.0326 0.1827 0.0121  0.0437  0.0064  807 GLN A CB  
123 C CG  . GLN A 14 ? 0.2508 0.0424 0.1913 0.0061  0.0557  0.0232  807 GLN A CG  
124 C CD  . GLN A 14 ? 0.2571 0.1021 0.2380 0.0164  0.0467  0.0235  807 GLN A CD  
125 O OE1 . GLN A 14 ? 0.3403 0.1922 0.2505 -0.0562 0.0088  0.0431  807 GLN A OE1 
126 N NE2 . GLN A 14 ? 0.2599 0.2116 0.3091 0.0198  0.0692  -0.0130 807 GLN A NE2 
127 N N   . THR A 15 ? 0.1911 0.0309 0.1219 0.0170  0.0701  0.0213  808 THR A N   
128 C CA  . THR A 15 ? 0.1967 0.0581 0.1116 0.0118  0.0703  0.0084  808 THR A CA  
129 C C   . THR A 15 ? 0.1764 0.0274 0.1182 0.0023  0.0789  0.0078  808 THR A C   
130 O O   . THR A 15 ? 0.1882 0.0281 0.1200 -0.0002 0.0945  0.0105  808 THR A O   
131 C CB  . THR A 15 ? 0.2069 0.0641 0.0836 -0.0064 0.0634  0.0234  808 THR A CB  
132 O OG1 . THR A 15 ? 0.2567 0.0449 0.1572 0.0155  0.0703  0.0056  808 THR A OG1 
133 C CG2 . THR A 15 ? 0.2280 0.0885 0.0686 -0.0028 0.0406  -0.0360 808 THR A CG2 
134 N N   . LEU A 16 ? 0.1697 0.0359 0.1188 -0.0077 0.0674  0.0199  809 LEU A N   
135 C CA  . LEU A 16 ? 0.1555 0.0520 0.1243 -0.0079 0.0739  0.0150  809 LEU A CA  
136 C C   . LEU A 16 ? 0.1623 0.0526 0.1368 -0.0054 0.0896  0.0190  809 LEU A C   
137 O O   . LEU A 16 ? 0.2028 0.0263 0.1878 -0.0050 0.0606  0.0091  809 LEU A O   
138 C CB  . LEU A 16 ? 0.1339 0.0610 0.1200 -0.0133 0.0569  0.0104  809 LEU A CB  
139 C CG  . LEU A 16 ? 0.1512 0.0598 0.1300 -0.0207 0.0369  0.0080  809 LEU A CG  
140 C CD1 . LEU A 16 ? 0.1626 0.0600 0.1263 -0.0237 0.0356  0.0173  809 LEU A CD1 
141 C CD2 . LEU A 16 ? 0.1217 0.1017 0.1167 -0.0314 0.0713  0.0147  809 LEU A CD2 
142 N N   . LYS A 17 ? 0.1466 0.0573 0.1240 -0.0034 0.0803  0.0358  810 LYS A N   
143 C CA  . LYS A 17 ? 0.1598 0.0530 0.1344 -0.0052 0.0813  0.0240  810 LYS A CA  
144 C C   . LYS A 17 ? 0.1583 0.0543 0.1182 0.0127  0.0817  0.0166  810 LYS A C   
145 O O   . LYS A 17 ? 0.1860 0.0325 0.1593 0.0066  0.1132  0.0240  810 LYS A O   
146 C CB  . LYS A 17 ? 0.2248 0.1269 0.1426 -0.0198 0.0677  0.0102  810 LYS A CB  
147 C CG  . LYS A 17 ? 0.2905 0.2034 0.1587 -0.0195 0.0956  0.0071  810 LYS A CG  
148 C CD  . LYS A 17 ? 0.4713 0.3500 0.1091 -0.1294 0.1652  -0.0443 810 LYS A CD  
149 C CE  . LYS A 17 ? 0.4597 0.2705 0.2766 -0.0168 0.0809  -0.0239 810 LYS A CE  
150 N NZ  . LYS A 17 ? 0.5553 0.2802 0.3865 -0.0595 -0.0393 -0.0239 810 LYS A NZ  
151 N N   . GLU A 18 ? 0.1652 0.0349 0.0981 -0.0058 0.0957  0.0018  811 GLU A N   
152 C CA  . GLU A 18 ? 0.1721 0.0513 0.0885 -0.0068 0.0905  0.0073  811 GLU A CA  
153 C C   . GLU A 18 ? 0.1886 0.0365 0.0958 -0.0083 0.0775  0.0152  811 GLU A C   
154 O O   . GLU A 18 ? 0.2490 0.0748 0.1085 -0.0561 0.0790  0.0066  811 GLU A O   
155 C CB  . GLU A 18 ? 0.1709 0.0696 0.1042 -0.0039 0.0943  0.0116  811 GLU A CB  
156 C CG  . GLU A 18 ? 0.1823 0.0949 0.1408 -0.0125 0.0672  0.0197  811 GLU A CG  
157 C CD  . GLU A 18 ? 0.1959 0.0291 0.1464 -0.0099 0.0952  0.0073  811 GLU A CD  
158 O OE1 . GLU A 18 ? 0.2454 0.0461 0.1538 0.0213  0.1175  0.0154  811 GLU A OE1 
159 O OE2 . GLU A 18 ? 0.2590 0.0724 0.1837 0.0040  0.0599  -0.0032 811 GLU A OE2 
160 N N   . LEU A 19 ? 0.1752 0.0291 0.0813 -0.0010 0.0725  0.0078  812 LEU A N   
161 C CA  . LEU A 19 ? 0.1403 0.0271 0.0877 0.0026  0.0687  0.0007  812 LEU A CA  
162 C C   . LEU A 19 ? 0.1442 0.0456 0.0986 0.0015  0.0769  -0.0023 812 LEU A C   
163 O O   . LEU A 19 ? 0.1793 0.0296 0.1389 -0.0110 0.0908  0.0082  812 LEU A O   
164 C CB  . LEU A 19 ? 0.1619 0.0283 0.1075 -0.0037 0.0490  0.0113  812 LEU A CB  
165 C CG  . LEU A 19 ? 0.1677 0.0370 0.1210 0.0004  0.0326  0.0167  812 LEU A CG  
166 C CD1 . LEU A 19 ? 0.1632 0.0813 0.1334 -0.0067 0.0325  0.0140  812 LEU A CD1 
167 C CD2 . LEU A 19 ? 0.1726 0.0357 0.1061 -0.0019 0.0253  0.0138  812 LEU A CD2 
168 N N   . PRO A 20 ? 0.1792 0.0480 0.1161 -0.0063 0.0625  -0.0061 813 PRO A N   
169 C CA  . PRO A 20 ? 0.1683 0.0877 0.1044 0.0104  0.0489  0.0036  813 PRO A CA  
170 C C   . PRO A 20 ? 0.1560 0.1095 0.0952 0.0195  0.0718  0.0031  813 PRO A C   
171 O O   . PRO A 20 ? 0.1793 0.2176 0.0998 0.0582  0.0896  0.0253  813 PRO A O   
172 C CB  . PRO A 20 ? 0.2143 0.0870 0.1178 0.0219  0.0397  -0.0099 813 PRO A CB  
173 C CG  . PRO A 20 ? 0.1927 0.1038 0.1461 0.0141  0.0417  -0.0356 813 PRO A CG  
174 C CD  . PRO A 20 ? 0.1700 0.0619 0.1173 -0.0095 0.0392  -0.0079 813 PRO A CD  
175 N N   . LEU A 21 ? 0.1364 0.0563 0.0891 0.0173  0.0413  0.0175  814 LEU A N   
176 C CA  A LEU A 21 ? 0.0960 0.0493 0.0711 0.0130  0.0319  0.0017  814 LEU A CA  
177 C CA  B LEU A 21 ? 0.0924 0.0451 0.0658 0.0083  0.0320  -0.0010 814 LEU A CA  
178 C C   . LEU A 21 ? 0.1184 0.0506 0.0665 0.0053  0.0478  -0.0017 814 LEU A C   
179 O O   . LEU A 21 ? 0.1513 0.0756 0.0731 0.0268  0.0615  0.0122  814 LEU A O   
180 C CB  A LEU A 21 ? 0.0763 0.0535 0.0562 0.0081  0.0158  -0.0037 814 LEU A CB  
181 C CB  B LEU A 21 ? 0.0765 0.0479 0.0438 0.0115  0.0202  0.0037  814 LEU A CB  
182 C CG  A LEU A 21 ? 0.0747 0.0434 0.0495 0.0034  0.0166  0.0020  814 LEU A CG  
183 C CG  B LEU A 21 ? 0.0615 0.0427 0.0423 0.0013  0.0161  0.0008  814 LEU A CG  
184 C CD1 A LEU A 21 ? 0.0669 0.0474 0.0566 0.0028  0.0051  0.0004  814 LEU A CD1 
185 C CD1 B LEU A 21 ? 0.0618 0.0426 0.0417 0.0015  0.0127  0.0025  814 LEU A CD1 
186 C CD2 A LEU A 21 ? 0.0762 0.0483 0.0605 -0.0018 0.0126  -0.0029 814 LEU A CD2 
187 C CD2 B LEU A 21 ? 0.0599 0.0481 0.0443 -0.0005 0.0147  0.0023  814 LEU A CD2 
188 N N   . GLN A 22 ? 0.1380 0.0417 0.0673 0.0239  0.0611  0.0048  815 GLN A N   
189 C CA  . GLN A 22 ? 0.1291 0.0352 0.0789 0.0186  0.0659  0.0066  815 GLN A CA  
190 C C   . GLN A 22 ? 0.1425 0.0416 0.1092 0.0053  0.0648  0.0088  815 GLN A C   
191 O O   . GLN A 22 ? 0.2015 0.0326 0.0982 0.0227  0.0871  -0.0003 815 GLN A O   
192 C CB  . GLN A 22 ? 0.1514 0.0487 0.1222 0.0025  0.0464  0.0012  815 GLN A CB  
193 C CG  . GLN A 22 ? 0.1740 0.0459 0.1236 0.0100  0.0583  0.0042  815 GLN A CG  
194 C CD  . GLN A 22 ? 0.2158 0.0736 0.1787 0.0045  0.0330  -0.0201 815 GLN A CD  
195 O OE1 . GLN A 22 ? 0.2741 0.1782 0.1959 0.0267  0.0539  0.0081  815 GLN A OE1 
196 N NE2 . GLN A 22 ? 0.2351 0.0774 0.1926 -0.0126 0.0490  -0.0291 815 GLN A NE2 
197 N N   . LYS A 23 ? 0.1399 0.0435 0.1169 0.0368  0.0671  0.0265  816 LYS A N   
198 C CA  . LYS A 23 ? 0.1515 0.0423 0.0985 0.0057  0.0659  -0.0079 816 LYS A CA  
199 C C   . LYS A 23 ? 0.1646 0.0371 0.1021 -0.0035 0.0661  0.0008  816 LYS A C   
200 O O   . LYS A 23 ? 0.2024 0.0630 0.1048 -0.0041 0.0799  -0.0222 816 LYS A O   
201 C CB  . LYS A 23 ? 0.1461 0.0743 0.1136 0.0143  0.0540  -0.0017 816 LYS A CB  
202 C CG  . LYS A 23 ? 0.1667 0.1019 0.1349 -0.0052 0.0608  0.0030  816 LYS A CG  
203 C CD  . LYS A 23 ? 0.1743 0.1956 0.1666 0.0142  0.0779  0.0072  816 LYS A CD  
204 C CE  . LYS A 23 ? 0.2168 0.2278 0.2339 -0.0204 0.0834  0.0134  816 LYS A CE  
205 N NZ  . LYS A 23 ? 0.2228 0.3652 0.3455 0.0061  0.0997  -0.0069 816 LYS A NZ  
206 N N   . GLY A 24 ? 0.1473 0.0365 0.0901 -0.0030 0.0804  -0.0110 817 GLY A N   
207 C CA  . GLY A 24 ? 0.1617 0.0636 0.0973 0.0042  0.0733  -0.0089 817 GLY A CA  
208 C C   . GLY A 24 ? 0.1611 0.0561 0.0943 -0.0014 0.0779  0.0001  817 GLY A C   
209 O O   . GLY A 24 ? 0.1886 0.0527 0.1243 -0.0237 0.0742  0.0287  817 GLY A O   
210 N N   . ASP A 25 ? 0.1436 0.0301 0.1112 -0.0007 0.0652  0.0146  818 ASP A N   
211 C CA  . ASP A 25 ? 0.1321 0.0331 0.1112 -0.0089 0.0470  0.0095  818 ASP A CA  
212 C C   . ASP A 25 ? 0.1445 0.0350 0.1177 -0.0031 0.0543  0.0107  818 ASP A C   
213 O O   . ASP A 25 ? 0.1786 0.0255 0.1791 -0.0047 0.0294  0.0027  818 ASP A O   
214 C CB  . ASP A 25 ? 0.1258 0.0400 0.1141 -0.0136 0.0373  0.0158  818 ASP A CB  
215 C CG  . ASP A 25 ? 0.1663 0.0363 0.1659 0.0032  0.0530  0.0070  818 ASP A CG  
216 O OD1 . ASP A 25 ? 0.2484 0.0309 0.1919 -0.0145 0.0391  -0.0134 818 ASP A OD1 
217 O OD2 . ASP A 25 ? 0.2254 0.0441 0.2020 0.0270  0.0889  0.0286  818 ASP A OD2 
218 N N   . ILE A 26 ? 0.1318 0.0261 0.0851 -0.0059 0.0727  -0.0038 819 ILE A N   
219 C CA  . ILE A 26 ? 0.1106 0.0349 0.1069 0.0010  0.0766  -0.0067 819 ILE A CA  
220 C C   . ILE A 26 ? 0.1322 0.0410 0.0919 -0.0101 0.0755  -0.0117 819 ILE A C   
221 O O   . ILE A 26 ? 0.1738 0.0348 0.1276 -0.0333 0.0774  -0.0062 819 ILE A O   
222 C CB  . ILE A 26 ? 0.1283 0.0703 0.1130 0.0137  0.0636  -0.0100 819 ILE A CB  
223 C CG1 . ILE A 26 ? 0.1418 0.0709 0.1507 0.0410  0.0889  0.0121  819 ILE A CG1 
224 C CG2 . ILE A 26 ? 0.1180 0.0780 0.1024 0.0144  0.0693  -0.0086 819 ILE A CG2 
225 C CD1 . ILE A 26 ? 0.1686 0.1479 0.1338 0.0271  0.1049  0.0234  819 ILE A CD1 
226 N N   . VAL A 27 ? 0.1249 0.0425 0.0960 -0.0145 0.0771  -0.0130 820 VAL A N   
227 C CA  . VAL A 27 ? 0.1270 0.0513 0.0950 -0.0139 0.0756  -0.0068 820 VAL A CA  
228 C C   . VAL A 27 ? 0.1429 0.0415 0.0985 -0.0126 0.0812  0.0072  820 VAL A C   
229 O O   . VAL A 27 ? 0.1567 0.0291 0.1503 -0.0089 0.1058  0.0043  820 VAL A O   
230 C CB  . VAL A 27 ? 0.1574 0.0896 0.1120 -0.0006 0.0558  -0.0005 820 VAL A CB  
231 C CG1 . VAL A 27 ? 0.1563 0.0833 0.1276 0.0000  0.0391  0.0042  820 VAL A CG1 
232 C CG2 . VAL A 27 ? 0.1554 0.0462 0.0820 0.0140  0.0659  -0.0016 820 VAL A CG2 
233 N N   . TYR A 28 ? 0.1599 0.0407 0.0962 -0.0080 0.0873  -0.0182 821 TYR A N   
234 C CA  . TYR A 28 ? 0.1785 0.0347 0.0885 -0.0118 0.0821  -0.0190 821 TYR A CA  
235 C C   . TYR A 28 ? 0.1905 0.0306 0.0856 -0.0281 0.0931  -0.0137 821 TYR A C   
236 O O   . TYR A 28 ? 0.2400 0.0355 0.0986 -0.0378 0.1110  -0.0122 821 TYR A O   
237 C CB  . TYR A 28 ? 0.1800 0.0326 0.0940 -0.0180 0.0779  -0.0154 821 TYR A CB  
238 C CG  . TYR A 28 ? 0.1491 0.0407 0.0936 -0.0193 0.0817  -0.0200 821 TYR A CG  
239 C CD1 . TYR A 28 ? 0.1871 0.0359 0.0969 -0.0081 0.0700  -0.0212 821 TYR A CD1 
240 C CD2 . TYR A 28 ? 0.1640 0.0567 0.0971 -0.0178 0.0829  -0.0332 821 TYR A CD2 
241 C CE1 . TYR A 28 ? 0.1594 0.0786 0.0992 -0.0039 0.0797  -0.0127 821 TYR A CE1 
242 C CE2 . TYR A 28 ? 0.2055 0.0662 0.0931 -0.0120 0.0611  -0.0475 821 TYR A CE2 
243 C CZ  . TYR A 28 ? 0.1746 0.0863 0.1197 -0.0025 0.0853  -0.0257 821 TYR A CZ  
244 O OH  . TYR A 28 ? 0.2039 0.1269 0.1296 0.0072  0.0976  0.0063  821 TYR A OH  
245 N N   . ILE A 29 ? 0.1503 0.0313 0.0950 -0.0160 0.0850  -0.0176 822 ILE A N   
246 C CA  . ILE A 29 ? 0.1258 0.0369 0.1023 0.0051  0.0618  -0.0153 822 ILE A CA  
247 C C   . ILE A 29 ? 0.1369 0.0345 0.0869 0.0144  0.0722  0.0084  822 ILE A C   
248 O O   . ILE A 29 ? 0.2004 0.0277 0.1153 0.0206  0.0699  0.0086  822 ILE A O   
249 C CB  . ILE A 29 ? 0.1224 0.0347 0.1064 0.0027  0.0479  -0.0041 822 ILE A CB  
250 C CG1 . ILE A 29 ? 0.1051 0.0498 0.0867 0.0000  0.0432  -0.0021 822 ILE A CG1 
251 C CG2 . ILE A 29 ? 0.1204 0.0410 0.1144 -0.0088 0.0366  -0.0037 822 ILE A CG2 
252 C CD1 . ILE A 29 ? 0.1083 0.0777 0.1051 -0.0093 0.0383  -0.0009 822 ILE A CD1 
253 N N   . TYR A 30 ? 0.1504 0.0340 0.0918 0.0042  0.0793  0.0053  823 TYR A N   
254 C CA  . TYR A 30 ? 0.1431 0.0530 0.1087 0.0185  0.0727  0.0023  823 TYR A CA  
255 C C   . TYR A 30 ? 0.1519 0.0391 0.0952 0.0131  0.0895  0.0002  823 TYR A C   
256 O O   . TYR A 30 ? 0.2131 0.0584 0.1661 0.0584  0.0950  0.0013  823 TYR A O   
257 C CB  . TYR A 30 ? 0.1591 0.0912 0.1246 0.0029  0.0742  0.0213  823 TYR A CB  
258 C CG  . TYR A 30 ? 0.1855 0.1041 0.1595 -0.0047 0.0647  0.0062  823 TYR A CG  
259 C CD1 . TYR A 30 ? 0.2115 0.1469 0.1865 0.0117  0.0513  0.0196  823 TYR A CD1 
260 C CD2 . TYR A 30 ? 0.2062 0.1009 0.1842 0.0254  0.0638  0.0044  823 TYR A CD2 
261 C CE1 . TYR A 30 ? 0.2506 0.0894 0.2611 0.0131  0.0257  0.0081  823 TYR A CE1 
262 C CE2 . TYR A 30 ? 0.2280 0.1414 0.2425 0.0123  0.0418  -0.0052 823 TYR A CE2 
263 C CZ  . TYR A 30 ? 0.2582 0.0886 0.2701 0.0004  0.0389  0.0192  823 TYR A CZ  
264 O OH  . TYR A 30 ? 0.3053 0.1692 0.3111 -0.0339 0.0071  0.0263  823 TYR A OH  
265 N N   . LYS A 31 ? 0.1691 0.0387 0.1047 0.0129  0.0750  0.0010  824 LYS A N   
266 C CA  . LYS A 31 ? 0.1684 0.0716 0.1034 0.0228  0.0693  -0.0110 824 LYS A CA  
267 C C   . LYS A 31 ? 0.1751 0.0400 0.1089 0.0130  0.0658  -0.0147 824 LYS A C   
268 O O   . LYS A 31 ? 0.1869 0.0257 0.1304 -0.0068 0.0975  -0.0062 824 LYS A O   
269 C CB  . LYS A 31 ? 0.1432 0.0878 0.1141 0.0207  0.0659  -0.0191 824 LYS A CB  
270 C CG  . LYS A 31 ? 0.1762 0.0994 0.1532 0.0090  0.0429  -0.0009 824 LYS A CG  
271 C CD  . LYS A 31 ? 0.2151 0.2220 0.1785 0.0198  0.0671  -0.0197 824 LYS A CD  
272 C CE  . LYS A 31 ? 0.2778 0.2517 0.2658 -0.0061 0.0430  0.0106  824 LYS A CE  
273 N NZ  . LYS A 31 ? 0.3152 0.3937 0.3117 -0.0187 0.0812  0.0424  824 LYS A NZ  
274 N N   . GLN A 32 ? 0.1780 0.0372 0.1105 -0.0037 0.0725  -0.0118 825 GLN A N   
275 C CA  A GLN A 32 ? 0.1861 0.0534 0.0950 0.0051  0.0654  -0.0214 825 GLN A CA  
276 C CA  B GLN A 32 ? 0.1765 0.0483 0.0987 -0.0056 0.0682  -0.0225 825 GLN A CA  
277 C C   . GLN A 32 ? 0.1982 0.0388 0.1017 0.0111  0.0748  -0.0169 825 GLN A C   
278 O O   . GLN A 32 ? 0.2943 0.0982 0.0964 0.0468  0.1150  -0.0176 825 GLN A O   
279 C CB  A GLN A 32 ? 0.1736 0.0580 0.0753 0.0098  0.0573  -0.0193 825 GLN A CB  
280 C CB  B GLN A 32 ? 0.1671 0.0554 0.1196 -0.0046 0.0542  -0.0312 825 GLN A CB  
281 C CG  A GLN A 32 ? 0.1567 0.0550 0.0712 -0.0055 0.0587  -0.0162 825 GLN A CG  
282 C CG  B GLN A 32 ? 0.1535 0.0427 0.1366 -0.0303 0.0426  -0.0265 825 GLN A CG  
283 C CD  A GLN A 32 ? 0.1689 0.0459 0.0839 -0.0087 0.0519  0.0122  825 GLN A CD  
284 C CD  B GLN A 32 ? 0.1648 0.0585 0.1338 -0.0380 0.0439  -0.0068 825 GLN A CD  
285 O OE1 A GLN A 32 ? 0.1961 0.0540 0.0741 -0.0199 0.0692  0.0061  825 GLN A OE1 
286 O OE1 B GLN A 32 ? 0.2562 0.0349 0.1760 0.0104  0.0449  -0.0339 825 GLN A OE1 
287 N NE2 A GLN A 32 ? 0.1799 0.0714 0.0731 -0.0345 0.0546  0.0200  825 GLN A NE2 
288 N NE2 B GLN A 32 ? 0.1115 0.0988 0.1315 -0.0673 0.0784  -0.0342 825 GLN A NE2 
289 N N   . ILE A 33 ? 0.1804 0.0411 0.1130 -0.0091 0.0668  0.0024  826 ILE A N   
290 C CA  A ILE A 33 ? 0.1808 0.0616 0.1158 -0.0086 0.0579  0.0152  826 ILE A CA  
291 C CA  B ILE A 33 ? 0.1708 0.0620 0.1084 -0.0029 0.0605  0.0059  826 ILE A CA  
292 C C   . ILE A 33 ? 0.1723 0.0572 0.1064 -0.0062 0.0631  0.0127  826 ILE A C   
293 O O   . ILE A 33 ? 0.2209 0.1139 0.1101 -0.0165 0.0797  0.0091  826 ILE A O   
294 C CB  A ILE A 33 ? 0.1816 0.0726 0.1506 -0.0226 0.0320  0.0174  826 ILE A CB  
295 C CB  B ILE A 33 ? 0.1368 0.0680 0.1007 0.0046  0.0399  0.0014  826 ILE A CB  
296 C CG1 A ILE A 33 ? 0.1658 0.1179 0.1462 -0.0137 0.0127  0.0031  826 ILE A CG1 
297 C CG1 B ILE A 33 ? 0.0926 0.0706 0.0833 0.0027  0.0217  0.0057  826 ILE A CG1 
298 C CG2 A ILE A 33 ? 0.1678 0.1233 0.1599 -0.0102 0.0229  0.0123  826 ILE A CG2 
299 C CG2 B ILE A 33 ? 0.1365 0.0788 0.0591 0.0091  0.0504  0.0053  826 ILE A CG2 
300 C CD1 A ILE A 33 ? 0.1483 0.1179 0.1507 -0.0147 -0.0004 0.0201  826 ILE A CD1 
301 C CD1 B ILE A 33 ? 0.0971 0.0720 0.1021 0.0023  0.0124  0.0128  826 ILE A CD1 
302 N N   . ASP A 34 ? 0.1726 0.0466 0.1244 0.0046  0.0681  -0.0009 827 ASP A N   
303 C CA  . ASP A 34 ? 0.1601 0.0402 0.1054 -0.0045 0.0817  0.0057  827 ASP A CA  
304 C C   . ASP A 34 ? 0.1504 0.0298 0.1040 -0.0021 0.0782  -0.0063 827 ASP A C   
305 O O   . ASP A 34 ? 0.1911 0.0299 0.1241 -0.0104 0.0604  0.0137  827 ASP A O   
306 C CB  . ASP A 34 ? 0.1664 0.0515 0.1000 -0.0124 0.0759  0.0125  827 ASP A CB  
307 C CG  . ASP A 34 ? 0.2052 0.0516 0.1046 -0.0183 0.0902  -0.0019 827 ASP A CG  
308 O OD1 . ASP A 34 ? 0.2273 0.0568 0.1159 -0.0258 0.1109  0.0148  827 ASP A OD1 
309 O OD2 . ASP A 34 ? 0.2850 0.0407 0.1342 -0.0247 0.0978  0.0133  827 ASP A OD2 
310 N N   . GLN A 35 ? 0.1517 0.0262 0.0916 -0.0107 0.0751  -0.0066 828 GLN A N   
311 C CA  . GLN A 35 ? 0.1483 0.0339 0.0924 -0.0110 0.0718  -0.0031 828 GLN A CA  
312 C C   . GLN A 35 ? 0.1572 0.0339 0.0908 -0.0154 0.0829  -0.0003 828 GLN A C   
313 O O   . GLN A 35 ? 0.2117 0.0287 0.0981 -0.0166 0.1120  -0.0067 828 GLN A O   
314 C CB  . GLN A 35 ? 0.1362 0.0495 0.0950 -0.0126 0.0754  -0.0137 828 GLN A CB  
315 C CG  . GLN A 35 ? 0.1352 0.0523 0.0967 -0.0107 0.0713  -0.0159 828 GLN A CG  
316 C CD  . GLN A 35 ? 0.1385 0.0307 0.1178 -0.0108 0.0582  -0.0222 828 GLN A CD  
317 O OE1 . GLN A 35 ? 0.1615 0.0254 0.1433 -0.0041 0.0943  -0.0016 828 GLN A OE1 
318 N NE2 . GLN A 35 ? 0.1625 0.0743 0.1178 -0.0129 0.0399  0.0005  828 GLN A NE2 
319 N N   . ASN A 36 ? 0.1751 0.0286 0.0798 -0.0097 0.0746  -0.0024 829 ASN A N   
320 C CA  . ASN A 36 ? 0.1648 0.0363 0.0808 -0.0037 0.0799  0.0005  829 ASN A CA  
321 C C   . ASN A 36 ? 0.1654 0.0285 0.0789 -0.0056 0.0791  0.0019  829 ASN A C   
322 O O   . ASN A 36 ? 0.1858 0.0606 0.0759 -0.0238 0.0829  -0.0090 829 ASN A O   
323 C CB  . ASN A 36 ? 0.1721 0.0412 0.0923 -0.0001 0.0822  0.0065  829 ASN A CB  
324 C CG  . ASN A 36 ? 0.1789 0.0594 0.1250 -0.0020 0.0730  -0.0045 829 ASN A CG  
325 O OD1 . ASN A 36 ? 0.2644 0.0841 0.1359 -0.0071 0.0481  -0.0024 829 ASN A OD1 
326 N ND2 . ASN A 36 ? 0.1683 0.1364 0.1143 -0.0350 0.0514  0.0076  829 ASN A ND2 
327 N N   . TRP A 37 ? 0.1497 0.0259 0.1104 0.0022  0.0618  0.0068  830 TRP A N   
328 C CA  . TRP A 37 ? 0.1417 0.0390 0.0951 -0.0025 0.0666  0.0120  830 TRP A CA  
329 C C   . TRP A 37 ? 0.1538 0.0262 0.0860 0.0074  0.0811  0.0066  830 TRP A C   
330 O O   . TRP A 37 ? 0.1779 0.0275 0.0960 0.0171  0.1002  0.0124  830 TRP A O   
331 C CB  . TRP A 37 ? 0.1322 0.0287 0.0886 -0.0029 0.0510  0.0100  830 TRP A CB  
332 C CG  . TRP A 37 ? 0.1386 0.0258 0.0874 0.0043  0.0618  0.0056  830 TRP A CG  
333 C CD1 . TRP A 37 ? 0.1431 0.0292 0.1010 -0.0014 0.0500  0.0090  830 TRP A CD1 
334 C CD2 . TRP A 37 ? 0.1345 0.0279 0.0777 0.0004  0.0663  0.0058  830 TRP A CD2 
335 N NE1 . TRP A 37 ? 0.1505 0.0309 0.0871 0.0004  0.0425  0.0165  830 TRP A NE1 
336 C CE2 . TRP A 37 ? 0.1392 0.0334 0.0722 0.0048  0.0648  0.0064  830 TRP A CE2 
337 C CE3 . TRP A 37 ? 0.1202 0.0293 0.0914 0.0104  0.0498  0.0133  830 TRP A CE3 
338 C CZ2 . TRP A 37 ? 0.1315 0.0289 0.0841 0.0093  0.0546  0.0140  830 TRP A CZ2 
339 C CZ3 . TRP A 37 ? 0.1368 0.0347 0.0844 0.0018  0.0525  -0.0061 830 TRP A CZ3 
340 C CH2 . TRP A 37 ? 0.1380 0.0346 0.0889 0.0053  0.0614  0.0038  830 TRP A CH2 
341 N N   . TYR A 38 ? 0.1585 0.0288 0.0946 -0.0053 0.0698  0.0077  831 TYR A N   
342 C CA  . TYR A 38 ? 0.1516 0.0362 0.0877 -0.0015 0.0692  -0.0074 831 TYR A CA  
343 C C   . TYR A 38 ? 0.1478 0.0265 0.1062 0.0054  0.0889  0.0009  831 TYR A C   
344 O O   . TYR A 38 ? 0.1677 0.0269 0.1037 0.0094  0.0954  0.0026  831 TYR A O   
345 C CB  . TYR A 38 ? 0.1366 0.0431 0.0871 0.0007  0.0557  -0.0037 831 TYR A CB  
346 C CG  . TYR A 38 ? 0.1715 0.0446 0.1273 -0.0095 0.0627  0.0108  831 TYR A CG  
347 C CD1 . TYR A 38 ? 0.2141 0.0387 0.1411 -0.0204 0.0690  0.0100  831 TYR A CD1 
348 C CD2 . TYR A 38 ? 0.1944 0.0378 0.1419 -0.0039 0.0779  -0.0185 831 TYR A CD2 
349 C CE1 . TYR A 38 ? 0.2311 0.0349 0.1546 -0.0278 0.0873  -0.0143 831 TYR A CE1 
350 C CE2 . TYR A 38 ? 0.2166 0.0946 0.1526 -0.0355 0.0902  0.0222  831 TYR A CE2 
351 C CZ  . TYR A 38 ? 0.2090 0.0649 0.1756 -0.0197 0.0905  0.0435  831 TYR A CZ  
352 O OH  . TYR A 38 ? 0.2525 0.1470 0.2126 -0.0767 0.0574  0.1093  831 TYR A OH  
353 N N   . GLU A 39 ? 0.1396 0.0309 0.0923 0.0028  0.0794  0.0025  832 GLU A N   
354 C CA  . GLU A 39 ? 0.1451 0.0372 0.1016 0.0007  0.0773  -0.0048 832 GLU A CA  
355 C C   . GLU A 39 ? 0.1756 0.0272 0.1061 0.0098  0.0676  -0.0034 832 GLU A C   
356 O O   . GLU A 39 ? 0.1891 0.0314 0.0935 0.0208  0.0918  0.0041  832 GLU A O   
357 C CB  . GLU A 39 ? 0.1588 0.0419 0.0847 0.0042  0.0748  0.0005  832 GLU A CB  
358 C CG  . GLU A 39 ? 0.1738 0.0532 0.1246 0.0003  0.0645  -0.0039 832 GLU A CG  
359 C CD  . GLU A 39 ? 0.2206 0.1673 0.1732 0.0131  0.1123  0.0019  832 GLU A CD  
360 O OE1 . GLU A 39 ? 0.3684 0.3548 0.1550 0.0139  0.1966  0.0392  832 GLU A OE1 
361 O OE2 . GLU A 39 ? 0.3189 0.2458 0.3313 0.0895  0.0829  0.0090  832 GLU A OE2 
362 N N   . GLY A 40 ? 0.1989 0.0506 0.1095 -0.0087 0.0606  -0.0115 833 GLY A N   
363 C CA  . GLY A 40 ? 0.1997 0.0404 0.1047 -0.0200 0.0651  -0.0097 833 GLY A CA  
364 C C   . GLY A 40 ? 0.2145 0.0338 0.0888 -0.0264 0.0632  0.0055  833 GLY A C   
365 O O   . GLY A 40 ? 0.2543 0.0491 0.1266 -0.0226 0.0513  0.0389  833 GLY A O   
366 N N   . GLU A 41 ? 0.2127 0.0425 0.0872 -0.0174 0.0608  -0.0095 834 GLU A N   
367 C CA  . GLU A 41 ? 0.2132 0.0474 0.0739 -0.0134 0.0687  -0.0173 834 GLU A CA  
368 C C   . GLU A 41 ? 0.1818 0.0333 0.0878 -0.0276 0.0860  -0.0082 834 GLU A C   
369 O O   . GLU A 41 ? 0.1984 0.0306 0.1144 -0.0106 0.1224  -0.0042 834 GLU A O   
370 C CB  . GLU A 41 ? 0.2294 0.1359 0.1482 -0.0008 0.0433  -0.0112 834 GLU A CB  
371 C CG  . GLU A 41 ? 0.2703 0.1727 0.1820 0.0070  0.0715  0.0062  834 GLU A CG  
372 C CD  . GLU A 41 ? 0.2814 0.1988 0.2513 0.0036  0.0530  0.0410  834 GLU A CD  
373 O OE1 . GLU A 41 ? 0.3080 0.3124 0.2495 0.0474  0.0630  0.0494  834 GLU A OE1 
374 O OE2 . GLU A 41 ? 0.4072 0.1892 0.2537 -0.0114 0.1150  0.0496  834 GLU A OE2 
375 N N   . HIS A 42 ? 0.1871 0.0279 0.1150 -0.0174 0.0703  -0.0080 835 HIS A N   
376 C CA  . HIS A 42 ? 0.1699 0.0443 0.1046 -0.0157 0.0704  0.0067  835 HIS A CA  
377 C C   . HIS A 42 ? 0.1465 0.0255 0.0885 0.0010  0.0849  0.0001  835 HIS A C   
378 O O   . HIS A 42 ? 0.1729 0.0257 0.1063 -0.0017 0.1051  0.0004  835 HIS A O   
379 C CB  . HIS A 42 ? 0.1597 0.0657 0.0986 -0.0179 0.0672  0.0105  835 HIS A CB  
380 C CG  . HIS A 42 ? 0.1643 0.0437 0.1154 -0.0023 0.0727  -0.0021 835 HIS A CG  
381 N ND1 . HIS A 42 ? 0.2233 0.0426 0.1342 0.0288  0.0786  0.0053  835 HIS A ND1 
382 C CD2 . HIS A 42 ? 0.1817 0.0439 0.1435 0.0036  0.0733  -0.0063 835 HIS A CD2 
383 C CE1 . HIS A 42 ? 0.1963 0.0653 0.0744 -0.0017 0.0654  0.0240  835 HIS A CE1 
384 N NE2 . HIS A 42 ? 0.2003 0.0646 0.1447 0.0132  0.0666  0.0060  835 HIS A NE2 
385 N N   . HIS A 43 ? 0.1618 0.0276 0.1107 0.0029  0.0671  0.0051  836 HIS A N   
386 C CA  . HIS A 43 ? 0.1654 0.0453 0.1090 0.0082  0.0504  -0.0015 836 HIS A CA  
387 C C   . HIS A 43 ? 0.1606 0.0398 0.1298 -0.0080 0.0576  -0.0058 836 HIS A C   
388 O O   . HIS A 43 ? 0.1796 0.0688 0.1645 -0.0319 0.0776  -0.0068 836 HIS A O   
389 C CB  . HIS A 43 ? 0.1595 0.0371 0.1138 -0.0043 0.0404  -0.0021 836 HIS A CB  
390 C CG  . HIS A 43 ? 0.1847 0.0528 0.1157 -0.0086 0.0536  -0.0176 836 HIS A CG  
391 N ND1 . HIS A 43 ? 0.2051 0.0416 0.1409 0.0082  0.0683  -0.0079 836 HIS A ND1 
392 C CD2 . HIS A 43 ? 0.2044 0.0815 0.1383 0.0123  0.0469  0.0059  836 HIS A CD2 
393 C CE1 . HIS A 43 ? 0.2688 0.0586 0.0849 0.0216  0.0935  0.0354  836 HIS A CE1 
394 N NE2 . HIS A 43 ? 0.2171 0.0900 0.1421 0.0003  0.0568  0.0025  836 HIS A NE2 
395 N N   . GLY A 44 ? 0.1899 0.0615 0.1225 0.0177  0.0762  -0.0111 837 GLY A N   
396 C CA  . GLY A 44 ? 0.1493 0.0596 0.1312 0.0183  0.0600  -0.0055 837 GLY A CA  
397 C C   . GLY A 44 ? 0.1485 0.0987 0.1352 0.0157  0.0861  0.0186  837 GLY A C   
398 O O   . GLY A 44 ? 0.1900 0.1646 0.1897 0.0208  0.1360  0.0162  837 GLY A O   
399 N N   . ARG A 45 ? 0.1555 0.0524 0.1388 0.0096  0.0703  0.0067  838 ARG A N   
400 C CA  A ARG A 45 ? 0.1151 0.0665 0.1187 0.0018  0.0835  0.0027  838 ARG A CA  
401 C CA  B ARG A 45 ? 0.1209 0.0730 0.1189 -0.0020 0.0879  0.0057  838 ARG A CA  
402 C C   . ARG A 45 ? 0.1306 0.0562 0.1188 0.0018  0.0874  -0.0004 838 ARG A C   
403 O O   . ARG A 45 ? 0.1640 0.0264 0.1154 -0.0118 0.1080  -0.0088 838 ARG A O   
404 C CB  A ARG A 45 ? 0.1085 0.0543 0.1152 -0.0085 0.0431  -0.0069 838 ARG A CB  
405 C CB  B ARG A 45 ? 0.1219 0.0789 0.1253 0.0024  0.0779  0.0010  838 ARG A CB  
406 C CG  A ARG A 45 ? 0.0677 0.0705 0.1045 -0.0153 0.0400  -0.0060 838 ARG A CG  
407 C CG  B ARG A 45 ? 0.1263 0.1008 0.1386 -0.0046 0.0385  -0.0141 838 ARG A CG  
408 C CD  A ARG A 45 ? 0.0878 0.0523 0.1160 -0.0266 0.0326  -0.0194 838 ARG A CD  
409 C CD  B ARG A 45 ? 0.1294 0.0921 0.1561 -0.0028 0.0131  -0.0023 838 ARG A CD  
410 N NE  A ARG A 45 ? 0.1105 0.0558 0.1073 -0.0058 0.0390  -0.0029 838 ARG A NE  
411 N NE  B ARG A 45 ? 0.1504 0.0717 0.1560 -0.0058 0.0165  -0.0019 838 ARG A NE  
412 C CZ  A ARG A 45 ? 0.1145 0.0792 0.0756 0.0089  0.0366  -0.0185 838 ARG A CZ  
413 C CZ  B ARG A 45 ? 0.1187 0.0824 0.1321 0.0010  -0.0078 -0.0107 838 ARG A CZ  
414 N NH1 A ARG A 45 ? 0.1358 0.0755 0.1158 0.0718  0.0311  0.0033  838 ARG A NH1 
415 N NH1 B ARG A 45 ? 0.1106 0.0353 0.0974 -0.0053 0.0076  -0.0021 838 ARG A NH1 
416 N NH2 A ARG A 45 ? 0.0725 0.0426 0.0648 -0.0002 0.0063  0.0009  838 ARG A NH2 
417 N NH2 B ARG A 45 ? 0.1248 0.0317 0.1175 -0.0017 0.0157  -0.0115 838 ARG A NH2 
418 N N   . VAL A 46 ? 0.1706 0.0620 0.1111 -0.0109 0.0867  0.0070  839 VAL A N   
419 C CA  . VAL A 46 ? 0.1816 0.0477 0.1362 -0.0225 0.0755  0.0051  839 VAL A CA  
420 C C   . VAL A 46 ? 0.1676 0.0358 0.1069 -0.0257 0.0876  -0.0031 839 VAL A C   
421 O O   . VAL A 46 ? 0.2040 0.0386 0.1440 -0.0269 0.0883  0.0116  839 VAL A O   
422 C CB  . VAL A 46 ? 0.2022 0.1237 0.1660 0.0089  0.0715  -0.0250 839 VAL A CB  
423 C CG1 . VAL A 46 ? 0.2131 0.1454 0.1869 0.0172  0.0411  -0.0256 839 VAL A CG1 
424 C CG2 . VAL A 46 ? 0.2404 0.1589 0.2167 0.0125  0.0336  -0.0192 839 VAL A CG2 
425 N N   . GLY A 47 ? 0.1604 0.0388 0.1120 -0.0116 0.0644  -0.0168 840 GLY A N   
426 C CA  . GLY A 47 ? 0.1327 0.0418 0.1118 -0.0168 0.0755  -0.0209 840 GLY A CA  
427 C C   . GLY A 47 ? 0.1288 0.0327 0.0816 -0.0122 0.0694  -0.0006 840 GLY A C   
428 O O   . GLY A 47 ? 0.1774 0.0265 0.1502 0.0138  0.0640  0.0054  840 GLY A O   
429 N N   . ILE A 48 ? 0.1258 0.0260 0.0801 -0.0084 0.0743  -0.0062 841 ILE A N   
430 C CA  . ILE A 48 ? 0.1225 0.0349 0.0980 -0.0028 0.0620  -0.0013 841 ILE A CA  
431 C C   . ILE A 48 ? 0.1423 0.0281 0.0958 -0.0045 0.0798  0.0033  841 ILE A C   
432 O O   . ILE A 48 ? 0.1786 0.0289 0.0850 -0.0020 0.0931  0.0021  841 ILE A O   
433 C CB  . ILE A 48 ? 0.1267 0.0338 0.0969 -0.0046 0.0546  0.0098  841 ILE A CB  
434 C CG1 . ILE A 48 ? 0.1439 0.0482 0.1047 0.0032  0.0472  0.0206  841 ILE A CG1 
435 C CG2 . ILE A 48 ? 0.1180 0.0682 0.0917 -0.0094 0.0567  0.0133  841 ILE A CG2 
436 C CD1 . ILE A 48 ? 0.1630 0.0538 0.1038 -0.0006 0.0451  0.0288  841 ILE A CD1 
437 N N   . PHE A 49 ? 0.1360 0.0358 0.0992 -0.0036 0.0796  0.0105  842 PHE A N   
438 C CA  . PHE A 49 ? 0.1314 0.0362 0.0983 -0.0049 0.0745  0.0083  842 PHE A CA  
439 C C   . PHE A 49 ? 0.1391 0.0255 0.0941 -0.0038 0.0832  -0.0026 842 PHE A C   
440 O O   . PHE A 49 ? 0.1764 0.0258 0.0849 -0.0087 0.0949  -0.0055 842 PHE A O   
441 C CB  . PHE A 49 ? 0.1478 0.0441 0.1025 -0.0011 0.0587  0.0073  842 PHE A CB  
442 C CG  . PHE A 49 ? 0.1678 0.0364 0.0850 0.0001  0.0660  0.0147  842 PHE A CG  
443 C CD1 . PHE A 49 ? 0.1371 0.0543 0.0908 -0.0116 0.0797  0.0071  842 PHE A CD1 
444 C CD2 . PHE A 49 ? 0.1669 0.0587 0.1028 0.0047  0.0608  0.0236  842 PHE A CD2 
445 C CE1 . PHE A 49 ? 0.1582 0.0622 0.0760 0.0075  0.0806  -0.0035 842 PHE A CE1 
446 C CE2 . PHE A 49 ? 0.1434 0.0581 0.1160 -0.0091 0.0521  0.0215  842 PHE A CE2 
447 C CZ  . PHE A 49 ? 0.1681 0.0313 0.1236 0.0003  0.0458  0.0100  842 PHE A CZ  
448 N N   . PRO A 50 ? 0.1331 0.0255 0.0787 -0.0032 0.0711  -0.0026 843 PRO A N   
449 C CA  . PRO A 50 ? 0.1296 0.0390 0.0854 -0.0085 0.0667  0.0076  843 PRO A CA  
450 C C   . PRO A 50 ? 0.1629 0.0355 0.0824 -0.0055 0.0664  0.0046  843 PRO A C   
451 O O   . PRO A 50 ? 0.1658 0.0253 0.0814 0.0008  0.0887  0.0006  843 PRO A O   
452 C CB  . PRO A 50 ? 0.1224 0.0356 0.0912 -0.0102 0.0395  0.0121  843 PRO A CB  
453 C CG  . PRO A 50 ? 0.1349 0.0275 0.0739 -0.0024 0.0595  0.0006  843 PRO A CG  
454 C CD  . PRO A 50 ? 0.1386 0.0287 0.0777 0.0052  0.0596  -0.0039 843 PRO A CD  
455 N N   . ARG A 51 ? 0.1658 0.0376 0.0779 -0.0088 0.0686  0.0057  844 ARG A N   
456 C CA  . ARG A 51 ? 0.1562 0.0518 0.0956 -0.0101 0.0569  0.0266  844 ARG A CA  
457 C C   . ARG A 51 ? 0.1527 0.0422 0.1126 -0.0069 0.0603  0.0078  844 ARG A C   
458 O O   . ARG A 51 ? 0.1913 0.0542 0.1284 -0.0254 0.0774  0.0291  844 ARG A O   
459 C CB  . ARG A 51 ? 0.1848 0.0429 0.1333 -0.0237 0.0489  0.0163  844 ARG A CB  
460 C CG  . ARG A 51 ? 0.1962 0.0592 0.1539 -0.0464 0.0476  0.0227  844 ARG A CG  
461 C CD  . ARG A 51 ? 0.2492 0.1189 0.1877 -0.0313 0.0662  -0.0250 844 ARG A CD  
462 N NE  . ARG A 51 ? 0.2373 0.0778 0.1080 -0.0774 0.1183  -0.0346 844 ARG A NE  
463 C CZ  . ARG A 51 ? 0.2393 0.0951 0.1458 -0.0640 0.0937  -0.0279 844 ARG A CZ  
464 N NH1 . ARG A 51 ? 0.2159 0.1042 0.1554 -0.0508 0.1050  -0.0351 844 ARG A NH1 
465 N NH2 . ARG A 51 ? 0.2480 0.1346 0.1368 -0.0843 0.1108  -0.0084 844 ARG A NH2 
466 N N   . THR A 52 ? 0.1553 0.0471 0.0952 -0.0076 0.0617  0.0258  845 THR A N   
467 C CA  . THR A 52 ? 0.1585 0.0653 0.0917 -0.0018 0.0646  0.0003  845 THR A CA  
468 C C   . THR A 52 ? 0.1597 0.0363 0.0926 -0.0066 0.0850  0.0076  845 THR A C   
469 O O   . THR A 52 ? 0.1905 0.0392 0.1326 -0.0151 0.1207  -0.0134 845 THR A O   
470 C CB  . THR A 52 ? 0.1611 0.0483 0.1044 -0.0179 0.0598  0.0251  845 THR A CB  
471 O OG1 . THR A 52 ? 0.2005 0.0343 0.1464 -0.0040 0.0755  0.0223  845 THR A OG1 
472 C CG2 . THR A 52 ? 0.1301 0.0904 0.1262 -0.0107 0.0347  0.0038  845 THR A CG2 
473 N N   . TYR A 53 ? 0.1634 0.0354 0.0998 -0.0097 0.0696  0.0145  846 TYR A N   
474 C CA  . TYR A 53 ? 0.1514 0.0362 0.1091 -0.0194 0.0645  0.0100  846 TYR A CA  
475 C C   . TYR A 53 ? 0.1556 0.0270 0.1093 -0.0098 0.0637  0.0023  846 TYR A C   
476 O O   . TYR A 53 ? 0.1926 0.0273 0.1046 -0.0015 0.0710  0.0094  846 TYR A O   
477 C CB  . TYR A 53 ? 0.1429 0.0365 0.0918 -0.0225 0.0446  0.0100  846 TYR A CB  
478 C CG  . TYR A 53 ? 0.1402 0.0361 0.0811 -0.0072 0.0650  0.0099  846 TYR A CG  
479 C CD1 . TYR A 53 ? 0.1310 0.0311 0.0870 -0.0015 0.0632  0.0050  846 TYR A CD1 
480 C CD2 . TYR A 53 ? 0.1404 0.0433 0.0787 -0.0084 0.0507  -0.0016 846 TYR A CD2 
481 C CE1 . TYR A 53 ? 0.1383 0.0413 0.0802 -0.0096 0.0430  0.0051  846 TYR A CE1 
482 C CE2 . TYR A 53 ? 0.1860 0.0357 0.1151 0.0127  0.0516  0.0024  846 TYR A CE2 
483 C CZ  . TYR A 53 ? 0.1700 0.0350 0.1233 -0.0009 0.0588  0.0107  846 TYR A CZ  
484 O OH  . TYR A 53 ? 0.2285 0.0326 0.2242 0.0233  0.0465  0.0281  846 TYR A OH  
485 N N   . ILE A 54 ? 0.1403 0.0327 0.0943 -0.0042 0.0719  0.0086  847 ILE A N   
486 C CA  . ILE A 54 ? 0.1317 0.0281 0.1182 -0.0109 0.0543  0.0024  847 ILE A CA  
487 C C   . ILE A 54 ? 0.1300 0.0296 0.1018 -0.0091 0.0732  -0.0030 847 ILE A C   
488 O O   . ILE A 54 ? 0.1666 0.0341 0.0935 -0.0164 0.0696  0.0073  847 ILE A O   
489 C CB  . ILE A 54 ? 0.1257 0.0334 0.1002 -0.0022 0.0408  0.0111  847 ILE A CB  
490 C CG1 . ILE A 54 ? 0.1212 0.0377 0.1021 -0.0057 0.0329  0.0076  847 ILE A CG1 
491 C CG2 . ILE A 54 ? 0.1144 0.0456 0.0924 -0.0110 0.0428  0.0154  847 ILE A CG2 
492 C CD1 . ILE A 54 ? 0.1207 0.0396 0.1087 -0.0088 0.0338  0.0110  847 ILE A CD1 
493 N N   . GLU A 55 ? 0.1325 0.0273 0.1073 -0.0030 0.0536  -0.0117 848 GLU A N   
494 C CA  A GLU A 55 ? 0.1226 0.0351 0.0874 -0.0093 0.0581  -0.0072 848 GLU A CA  
495 C CA  B GLU A 55 ? 0.1201 0.0353 0.0881 -0.0110 0.0453  -0.0051 848 GLU A CA  
496 C C   . GLU A 55 ? 0.1203 0.0385 0.0956 -0.0127 0.0582  0.0006  848 GLU A C   
497 O O   . GLU A 55 ? 0.1663 0.0409 0.1136 -0.0068 0.0402  -0.0130 848 GLU A O   
498 C CB  A GLU A 55 ? 0.1356 0.0830 0.0996 0.0057  0.0730  -0.0106 848 GLU A CB  
499 C CB  B GLU A 55 ? 0.1086 0.0328 0.0808 -0.0048 0.0353  0.0018  848 GLU A CB  
500 C CG  A GLU A 55 ? 0.1619 0.1117 0.1175 -0.0009 0.0519  -0.0067 848 GLU A CG  
501 C CG  B GLU A 55 ? 0.1236 0.0334 0.0993 -0.0067 0.0318  0.0084  848 GLU A CG  
502 C CD  A GLU A 55 ? 0.1944 0.1578 0.1459 -0.0272 0.0826  -0.0258 848 GLU A CD  
503 C CD  B GLU A 55 ? 0.1699 0.0810 0.1260 0.0079  0.0649  0.0065  848 GLU A CD  
504 O OE1 A GLU A 55 ? 0.3085 0.1889 0.1563 -0.0032 0.1041  -0.0604 848 GLU A OE1 
505 O OE1 B GLU A 55 ? 0.2423 0.1446 0.1349 0.0269  0.0849  0.0401  848 GLU A OE1 
506 O OE2 A GLU A 55 ? 0.2541 0.1981 0.1644 -0.0752 0.1028  -0.0129 848 GLU A OE2 
507 O OE2 B GLU A 55 ? 0.1947 0.1360 0.1667 0.0397  0.0795  0.0161  848 GLU A OE2 
508 N N   . LEU A 56 ? 0.1266 0.0324 0.0999 -0.0195 0.0506  0.0031  849 LEU A N   
509 C CA  . LEU A 56 ? 0.1144 0.0537 0.0908 -0.0241 0.0548  0.0002  849 LEU A CA  
510 C C   . LEU A 56 ? 0.1291 0.0296 0.0975 -0.0076 0.0694  0.0046  849 LEU A C   
511 O O   . LEU A 56 ? 0.1572 0.0490 0.1255 -0.0316 0.0831  0.0062  849 LEU A O   
512 C CB  . LEU A 56 ? 0.1186 0.0568 0.0967 -0.0145 0.0540  -0.0034 849 LEU A CB  
513 C CG  . LEU A 56 ? 0.1431 0.0709 0.0922 -0.0131 0.0386  -0.0077 849 LEU A CG  
514 C CD1 . LEU A 56 ? 0.1362 0.0574 0.0653 -0.0198 0.0463  0.0114  849 LEU A CD1 
515 C CD2 . LEU A 56 ? 0.1626 0.0657 0.1058 -0.0438 0.0486  -0.0495 849 LEU A CD2 
516 N N   . LEU A 57 ? 0.1348 0.0308 0.0979 -0.0098 0.0757  0.0029  850 LEU A N   
517 C CA  . LEU A 57 ? 0.1489 0.0409 0.0972 -0.0038 0.0688  0.0012  850 LEU A CA  
518 C C   . LEU A 57 ? 0.1539 0.0356 0.0945 -0.0053 0.0890  0.0000  850 LEU A C   
519 O O   . LEU A 57 ? 0.1571 0.0254 0.1164 0.0012  0.0990  0.0024  850 LEU A O   
520 C CB  . LEU A 57 ? 0.1572 0.0331 0.0729 0.0064  0.0595  0.0027  850 LEU A CB  
521 C CG  . LEU A 57 ? 0.1573 0.0334 0.0929 0.0087  0.0453  0.0012  850 LEU A CG  
522 C CD1 . LEU A 57 ? 0.1732 0.0334 0.1006 0.0007  0.0474  0.0003  850 LEU A CD1 
523 C CD2 . LEU A 57 ? 0.1551 0.0357 0.0969 -0.0061 0.0429  -0.0038 850 LEU A CD2 
524 N N   . PRO A 58 ? 0.1418 0.0298 0.0944 0.0037  0.0824  0.0035  851 PRO A N   
525 C CA  . PRO A 58 ? 0.1521 0.0272 0.0838 0.0001  0.0739  0.0054  851 PRO A CA  
526 C C   . PRO A 58 ? 0.1631 0.0272 0.1123 0.0024  0.0720  0.0101  851 PRO A C   
527 O O   . PRO A 58 ? 0.2200 0.0261 0.1540 -0.0027 0.0777  -0.0090 851 PRO A O   
528 C CB  . PRO A 58 ? 0.1198 0.0639 0.0816 0.0042  0.0623  0.0106  851 PRO A CB  
529 C CG  . PRO A 58 ? 0.1427 0.0634 0.0949 0.0141  0.0475  0.0063  851 PRO A CG  
530 C CD  . PRO A 58 ? 0.1154 0.0472 0.0819 0.0058  0.0607  -0.0027 851 PRO A CD  
531 N N   . PRO A 59 ? 0.1843 0.0257 0.1543 0.0077  0.0662  0.0063  852 PRO A N   
532 C CA  . PRO A 59 ? 0.2126 0.0407 0.1945 0.0049  0.0375  -0.0060 852 PRO A CA  
533 C C   . PRO A 59 ? 0.2636 0.0988 0.2027 0.0088  0.0513  -0.0061 852 PRO A C   
534 O O   . PRO A 59 ? 0.3977 0.0943 0.1761 -0.0034 0.1136  0.0116  852 PRO A O   
535 C CB  . PRO A 59 ? 0.1907 0.0423 0.1655 0.0093  0.0283  0.0024  852 PRO A CB  
536 C CG  . PRO A 59 ? 0.1882 0.0545 0.1537 -0.0079 0.0470  0.0075  852 PRO A CG  
537 C CD  . PRO A 59 ? 0.1602 0.0564 0.1207 -0.0125 0.0685  -0.0004 852 PRO A CD  
538 N N   . ALA A 60 ? 0.2910 0.1295 0.2923 -0.0062 0.0247  -0.0265 853 ALA A N   
539 C CA  . ALA A 60 ? 0.3369 0.1755 0.2978 -0.0127 0.0211  -0.0569 853 ALA A CA  
540 C C   . ALA A 60 ? 0.3580 0.1732 0.3491 -0.0139 -0.0142 -0.0741 853 ALA A C   
541 O O   . ALA A 60 ? 0.3786 0.1537 0.4887 0.0541  -0.0551 -0.0813 853 ALA A O   
542 C CB  . ALA A 60 ? 0.3096 0.2570 0.3106 -0.0526 0.0257  -0.0188 853 ALA A CB  
543 N N   . GLU A 61 ? 0.3798 0.1430 0.3991 -0.0612 0.0312  -0.0598 854 GLU A N   
544 C CA  . GLU A 61 ? 0.2522 0.1183 0.2981 -0.0751 0.0351  -0.1464 854 GLU A CA  
545 C C   . GLU A 61 ? 0.2700 0.2105 0.3298 -0.0803 0.0127  -0.0799 854 GLU A C   
546 O O   . GLU A 61 ? 0.3527 0.2063 0.3441 -0.0411 -0.0195 -0.1096 854 GLU A O   
547 C CB  . GLU A 61 ? 0.2830 0.1084 0.3076 -0.0795 0.0551  -0.1428 854 GLU A CB  
548 C CG  . GLU A 61 ? 0.3631 0.2985 0.4041 -0.0127 0.0049  -0.0291 854 GLU A CG  
549 C CD  . GLU A 61 ? 0.4649 0.5130 0.4622 -0.0021 0.0528  0.0517  854 GLU A CD  
550 O OE1 . GLU A 61 ? 0.6942 0.6778 0.6196 0.1079  -0.0533 0.1383  854 GLU A OE1 
551 O OE2 . GLU A 61 ? 0.4885 0.7130 0.5432 0.0565  0.0215  0.0562  854 GLU A OE2 
552 N N   . VAL B 1  ? 0.5164 0.4021 0.4518 0.1216  0.0613  0.0061  870 VAL B N   
553 C CA  . VAL B 1  ? 0.4789 0.4355 0.2684 0.1596  0.1397  -0.0569 870 VAL B CA  
554 C C   . VAL B 1  ? 0.4064 0.4313 0.2714 0.1215  0.1335  -0.0593 870 VAL B C   
555 O O   . VAL B 1  ? 0.4519 0.4803 0.2196 0.0836  0.1717  0.0147  870 VAL B O   
556 C CB  . VAL B 1  ? 0.6759 0.5217 0.1715 0.1401  0.2353  -0.1067 870 VAL B CB  
557 N N   . PRO B 2  ? 0.3781 0.3124 0.2652 0.0867  0.0579  -0.0483 871 PRO B N   
558 C CA  . PRO B 2  ? 0.2967 0.2757 0.2091 0.0436  0.0564  -0.0130 871 PRO B CA  
559 C C   . PRO B 2  ? 0.2625 0.2207 0.1822 0.0374  0.0874  0.0082  871 PRO B C   
560 O O   . PRO B 2  ? 0.2906 0.2510 0.1854 0.0604  0.0804  0.0197  871 PRO B O   
561 C CB  . PRO B 2  ? 0.3106 0.2535 0.2557 0.0315  0.0316  -0.0161 871 PRO B CB  
562 C CG  . PRO B 2  ? 0.3503 0.2562 0.2916 0.0275  -0.0124 -0.0149 871 PRO B CG  
563 C CD  . PRO B 2  ? 0.3704 0.3240 0.3372 0.0678  0.0166  -0.0371 871 PRO B CD  
564 N N   . PRO B 3  ? 0.2353 0.1854 0.1525 0.0106  0.0730  0.0130  872 PRO B N   
565 C CA  . PRO B 3  ? 0.1960 0.1684 0.1690 -0.0004 0.0765  0.0098  872 PRO B CA  
566 C C   . PRO B 3  ? 0.2050 0.1055 0.1851 -0.0006 0.0710  0.0025  872 PRO B C   
567 O O   . PRO B 3  ? 0.2427 0.0983 0.1517 -0.0131 0.0668  0.0027  872 PRO B O   
568 C CB  . PRO B 3  ? 0.1958 0.1536 0.1469 -0.0120 0.1125  0.0255  872 PRO B CB  
569 C CG  . PRO B 3  ? 0.2034 0.1227 0.1546 -0.0426 0.0986  0.0400  872 PRO B CG  
570 C CD  . PRO B 3  ? 0.2077 0.1604 0.1340 -0.0193 0.0734  -0.0005 872 PRO B CD  
571 N N   . PRO B 4  ? 0.2212 0.1128 0.1590 0.0069  0.0717  0.0041  873 PRO B N   
572 C CA  . PRO B 4  ? 0.2127 0.1167 0.1817 -0.0072 0.0891  0.0189  873 PRO B CA  
573 C C   . PRO B 4  ? 0.2235 0.0407 0.1425 -0.0157 0.0987  0.0154  873 PRO B C   
574 O O   . PRO B 4  ? 0.2622 0.0452 0.1777 0.0016  0.1156  0.0343  873 PRO B O   
575 C CB  . PRO B 4  ? 0.2315 0.2096 0.1625 0.0101  0.0513  0.0082  873 PRO B CB  
576 C CG  . PRO B 4  ? 0.2362 0.1884 0.2198 -0.0148 0.0431  0.0145  873 PRO B CG  
577 C CD  . PRO B 4  ? 0.2166 0.1709 0.2111 -0.0139 0.0464  0.0056  873 PRO B CD  
578 N N   . ARG B 5  ? 0.2228 0.0550 0.1525 -0.0316 0.0829  0.0248  874 ARG B N   
579 C CA  . ARG B 5  ? 0.1972 0.0667 0.1232 -0.0136 0.0486  0.0154  874 ARG B CA  
580 C C   . ARG B 5  ? 0.1891 0.0506 0.1295 -0.0093 0.0675  0.0192  874 ARG B C   
581 O O   . ARG B 5  ? 0.2157 0.0518 0.1157 0.0047  0.0665  -0.0070 874 ARG B O   
582 C CB  . ARG B 5  ? 0.1961 0.0618 0.1514 -0.0041 0.0404  0.0129  874 ARG B CB  
583 C CG  . ARG B 5  ? 0.1987 0.0335 0.1473 -0.0139 0.0279  0.0170  874 ARG B CG  
584 C CD  . ARG B 5  ? 0.1970 0.0342 0.1405 -0.0174 0.0248  0.0141  874 ARG B CD  
585 N NE  . ARG B 5  ? 0.2060 0.0502 0.1352 -0.0263 0.0466  0.0147  874 ARG B NE  
586 C CZ  . ARG B 5  ? 0.1653 0.0414 0.1487 -0.0048 0.0381  0.0219  874 ARG B CZ  
587 N NH1 . ARG B 5  ? 0.1667 0.0320 0.1434 -0.0236 0.0272  0.0132  874 ARG B NH1 
588 N NH2 . ARG B 5  ? 0.1744 0.0526 0.1277 -0.0194 0.0505  0.0167  874 ARG B NH2 
589 N N   . PRO B 6  ? 0.1733 0.0696 0.0841 -0.0094 0.0822  0.0156  875 PRO B N   
590 C CA  . PRO B 6  ? 0.1537 0.0381 0.0900 -0.0176 0.0623  -0.0021 875 PRO B CA  
591 C C   . PRO B 6  ? 0.1736 0.0419 0.1186 -0.0216 0.0631  0.0135  875 PRO B C   
592 O O   . PRO B 6  ? 0.1994 0.0469 0.1201 -0.0348 0.0693  0.0104  875 PRO B O   
593 C CB  . PRO B 6  ? 0.1703 0.0573 0.1095 -0.0077 0.0576  0.0179  875 PRO B CB  
594 C CG  . PRO B 6  ? 0.1737 0.0774 0.1112 -0.0126 0.0605  0.0022  875 PRO B CG  
595 C CD  . PRO B 6  ? 0.1776 0.0514 0.1087 -0.0164 0.0649  0.0148  875 PRO B CD  
596 N N   . PRO B 7  ? 0.1838 0.0334 0.1187 -0.0185 0.0650  -0.0018 876 PRO B N   
597 C CA  . PRO B 7  ? 0.1728 0.0340 0.1100 -0.0045 0.0613  0.0076  876 PRO B CA  
598 C C   . PRO B 7  ? 0.1801 0.0264 0.0967 0.0028  0.0801  0.0058  876 PRO B C   
599 O O   . PRO B 7  ? 0.2080 0.0295 0.1074 0.0060  0.0781  0.0162  876 PRO B O   
600 C CB  . PRO B 7  ? 0.1619 0.0431 0.1042 -0.0014 0.0696  0.0062  876 PRO B CB  
601 C CG  . PRO B 7  ? 0.1651 0.0489 0.1113 -0.0121 0.0291  -0.0068 876 PRO B CG  
602 C CD  . PRO B 7  ? 0.1632 0.0704 0.1236 -0.0127 0.0482  -0.0119 876 PRO B CD  
603 N N   . PRO B 8  ? 0.1843 0.0321 0.1258 -0.0061 0.0620  0.0188  877 PRO B N   
604 C CA  . PRO B 8  ? 0.1834 0.0389 0.0989 -0.0061 0.0685  0.0184  877 PRO B CA  
605 C C   . PRO B 8  ? 0.1904 0.0717 0.1140 -0.0028 0.0912  -0.0018 877 PRO B C   
606 O O   . PRO B 8  ? 0.2196 0.0807 0.1180 0.0139  0.0843  -0.0119 877 PRO B O   
607 C CB  . PRO B 8  ? 0.1768 0.0524 0.1306 -0.0319 0.0415  0.0173  877 PRO B CB  
608 C CG  . PRO B 8  ? 0.2039 0.0872 0.1615 -0.0080 0.0442  0.0010  877 PRO B CG  
609 C CD  . PRO B 8  ? 0.1999 0.0376 0.1382 0.0047  0.0392  0.0252  877 PRO B CD  
610 N N   . PRO B 9  ? 0.1895 0.0759 0.1024 -0.0017 0.1106  -0.0064 878 PRO B N   
611 C CA  . PRO B 9  ? 0.2301 0.0822 0.1099 -0.0033 0.1193  -0.0132 878 PRO B CA  
612 C C   . PRO B 9  ? 0.2704 0.0493 0.1351 -0.0119 0.1159  0.0213  878 PRO B C   
613 O O   . PRO B 9  ? 0.3069 0.0487 0.1567 -0.0164 0.1642  0.0087  878 PRO B O   
614 C CB  . PRO B 9  ? 0.1878 0.1056 0.1343 -0.0574 0.1258  -0.0207 878 PRO B CB  
615 C CG  . PRO B 9  ? 0.1805 0.1434 0.1461 0.0088  0.0840  -0.0310 878 PRO B CG  
616 C CD  . PRO B 9  ? 0.1991 0.1224 0.1482 0.0010  0.0859  -0.0205 878 PRO B CD  
617 N N   A GLU B 10 ? 0.2496 0.1278 0.1105 -0.0034 0.0863  0.0083  879 GLU B N   
618 N N   B GLU B 10 ? 0.3414 0.1230 0.1279 -0.0102 0.1210  -0.0112 879 GLU B N   
619 C CA  A GLU B 10 ? 0.2164 0.1321 0.1082 -0.0025 0.0649  0.0047  879 GLU B CA  
620 C CA  B GLU B 10 ? 0.3676 0.2165 0.1527 -0.0057 0.1604  0.0334  879 GLU B CA  
621 C C   A GLU B 10 ? 0.2367 0.1772 0.1289 -0.0179 0.0886  0.0138  879 GLU B C   
622 C C   B GLU B 10 ? 0.3399 0.2164 0.1783 0.0042  0.1193  0.0068  879 GLU B C   
623 O O   A GLU B 10 ? 0.2914 0.1943 0.1071 -0.0132 0.1001  0.0120  879 GLU B O   
624 O O   B GLU B 10 ? 0.3396 0.1618 0.1349 0.0225  0.1550  0.0134  879 GLU B O   
625 C CB  A GLU B 10 ? 0.1817 0.1355 0.0450 0.0174  0.0530  0.0171  879 GLU B CB  
626 C CB  B GLU B 10 ? 0.5903 0.2959 0.1583 -0.1030 0.2635  -0.0324 879 GLU B CB  
627 C CG  A GLU B 10 ? 0.1838 0.1125 0.0504 0.0176  0.0576  0.0039  879 GLU B CG  
628 C CG  B GLU B 10 ? 0.5900 0.1825 0.1960 0.0000  0.2973  0.0472  879 GLU B CG  
629 C CD  A GLU B 10 ? 0.1953 0.0986 0.0855 0.0204  0.0780  0.0101  879 GLU B CD  
630 C CD  B GLU B 10 ? 0.4789 0.3380 0.2601 0.0272  0.1907  0.0801  879 GLU B CD  
631 O OE1 A GLU B 10 ? 0.2367 0.0793 0.0928 0.0320  0.1114  0.0165  879 GLU B OE1 
632 O OE1 B GLU B 10 ? 0.4447 0.4390 0.3539 0.0378  0.2661  0.1225  879 GLU B OE1 
633 O OE2 A GLU B 10 ? 0.2304 0.0659 0.0868 0.0168  0.0843  0.0024  879 GLU B OE2 
634 O OE2 B GLU B 10 ? 0.5263 0.3802 0.2374 0.0330  0.2733  0.1198  879 GLU B OE2 
635 O O   . HOH C .  ? 0.2157 0.0989 0.1946 -0.0451 0.1571  -0.0778 901 HOH A O   
636 O O   . HOH C .  ? 0.2112 0.0333 0.1321 -0.0216 0.1223  -0.0021 902 HOH A O   
637 O O   . HOH C .  ? 0.2396 0.0681 0.1675 -0.0051 0.1010  0.0430  903 HOH A O   
638 O O   . HOH C .  ? 0.2830 0.0361 0.1777 0.0091  0.1614  0.0289  904 HOH A O   
639 O O   . HOH C .  ? 0.3093 0.1472 0.2252 0.0380  0.2115  -0.0406 905 HOH A O   
640 O O   . HOH C .  ? 0.2719 0.0962 0.1225 -0.0145 0.0793  0.0089  906 HOH A O   
641 O O   . HOH C .  ? 0.2346 0.1470 0.2196 -0.0273 0.0784  -0.0237 907 HOH A O   
642 O O   . HOH C .  ? 0.4673 0.0779 0.3573 0.0070  0.0045  -0.0760 908 HOH A O   
643 O O   . HOH C .  ? 0.3032 0.0434 0.1794 -0.0288 0.0834  0.0244  909 HOH A O   
644 O O   . HOH C .  ? 0.2285 0.0933 0.1685 -0.0343 0.0856  0.0672  910 HOH A O   
645 O O   . HOH C .  ? 0.3252 0.0521 0.1695 -0.0467 0.0885  0.0295  911 HOH A O   
646 O O   . HOH C .  ? 0.3149 0.1422 0.1678 -0.1157 0.1469  0.0011  912 HOH A O   
647 O O   . HOH C .  ? 0.2791 0.0465 0.2103 -0.0370 0.1136  0.0085  913 HOH A O   
648 O O   . HOH C .  ? 0.4254 0.0781 0.1292 -0.0357 0.1389  0.0051  914 HOH A O   
649 O O   . HOH C .  ? 0.3107 0.0420 0.2686 0.0395  0.1294  -0.0047 915 HOH A O   
650 O O   . HOH C .  ? 0.3297 0.1644 0.2427 -0.0520 0.0892  0.1019  916 HOH A O   
651 O O   . HOH C .  ? 0.3193 0.1078 0.1962 -0.0488 0.0611  0.0142  917 HOH A O   
652 O O   . HOH C .  ? 0.2948 0.0929 0.2465 -0.0374 0.1099  0.0311  918 HOH A O   
653 O O   . HOH C .  ? 0.5391 0.2130 0.1862 -0.0635 0.0860  0.0289  919 HOH A O   
654 O O   . HOH C .  ? 0.3353 0.1988 0.1899 -0.1063 0.1649  -0.0368 920 HOH A O   
655 O O   . HOH C .  ? 0.2745 0.2420 0.2113 0.0036  0.1216  0.0204  921 HOH A O   
656 O O   . HOH C .  ? 0.3180 0.0702 0.2860 0.0133  0.2019  0.0213  922 HOH A O   
657 O O   . HOH C .  ? 0.4152 0.1853 0.4961 -0.0775 0.2112  0.0396  923 HOH A O   
658 O O   . HOH C .  ? 0.2774 0.2378 0.2323 0.0164  0.1624  0.0004  924 HOH A O   
659 O O   . HOH C .  ? 0.4625 0.0929 0.3585 0.0439  0.0218  0.0507  925 HOH A O   
660 O O   . HOH C .  ? 0.2603 0.3859 0.2604 -0.1053 0.1830  0.0260  926 HOH A O   
661 O O   . HOH C .  ? 0.2702 0.2377 0.2887 0.0262  0.1664  -0.0366 927 HOH A O   
662 O O   . HOH C .  ? 0.3356 0.2391 0.3781 0.0652  0.1335  -0.1039 928 HOH A O   
663 O O   . HOH C .  ? 0.3281 0.0402 0.1834 0.0287  0.1471  0.0440  929 HOH A O   
664 O O   . HOH C .  ? 0.3705 0.1411 0.3063 -0.0805 0.0100  0.0129  930 HOH A O   
665 O O   . HOH C .  ? 0.6227 0.0686 0.3316 0.0215  0.2187  0.1059  931 HOH A O   
666 O O   . HOH C .  ? 0.3402 0.4367 0.4089 -0.0121 0.2655  0.0802  932 HOH A O   
667 O O   . HOH C .  ? 0.5159 0.4228 0.3549 -0.0366 0.0953  -0.1266 933 HOH A O   
668 O O   . HOH C .  ? 0.2388 0.0634 0.1926 -0.0114 0.1242  0.0530  934 HOH A O   
669 O O   . HOH C .  ? 0.5697 0.1147 0.1656 0.0058  0.1107  0.0402  935 HOH A O   
670 O O   . HOH C .  ? 0.6068 0.2031 0.3600 -0.1347 -0.0282 0.1731  936 HOH A O   
671 O O   . HOH C .  ? 0.2784 0.2709 0.2359 0.1009  0.1415  0.0776  937 HOH A O   
672 O O   . HOH C .  ? 0.2316 0.1308 0.3374 -0.0115 0.1153  -0.0267 938 HOH A O   
673 O O   . HOH C .  ? 0.3316 0.0472 0.2567 -0.0387 0.1941  -0.0144 939 HOH A O   
674 O O   . HOH C .  ? 0.4666 0.2949 0.2646 -0.2357 0.1641  -0.0393 940 HOH A O   
675 O O   . HOH C .  ? 0.3123 0.2033 0.4235 -0.0068 0.0834  -0.0579 941 HOH A O   
676 O O   . HOH C .  ? 0.4011 0.3805 0.3109 -0.0078 0.0884  -0.1268 942 HOH A O   
677 O O   . HOH C .  ? 0.4984 0.1064 0.1992 -0.0035 0.1070  0.0009  943 HOH A O   
678 O O   . HOH C .  ? 0.3946 0.3345 0.3258 -0.0012 0.2011  0.0715  944 HOH A O   
679 O O   . HOH C .  ? 0.3588 0.1096 0.6318 -0.0617 0.0007  -0.0292 945 HOH A O   
680 O O   . HOH C .  ? 0.3906 0.1024 0.3041 -0.0760 0.0940  -0.0097 946 HOH A O   
681 O O   . HOH C .  ? 0.6471 0.4883 0.4589 -0.2039 -0.0284 0.1384  947 HOH A O   
682 O O   . HOH C .  ? 0.3549 0.4892 0.5794 0.0396  0.2914  0.0405  948 HOH A O   
683 O O   . HOH C .  ? 0.3909 0.2729 0.2210 -0.0013 0.1529  0.0418  949 HOH A O   
684 O O   . HOH C .  ? 0.2789 0.3463 0.1294 -0.0322 0.1125  -0.0080 950 HOH A O   
685 O O   . HOH C .  ? 0.7690 0.9771 0.3498 0.1099  0.2708  -0.3996 951 HOH A O   
686 O O   . HOH C .  ? 0.3022 0.7178 0.3994 -0.0972 -0.0084 -0.0500 952 HOH A O   
687 O O   . HOH C .  ? 0.3119 0.2714 0.5153 -0.0639 0.0368  -0.0147 953 HOH A O   
688 O O   . HOH C .  ? 0.5056 0.8043 0.2318 0.2070  0.0767  0.1020  954 HOH A O   
689 O O   . HOH C .  ? 0.3558 0.1963 0.3282 -0.0216 0.0498  0.0016  955 HOH A O   
690 O O   . HOH C .  ? 0.2332 0.0463 0.2752 0.0007  0.1035  -0.0026 956 HOH A O   
691 O O   . HOH C .  ? 0.3530 0.3790 0.2469 0.1033  0.1698  0.1440  957 HOH A O   
692 O O   . HOH C .  ? 0.7547 0.1421 0.3479 -0.1043 -0.0796 0.0635  958 HOH A O   
693 O O   . HOH C .  ? 0.3903 0.5713 0.2966 -0.0815 0.1778  -0.0500 959 HOH A O   
694 O O   . HOH C .  ? 0.9123 1.4224 0.6353 -0.4389 -0.3411 0.9203  960 HOH A O   
695 O O   . HOH C .  ? 0.6613 0.1559 0.2674 0.0899  0.2506  0.1607  961 HOH A O   
696 O O   . HOH C .  ? 0.3577 0.2561 0.6013 0.1015  -0.0963 -0.1626 962 HOH A O   
697 O O   . HOH C .  ? 0.6572 0.1894 0.4504 0.1901  -0.0141 -0.0388 963 HOH A O   
698 O O   . HOH C .  ? 0.3140 0.1445 0.2304 -0.0388 0.0880  0.0143  964 HOH A O   
699 O O   . HOH C .  ? 0.3050 0.2231 0.3462 -0.1226 0.0350  0.0350  965 HOH A O   
700 O O   . HOH C .  ? 0.3449 0.4853 0.5004 -0.1117 0.1013  0.1579  966 HOH A O   
701 O O   . HOH C .  ? 0.4957 0.4651 0.4048 -0.2051 -0.0801 0.0636  967 HOH A O   
702 O O   . HOH C .  ? 0.3921 0.1921 0.2879 -0.1165 0.1452  0.0376  968 HOH A O   
703 O O   . HOH C .  ? 0.7855 0.2874 0.5227 -0.0126 -0.0651 0.0754  969 HOH A O   
704 O O   . HOH C .  ? 0.4250 0.2636 0.5524 -0.0964 0.1180  -0.0854 970 HOH A O   
705 O O   . HOH C .  ? 0.3493 0.3210 0.5221 0.0884  0.0725  0.0093  971 HOH A O   
706 O O   . HOH C .  ? 0.5076 0.4935 0.4957 -0.0042 0.2570  -0.2055 972 HOH A O   
707 O O   . HOH C .  ? 0.3695 0.1263 0.2624 -0.0101 0.0821  0.1016  973 HOH A O   
708 O O   . HOH D .  ? 0.3939 0.0717 0.1970 -0.0012 0.0329  0.0065  901 HOH B O   
709 O O   . HOH D .  ? 0.2969 0.0430 0.1414 -0.0418 0.1118  -0.0295 902 HOH B O   
710 O O   . HOH D .  ? 0.2615 0.1332 0.1535 -0.0191 0.1469  -0.0175 903 HOH B O   
711 O O   . HOH D .  ? 0.3621 0.1051 0.2252 0.0311  0.1143  0.0374  904 HOH B O   
712 O O   . HOH D .  ? 0.3443 0.2341 0.2578 -0.0652 0.1547  0.0204  905 HOH B O   
713 O O   . HOH D .  ? 0.3735 0.0966 0.2991 -0.0037 0.0824  0.0803  906 HOH B O   
714 O O   . HOH D .  ? 0.4052 0.4761 0.3450 0.1543  0.1573  -0.0743 907 HOH B O   
715 O O   . HOH D .  ? 0.4012 0.2718 0.3248 -0.0769 0.2412  -0.1476 908 HOH B O   
716 O O   . HOH D .  ? 0.6198 0.3004 0.6994 0.1033  0.5106  0.1638  909 HOH B O   
717 O O   . HOH D .  ? 0.3395 0.3372 0.6869 -0.0106 0.1083  -0.1087 910 HOH B O   
# 
